data_7KAJ
#
_entry.id   7KAJ
#
_cell.length_a   1.00
_cell.length_b   1.00
_cell.length_c   1.00
_cell.angle_alpha   90.00
_cell.angle_beta   90.00
_cell.angle_gamma   90.00
#
_symmetry.space_group_name_H-M   'P 1'
#
loop_
_entity.id
_entity.type
_entity.pdbx_description
1 polymer 'Protein transport protein SEC61'
2 polymer 'Protein transport protein SSS1'
3 polymer 'Protein transport protein SBH1'
4 polymer 'Protein translocation protein SEC63'
5 polymer 'Translocation protein SEC66'
6 polymer 'Translocation protein SEC72'
7 polymer 'Protein transport protein Sec62'
#
loop_
_entity_poly.entity_id
_entity_poly.type
_entity_poly.pdbx_seq_one_letter_code
_entity_poly.pdbx_strand_id
1 'polypeptide(L)'
;MSSNRVLDLFKPFESFLPEVIAPERKVPYNQKLIWTGVSLLIFLILGQIPLYGIVSSETSDPLYWLRAMLASNRGTLLEL
GVSPIITSSMIFQFLQGTQLLQIRPESKQDRELFQIAQKVCAIILILGQALVVVMTGNYGAPSDLGLPICLLLIFQLMFA
SLIVMLLDELLSKGYGLGSGISLFTATNIAEQIFWRAFAPTTVNSGRGKEFEGAVIAFFHLLAVRKDKKRALVEAFYRTN
LPNMFQVLMTVAIFLFVLYLQGFRYELPIRSTKVRGQIGIYPIKLFYTSNTPIMLQSALTSNIFLISQILFQKYPTNPLI
RLIGVWGIRPGTQGPQMALSGLAYYIQPLMSLSEALLDPIKTIVYITFVLGSCAVFSKTWIEISGTSPRDIAKQFKDQGM
VINGKRETSIYRELKKIIPTAAAFGGATIGALSVGSDLLGTLGSGASILMATTTIYGYYEAAAKEGGFTKNLVPGFSDLM
;
A
2 'polypeptide(L)' MARASEKGEEKKQSNNQVEKLVEAPVEFVREGTQFLAKCKKPDLKEYTKIVKAVGIGFIAVGIIGYAIKLIHIPIRYVIV C
3 'polypeptide(L)'
;MSSPTPPGGQRTLQKRKQGSSQKVAASAPKKNTNSNNSILKIYSDEATGLRVDPLVVLFLAVGFIFSVVALHVISKVAGK
LF
;
B
4 'polypeptide(L)'
;GGSGGSGGSGGSGGSPTNYEYDEASETWPSFILTGLLMVVGPMTLLQIYQIFFGANAEDGNSGKSKEFNEEVFKNLNEEY
TSDEIKQFRRKFDKNSNKKSKIWSRRNIIIIVGWILVAILLQRINSNDAIKDAATKLFDPYEILGISTSASDRDIKSAYR
KLSVKFHPDKLAKGLTPDEKSVMEETYVQITKAYESLTDELVRQNYLKYGHPDGPQSTSHGIALPRFLVDGSASPLLVVC
YVALLGLILPYFVSRWWARTQSYTKKGIHNVTASNFVSNLVNYKPSEIVTTDLILHWLSFAHEFKQFFPDLQPTDFEKLL
QDHINRRDSGKLNNAKFRIVAKCHSLLHGLLDIACGFRNLDIALGAINTFKCIVQAVPLTPNCQILQLPNVDKEHFITKT
GDIHTLGKLFTLEDAKIGEVLGIKDQAKLNETLRVASHIPNLKIIKADFLVPGENQVTPSSTPYISLKVLVRSAKQPLIP
TSLIPEENLTEPQDFESQRDPFAMMSKQPLVPYSFAPFFPTKRRGSWCCLVSSQKDGKILQTPIIIEKLSYKNLNDDKDF
FDKRIKMDLTKHEKFDINDWEIGTIKIPLGQPAPETVGDFFFRVIVKSTDYFTTDLDITMNMKVRDSPAVEQVEVYSEED
DEYSTDDDETESDDESDASDYTDIDTDTEAEDDESPEAGGATTASGTGENLYFQ
;
D
5 'polypeptide(L)'
;MSEFNETKFSNNGTFFETEEPIVETKSISVYTPLIYVFILVVSLVMFASSYRKKQAKKISEQPSIFDENDAHDLYFQIKE
MSENEKIHEKVLKAALLNRGAESVRRSLKLKELAPQINLLYKNGSIGEDYWKRFETEVKLIELEFKDTLQEAERLQPGWV
QLFVMVCKEICFNQALSRRYQSILKRKEVCIKEWELKINNDGRLVN
;
E
6 'polypeptide(L)'
;MVTLEYNANSKLITASDAVVALSTETNIDQINVLTTSLIGETNPNFTPQPNEALSKMIKGLFESGMKNLQQKKLNEALKN
VSLAIEMAQRKRAPWEAFAIQLPELHFMLRSKIDLCLILGKHLEALQDLDFLLGTGLIQPDVFVRKADCLLKLRQWEEAR
ATCERGLALAPEDMKLRALLIETARNLAEYNGE
;
F
7 'polypeptide(L)'
;(UNK)(UNK)(UNK)(UNK)(UNK)(UNK)(UNK)(UNK)(UNK)(UNK)(UNK)(UNK)(UNK)(UNK)(UNK)(UNK)
(UNK)(UNK)(UNK)(UNK)(UNK)(UNK)(UNK)(UNK)(UNK)(UNK)(UNK)(UNK)(UNK)(UNK)(UNK)(UNK)
(UNK)(UNK)(UNK)(UNK)(UNK)(UNK)(UNK)(UNK)(UNK)(UNK)(UNK)(UNK)(UNK)(UNK)(UNK)(UNK)
(UNK)(UNK)(UNK)(UNK)(UNK)(UNK)(UNK)(UNK)
;
G
#
# COMPACT_ATOMS: atom_id res chain seq x y z
N PRO A 12 -30.96 0.11 -22.52
CA PRO A 12 -30.70 -0.59 -21.26
C PRO A 12 -31.37 -1.96 -21.19
N PHE A 13 -30.65 -2.94 -20.67
CA PHE A 13 -31.19 -4.30 -20.54
C PHE A 13 -30.37 -5.04 -19.49
N GLU A 14 -30.80 -6.25 -19.18
CA GLU A 14 -30.11 -7.10 -18.22
C GLU A 14 -29.24 -8.10 -18.96
N SER A 15 -27.96 -8.18 -18.59
CA SER A 15 -27.01 -9.06 -19.25
C SER A 15 -26.10 -9.68 -18.20
N PHE A 16 -25.96 -11.00 -18.25
CA PHE A 16 -25.09 -11.76 -17.36
C PHE A 16 -23.93 -12.27 -18.20
N LEU A 17 -22.88 -11.45 -18.31
CA LEU A 17 -21.71 -11.76 -19.12
C LEU A 17 -20.49 -11.96 -18.23
N PRO A 18 -19.56 -12.81 -18.64
CA PRO A 18 -18.35 -13.03 -17.82
C PRO A 18 -17.51 -11.76 -17.74
N GLU A 19 -17.19 -11.36 -16.51
CA GLU A 19 -16.43 -10.15 -16.27
C GLU A 19 -15.62 -10.31 -15.00
N VAL A 20 -14.42 -9.75 -14.99
CA VAL A 20 -13.53 -9.81 -13.84
C VAL A 20 -13.90 -8.69 -12.88
N ILE A 21 -14.01 -9.00 -11.60
CA ILE A 21 -14.39 -8.04 -10.57
C ILE A 21 -13.15 -7.32 -10.07
N ALA A 22 -13.29 -6.03 -9.80
CA ALA A 22 -12.18 -5.24 -9.32
C ALA A 22 -11.84 -5.60 -7.87
N PRO A 23 -10.58 -5.50 -7.47
CA PRO A 23 -10.22 -5.80 -6.09
C PRO A 23 -10.83 -4.78 -5.13
N GLU A 24 -11.28 -5.27 -3.97
CA GLU A 24 -11.86 -4.39 -2.98
C GLU A 24 -10.83 -3.46 -2.34
N ARG A 25 -9.55 -3.81 -2.41
CA ARG A 25 -8.48 -3.00 -1.86
C ARG A 25 -7.42 -2.76 -2.92
N LYS A 26 -6.57 -1.77 -2.67
CA LYS A 26 -5.50 -1.44 -3.60
C LYS A 26 -4.47 -2.56 -3.67
N VAL A 27 -4.14 -2.96 -4.88
CA VAL A 27 -3.17 -4.05 -5.09
C VAL A 27 -1.76 -3.46 -5.01
N PRO A 28 -0.84 -4.09 -4.28
CA PRO A 28 0.55 -3.58 -4.24
C PRO A 28 1.24 -3.68 -5.59
N TYR A 29 2.48 -3.18 -5.66
CA TYR A 29 3.17 -3.06 -6.93
C TYR A 29 3.76 -4.38 -7.41
N ASN A 30 4.18 -5.25 -6.49
CA ASN A 30 4.82 -6.50 -6.90
C ASN A 30 3.81 -7.44 -7.58
N GLN A 31 2.65 -7.62 -6.96
CA GLN A 31 1.61 -8.44 -7.59
C GLN A 31 1.19 -7.84 -8.93
N LYS A 32 1.14 -6.52 -9.02
CA LYS A 32 0.79 -5.85 -10.27
C LYS A 32 1.80 -6.20 -11.36
N LEU A 33 3.09 -6.07 -11.04
CA LEU A 33 4.13 -6.37 -12.03
C LEU A 33 4.09 -7.83 -12.44
N ILE A 34 3.88 -8.73 -11.49
CA ILE A 34 3.88 -10.16 -11.83
C ILE A 34 2.69 -10.52 -12.69
N TRP A 35 1.51 -9.96 -12.39
CA TRP A 35 0.34 -10.23 -13.22
C TRP A 35 0.53 -9.66 -14.62
N THR A 36 1.12 -8.47 -14.73
CA THR A 36 1.41 -7.91 -16.04
C THR A 36 2.33 -8.83 -16.84
N GLY A 37 3.40 -9.31 -16.21
CA GLY A 37 4.32 -10.20 -16.91
C GLY A 37 3.68 -11.50 -17.34
N VAL A 38 2.84 -12.07 -16.48
CA VAL A 38 2.19 -13.35 -16.79
C VAL A 38 1.21 -13.16 -17.96
N SER A 39 0.41 -12.10 -17.91
CA SER A 39 -0.53 -11.84 -18.99
C SER A 39 0.20 -11.61 -20.31
N LEU A 40 1.32 -10.88 -20.26
CA LEU A 40 2.10 -10.65 -21.47
C LEU A 40 2.65 -11.94 -22.03
N LEU A 41 3.15 -12.82 -21.15
CA LEU A 41 3.67 -14.10 -21.61
C LEU A 41 2.57 -14.95 -22.26
N ILE A 42 1.38 -14.96 -21.65
CA ILE A 42 0.28 -15.72 -22.23
C ILE A 42 -0.11 -15.17 -23.60
N PHE A 43 -0.17 -13.84 -23.71
CA PHE A 43 -0.54 -13.24 -25.00
C PHE A 43 0.51 -13.54 -26.06
N LEU A 44 1.79 -13.55 -25.68
CA LEU A 44 2.84 -13.82 -26.66
C LEU A 44 2.85 -15.28 -27.08
N ILE A 45 2.53 -16.20 -26.17
CA ILE A 45 2.48 -17.61 -26.53
C ILE A 45 1.25 -17.90 -27.38
N LEU A 46 0.15 -17.18 -27.15
CA LEU A 46 -1.09 -17.47 -27.87
C LEU A 46 -0.97 -17.18 -29.36
N GLY A 47 -0.17 -16.20 -29.75
CA GLY A 47 -0.07 -15.79 -31.13
C GLY A 47 0.92 -16.53 -31.98
N GLN A 48 1.58 -17.56 -31.45
CA GLN A 48 2.57 -18.32 -32.18
C GLN A 48 2.12 -19.73 -32.53
N ILE A 49 0.93 -20.13 -32.11
CA ILE A 49 0.44 -21.48 -32.36
C ILE A 49 -0.55 -21.46 -33.51
N PRO A 50 -0.38 -22.30 -34.53
CA PRO A 50 -1.26 -22.27 -35.69
C PRO A 50 -2.56 -23.02 -35.42
N LEU A 51 -3.52 -22.83 -36.32
CA LEU A 51 -4.80 -23.49 -36.22
C LEU A 51 -4.66 -24.97 -36.56
N TYR A 52 -5.77 -25.70 -36.54
CA TYR A 52 -5.74 -27.14 -36.72
C TYR A 52 -6.21 -27.58 -38.09
N GLY A 53 -7.40 -27.17 -38.50
CA GLY A 53 -8.00 -27.70 -39.72
C GLY A 53 -7.48 -27.11 -41.02
N ILE A 54 -6.63 -26.09 -40.96
CA ILE A 54 -6.17 -25.45 -42.18
C ILE A 54 -5.34 -26.42 -43.00
N VAL A 55 -5.36 -26.25 -44.31
CA VAL A 55 -4.63 -27.12 -45.22
C VAL A 55 -3.73 -26.30 -46.14
N LEU A 66 9.67 -19.99 -47.42
CA LEU A 66 10.17 -20.06 -46.05
C LEU A 66 9.05 -20.43 -45.08
N ARG A 67 8.77 -19.54 -44.13
CA ARG A 67 7.74 -19.82 -43.13
C ARG A 67 6.35 -19.45 -43.65
N ALA A 68 6.22 -18.27 -44.25
CA ALA A 68 4.98 -17.68 -44.74
C ALA A 68 4.01 -17.33 -43.61
N MET A 69 4.39 -17.57 -42.35
CA MET A 69 3.55 -17.26 -41.20
C MET A 69 4.35 -16.70 -40.03
N LEU A 70 5.61 -16.32 -40.25
CA LEU A 70 6.45 -15.77 -39.19
C LEU A 70 6.37 -14.26 -39.11
N ALA A 71 6.13 -13.58 -40.24
CA ALA A 71 6.12 -12.12 -40.24
C ALA A 71 4.90 -11.56 -39.52
N SER A 72 3.71 -11.89 -40.00
CA SER A 72 2.46 -11.41 -39.42
C SER A 72 1.76 -12.53 -38.66
N ASN A 73 0.80 -12.13 -37.82
CA ASN A 73 0.03 -13.10 -37.05
C ASN A 73 -1.12 -13.65 -37.87
N ARG A 74 -0.83 -14.14 -39.08
CA ARG A 74 -1.82 -14.71 -39.97
C ARG A 74 -1.63 -16.23 -40.00
N GLY A 75 -2.71 -16.96 -39.75
CA GLY A 75 -2.63 -18.40 -39.66
C GLY A 75 -2.43 -18.94 -38.27
N THR A 76 -2.60 -18.12 -37.23
CA THR A 76 -2.44 -18.50 -35.84
C THR A 76 -3.76 -18.31 -35.10
N LEU A 77 -3.76 -18.67 -33.81
CA LEU A 77 -4.92 -18.43 -32.98
C LEU A 77 -5.18 -16.96 -32.75
N LEU A 78 -4.22 -16.09 -33.05
CA LEU A 78 -4.37 -14.65 -32.89
C LEU A 78 -4.63 -13.95 -34.21
N GLU A 79 -5.43 -14.59 -35.08
CA GLU A 79 -5.76 -13.98 -36.36
C GLU A 79 -6.40 -12.62 -36.19
N LEU A 80 -7.54 -12.57 -35.48
CA LEU A 80 -8.20 -11.30 -35.23
C LEU A 80 -7.39 -10.44 -34.26
N GLY A 81 -6.92 -11.04 -33.17
CA GLY A 81 -6.11 -10.30 -32.23
C GLY A 81 -6.97 -9.34 -31.43
N VAL A 82 -6.50 -8.09 -31.33
CA VAL A 82 -7.21 -7.05 -30.61
C VAL A 82 -8.02 -6.17 -31.55
N SER A 83 -8.09 -6.53 -32.83
CA SER A 83 -8.76 -5.68 -33.81
C SER A 83 -10.22 -5.41 -33.48
N PRO A 84 -11.05 -6.40 -33.12
CA PRO A 84 -12.44 -6.07 -32.77
C PRO A 84 -12.55 -5.16 -31.55
N ILE A 85 -11.68 -5.35 -30.56
CA ILE A 85 -11.68 -4.48 -29.39
C ILE A 85 -11.38 -3.04 -29.80
N ILE A 86 -10.36 -2.86 -30.65
CA ILE A 86 -10.01 -1.51 -31.08
C ILE A 86 -11.14 -0.88 -31.89
N THR A 87 -11.78 -1.67 -32.76
CA THR A 87 -12.87 -1.10 -33.56
C THR A 87 -14.05 -0.70 -32.69
N SER A 88 -14.43 -1.54 -31.73
CA SER A 88 -15.51 -1.17 -30.82
C SER A 88 -15.15 0.07 -30.03
N SER A 89 -13.91 0.12 -29.52
CA SER A 89 -13.46 1.30 -28.78
C SER A 89 -13.59 2.56 -29.61
N MET A 90 -13.10 2.53 -30.85
CA MET A 90 -13.09 3.75 -31.65
C MET A 90 -14.51 4.14 -32.08
N ILE A 91 -15.37 3.16 -32.38
CA ILE A 91 -16.72 3.52 -32.84
C ILE A 91 -17.52 4.12 -31.68
N PHE A 92 -17.39 3.55 -30.48
CA PHE A 92 -18.13 4.12 -29.37
C PHE A 92 -17.51 5.42 -28.87
N GLN A 93 -16.19 5.58 -29.01
CA GLN A 93 -15.58 6.87 -28.70
C GLN A 93 -16.07 7.94 -29.66
N PHE A 94 -16.21 7.60 -30.94
CA PHE A 94 -16.74 8.57 -31.90
C PHE A 94 -18.19 8.90 -31.61
N LEU A 95 -18.99 7.89 -31.23
CA LEU A 95 -20.38 8.14 -30.89
C LEU A 95 -20.50 9.03 -29.64
N GLN A 96 -19.56 8.89 -28.71
CA GLN A 96 -19.56 9.78 -27.54
C GLN A 96 -19.09 11.18 -27.92
N GLY A 97 -18.12 11.28 -28.83
CA GLY A 97 -17.60 12.58 -29.21
C GLY A 97 -18.60 13.41 -30.00
N THR A 98 -19.41 12.75 -30.84
CA THR A 98 -20.39 13.47 -31.62
C THR A 98 -21.62 13.87 -30.82
N GLN A 99 -21.67 13.53 -29.53
CA GLN A 99 -22.74 13.95 -28.63
C GLN A 99 -24.10 13.42 -29.08
N LEU A 100 -24.21 12.10 -29.17
CA LEU A 100 -25.48 11.44 -29.43
C LEU A 100 -25.92 10.50 -28.31
N LEU A 101 -25.04 10.20 -27.35
CA LEU A 101 -25.40 9.36 -26.21
C LEU A 101 -25.93 10.17 -25.03
N GLN A 102 -25.60 11.46 -24.96
CA GLN A 102 -26.03 12.35 -23.88
C GLN A 102 -25.64 11.79 -22.51
N ILE A 103 -24.36 11.42 -22.37
CA ILE A 103 -23.88 10.87 -21.12
C ILE A 103 -23.87 11.95 -20.05
N ARG A 104 -24.25 11.56 -18.83
CA ARG A 104 -24.26 12.46 -17.69
C ARG A 104 -23.53 11.79 -16.52
N PRO A 105 -22.44 12.39 -16.03
CA PRO A 105 -21.69 11.76 -14.92
C PRO A 105 -22.39 11.81 -13.58
N GLU A 106 -23.59 12.40 -13.50
CA GLU A 106 -24.31 12.50 -12.24
C GLU A 106 -24.89 11.17 -11.78
N SER A 107 -24.91 10.15 -12.64
CA SER A 107 -25.47 8.85 -12.32
C SER A 107 -24.40 7.78 -12.43
N LYS A 108 -24.55 6.72 -11.65
CA LYS A 108 -23.62 5.59 -11.64
C LYS A 108 -24.21 4.36 -12.33
N GLN A 109 -25.18 4.55 -13.21
CA GLN A 109 -25.78 3.45 -13.97
C GLN A 109 -25.56 3.59 -15.47
N ASP A 110 -25.60 4.81 -16.00
CA ASP A 110 -25.34 5.02 -17.42
C ASP A 110 -23.90 4.67 -17.78
N ARG A 111 -22.97 4.85 -16.85
CA ARG A 111 -21.59 4.45 -17.10
C ARG A 111 -21.48 2.94 -17.27
N GLU A 112 -22.13 2.17 -16.39
CA GLU A 112 -22.14 0.73 -16.54
C GLU A 112 -22.89 0.30 -17.79
N LEU A 113 -23.93 1.04 -18.16
CA LEU A 113 -24.63 0.74 -19.41
C LEU A 113 -23.72 0.92 -20.62
N PHE A 114 -22.94 2.01 -20.64
CA PHE A 114 -21.98 2.22 -21.72
C PHE A 114 -20.91 1.14 -21.72
N GLN A 115 -20.45 0.75 -20.53
CA GLN A 115 -19.43 -0.29 -20.42
C GLN A 115 -19.94 -1.62 -20.95
N ILE A 116 -21.20 -1.96 -20.69
CA ILE A 116 -21.74 -3.22 -21.20
C ILE A 116 -22.09 -3.09 -22.68
N ALA A 117 -22.37 -1.88 -23.16
CA ALA A 117 -22.55 -1.68 -24.59
C ALA A 117 -21.26 -1.96 -25.35
N GLN A 118 -20.12 -1.51 -24.79
CA GLN A 118 -18.81 -1.88 -25.30
C GLN A 118 -18.74 -3.38 -25.61
N LYS A 119 -19.07 -4.19 -24.60
CA LYS A 119 -18.87 -5.63 -24.71
C LYS A 119 -19.90 -6.27 -25.64
N VAL A 120 -21.15 -5.82 -25.58
CA VAL A 120 -22.17 -6.43 -26.44
C VAL A 120 -21.92 -6.08 -27.90
N CYS A 121 -21.26 -4.95 -28.17
CA CYS A 121 -20.84 -4.69 -29.54
C CYS A 121 -19.61 -5.52 -29.92
N ALA A 122 -18.65 -5.64 -29.00
CA ALA A 122 -17.42 -6.35 -29.30
C ALA A 122 -17.67 -7.82 -29.60
N ILE A 123 -18.56 -8.45 -28.84
CA ILE A 123 -18.79 -9.89 -29.03
C ILE A 123 -19.42 -10.16 -30.39
N ILE A 124 -20.44 -9.37 -30.75
CA ILE A 124 -21.09 -9.60 -32.04
C ILE A 124 -20.16 -9.23 -33.18
N LEU A 125 -19.27 -8.25 -32.99
CA LEU A 125 -18.31 -7.94 -34.04
C LEU A 125 -17.31 -9.08 -34.20
N ILE A 126 -16.89 -9.71 -33.09
CA ILE A 126 -16.03 -10.88 -33.16
C ILE A 126 -16.71 -11.99 -33.93
N LEU A 127 -17.99 -12.25 -33.63
CA LEU A 127 -18.73 -13.29 -34.33
C LEU A 127 -18.80 -13.01 -35.83
N GLY A 128 -19.17 -11.79 -36.20
CA GLY A 128 -19.28 -11.46 -37.61
C GLY A 128 -17.96 -11.57 -38.34
N GLN A 129 -16.88 -11.06 -37.73
CA GLN A 129 -15.58 -11.09 -38.38
C GLN A 129 -15.08 -12.52 -38.53
N ALA A 130 -15.30 -13.36 -37.52
CA ALA A 130 -14.89 -14.75 -37.62
C ALA A 130 -15.66 -15.47 -38.71
N LEU A 131 -16.98 -15.23 -38.79
CA LEU A 131 -17.77 -15.82 -39.86
C LEU A 131 -17.25 -15.40 -41.23
N VAL A 132 -17.00 -14.11 -41.42
CA VAL A 132 -16.54 -13.62 -42.71
C VAL A 132 -15.20 -14.23 -43.08
N VAL A 133 -14.28 -14.27 -42.11
CA VAL A 133 -12.93 -14.78 -42.37
C VAL A 133 -12.97 -16.27 -42.71
N VAL A 134 -13.79 -17.03 -42.00
CA VAL A 134 -13.79 -18.48 -42.22
C VAL A 134 -14.58 -18.84 -43.47
N MET A 135 -15.53 -18.00 -43.89
CA MET A 135 -16.31 -18.31 -45.08
C MET A 135 -15.72 -17.74 -46.36
N THR A 136 -14.86 -16.73 -46.25
CA THR A 136 -14.25 -16.11 -47.42
C THR A 136 -12.74 -16.31 -47.49
N GLY A 137 -12.06 -16.42 -46.34
CA GLY A 137 -10.62 -16.57 -46.32
C GLY A 137 -10.15 -17.83 -47.02
N ASN A 138 -8.83 -17.97 -47.07
CA ASN A 138 -8.16 -19.03 -47.82
C ASN A 138 -8.02 -20.32 -47.03
N TYR A 139 -8.82 -20.54 -45.99
CA TYR A 139 -8.72 -21.77 -45.23
C TYR A 139 -9.38 -22.94 -45.96
N GLY A 140 -10.36 -22.67 -46.80
CA GLY A 140 -11.04 -23.72 -47.55
C GLY A 140 -12.54 -23.73 -47.34
N ALA A 141 -13.30 -23.92 -48.40
CA ALA A 141 -14.76 -23.92 -48.32
C ALA A 141 -15.28 -25.22 -47.71
N PRO A 142 -14.81 -26.41 -48.16
CA PRO A 142 -15.32 -27.61 -47.48
C PRO A 142 -14.74 -27.77 -46.07
N LEU A 147 -18.11 -29.26 -42.70
CA LEU A 147 -18.84 -28.64 -41.59
C LEU A 147 -18.11 -28.75 -40.24
N PRO A 148 -17.61 -29.94 -39.87
CA PRO A 148 -16.87 -30.02 -38.59
C PRO A 148 -15.61 -29.20 -38.58
N ILE A 149 -14.84 -29.21 -39.67
CA ILE A 149 -13.61 -28.42 -39.72
C ILE A 149 -13.93 -26.93 -39.65
N CYS A 150 -14.99 -26.49 -40.33
CA CYS A 150 -15.38 -25.09 -40.26
C CYS A 150 -15.82 -24.72 -38.85
N LEU A 151 -16.59 -25.60 -38.19
CA LEU A 151 -17.01 -25.33 -36.82
C LEU A 151 -15.80 -25.22 -35.90
N LEU A 152 -14.82 -26.10 -36.07
CA LEU A 152 -13.62 -26.04 -35.22
C LEU A 152 -12.82 -24.77 -35.48
N LEU A 153 -12.69 -24.37 -36.75
CA LEU A 153 -11.97 -23.16 -37.08
C LEU A 153 -12.68 -21.92 -36.56
N ILE A 154 -14.01 -21.95 -36.46
CA ILE A 154 -14.73 -20.83 -35.87
C ILE A 154 -14.53 -20.82 -34.35
N PHE A 155 -14.63 -21.99 -33.72
CA PHE A 155 -14.53 -22.05 -32.27
C PHE A 155 -13.15 -21.65 -31.77
N GLN A 156 -12.09 -22.02 -32.51
CA GLN A 156 -10.75 -21.63 -32.11
C GLN A 156 -10.61 -20.11 -32.04
N LEU A 157 -11.00 -19.43 -33.12
CA LEU A 157 -10.88 -17.98 -33.16
C LEU A 157 -11.77 -17.32 -32.11
N MET A 158 -12.99 -17.82 -31.93
CA MET A 158 -13.89 -17.25 -30.93
C MET A 158 -13.28 -17.37 -29.53
N PHE A 159 -12.81 -18.56 -29.18
CA PHE A 159 -12.25 -18.77 -27.85
C PHE A 159 -11.01 -17.91 -27.64
N ALA A 160 -10.14 -17.81 -28.65
CA ALA A 160 -8.94 -17.00 -28.50
C ALA A 160 -9.27 -15.52 -28.32
N SER A 161 -10.22 -15.01 -29.11
CA SER A 161 -10.58 -13.60 -28.98
C SER A 161 -11.24 -13.32 -27.63
N LEU A 162 -12.08 -14.24 -27.14
CA LEU A 162 -12.69 -14.05 -25.83
C LEU A 162 -11.63 -14.08 -24.74
N ILE A 163 -10.64 -14.96 -24.86
CA ILE A 163 -9.56 -15.00 -23.89
C ILE A 163 -8.80 -13.68 -23.89
N VAL A 164 -8.50 -13.14 -25.07
CA VAL A 164 -7.77 -11.87 -25.16
C VAL A 164 -8.60 -10.75 -24.53
N MET A 165 -9.91 -10.75 -24.78
CA MET A 165 -10.76 -9.71 -24.20
C MET A 165 -10.79 -9.80 -22.68
N LEU A 166 -10.93 -11.01 -22.15
CA LEU A 166 -10.92 -11.18 -20.70
C LEU A 166 -9.58 -10.77 -20.10
N LEU A 167 -8.49 -11.05 -20.81
CA LEU A 167 -7.17 -10.69 -20.29
C LEU A 167 -6.97 -9.18 -20.29
N ASP A 168 -7.44 -8.49 -21.33
CA ASP A 168 -7.40 -7.03 -21.34
C ASP A 168 -8.25 -6.47 -20.21
N GLU A 169 -9.45 -7.00 -20.01
CA GLU A 169 -10.29 -6.53 -18.91
C GLU A 169 -9.63 -6.75 -17.57
N LEU A 170 -8.95 -7.88 -17.39
CA LEU A 170 -8.23 -8.15 -16.15
C LEU A 170 -7.14 -7.12 -15.92
N LEU A 171 -6.32 -6.86 -16.95
CA LEU A 171 -5.25 -5.89 -16.79
C LEU A 171 -5.78 -4.48 -16.55
N SER A 172 -6.97 -4.17 -17.06
CA SER A 172 -7.53 -2.83 -16.89
C SER A 172 -8.30 -2.66 -15.59
N LYS A 173 -8.79 -3.74 -14.99
CA LYS A 173 -9.59 -3.62 -13.77
C LYS A 173 -8.77 -3.19 -12.56
N GLY A 174 -7.46 -3.40 -12.57
CA GLY A 174 -6.64 -2.99 -11.46
C GLY A 174 -5.51 -3.94 -11.13
N TYR A 175 -5.49 -5.11 -11.77
CA TYR A 175 -4.44 -6.09 -11.52
C TYR A 175 -3.17 -5.82 -12.33
N GLY A 176 -3.19 -4.85 -13.24
CA GLY A 176 -2.06 -4.58 -14.10
C GLY A 176 -1.62 -3.13 -14.00
N LEU A 177 -0.42 -2.88 -14.54
CA LEU A 177 0.16 -1.53 -14.48
C LEU A 177 -0.64 -0.51 -15.27
N GLY A 178 -1.40 -0.95 -16.27
CA GLY A 178 -2.18 -0.04 -17.08
C GLY A 178 -3.11 -0.77 -18.02
N SER A 179 -3.36 -0.19 -19.19
CA SER A 179 -4.20 -0.83 -20.19
C SER A 179 -3.48 -2.03 -20.79
N GLY A 180 -4.21 -2.79 -21.60
CA GLY A 180 -3.64 -3.97 -22.23
C GLY A 180 -3.21 -3.73 -23.66
N ILE A 181 -3.99 -2.93 -24.40
CA ILE A 181 -3.67 -2.69 -25.80
C ILE A 181 -2.33 -1.98 -25.94
N SER A 182 -2.09 -0.97 -25.10
CA SER A 182 -0.83 -0.25 -25.15
C SER A 182 0.34 -1.17 -24.82
N LEU A 183 0.18 -2.03 -23.83
CA LEU A 183 1.24 -2.96 -23.47
C LEU A 183 1.54 -3.91 -24.61
N PHE A 184 0.49 -4.44 -25.26
CA PHE A 184 0.70 -5.37 -26.37
C PHE A 184 1.39 -4.69 -27.54
N THR A 185 0.99 -3.44 -27.85
CA THR A 185 1.63 -2.73 -28.95
C THR A 185 3.09 -2.42 -28.65
N ALA A 186 3.39 -1.98 -27.42
CA ALA A 186 4.77 -1.72 -27.06
C ALA A 186 5.61 -2.99 -27.12
N THR A 187 5.04 -4.12 -26.69
CA THR A 187 5.76 -5.38 -26.76
C THR A 187 6.05 -5.76 -28.21
N ASN A 188 5.07 -5.59 -29.10
CA ASN A 188 5.31 -5.88 -30.51
C ASN A 188 6.42 -5.00 -31.08
N ILE A 189 6.41 -3.72 -30.72
CA ILE A 189 7.42 -2.80 -31.24
C ILE A 189 8.81 -3.21 -30.76
N ALA A 190 8.95 -3.48 -29.47
CA ALA A 190 10.25 -3.87 -28.94
C ALA A 190 10.72 -5.20 -29.52
N GLU A 191 9.79 -6.14 -29.72
CA GLU A 191 10.13 -7.41 -30.32
C GLU A 191 10.64 -7.23 -31.74
N GLN A 192 10.00 -6.36 -32.52
CA GLN A 192 10.49 -6.10 -33.87
C GLN A 192 11.87 -5.46 -33.85
N ILE A 193 12.07 -4.49 -32.95
CA ILE A 193 13.37 -3.83 -32.85
C ILE A 193 14.47 -4.82 -32.53
N PHE A 194 14.18 -5.77 -31.63
CA PHE A 194 15.21 -6.74 -31.23
C PHE A 194 15.42 -7.82 -32.28
N TRP A 195 14.35 -8.23 -32.98
CA TRP A 195 14.51 -9.23 -34.01
C TRP A 195 15.21 -8.69 -35.25
N ARG A 196 15.11 -7.39 -35.52
CA ARG A 196 15.86 -6.81 -36.62
C ARG A 196 17.37 -6.79 -36.35
N ALA A 197 17.80 -7.01 -35.12
CA ALA A 197 19.20 -6.93 -34.75
C ALA A 197 19.82 -8.26 -34.36
N PHE A 198 19.09 -9.12 -33.65
CA PHE A 198 19.61 -10.41 -33.19
C PHE A 198 18.91 -11.58 -33.87
N ALA A 199 18.66 -11.47 -35.17
CA ALA A 199 17.99 -12.56 -35.88
C ALA A 199 19.00 -13.65 -36.22
N PRO A 200 18.77 -14.88 -35.78
CA PRO A 200 19.70 -15.97 -36.14
C PRO A 200 19.55 -16.48 -37.56
N THR A 201 18.46 -16.14 -38.25
CA THR A 201 18.25 -16.64 -39.60
C THR A 201 19.30 -16.09 -40.56
N THR A 202 19.65 -16.89 -41.55
CA THR A 202 20.63 -16.51 -42.56
C THR A 202 19.98 -16.41 -43.92
N VAL A 203 20.71 -15.83 -44.87
CA VAL A 203 20.25 -15.67 -46.25
C VAL A 203 21.42 -15.99 -47.17
N ASN A 204 21.24 -16.96 -48.05
CA ASN A 204 22.27 -17.38 -49.00
C ASN A 204 21.83 -17.01 -50.40
N SER A 205 22.44 -15.99 -50.98
CA SER A 205 22.12 -15.52 -52.33
C SER A 205 23.44 -15.38 -53.10
N GLY A 206 23.88 -16.49 -53.71
CA GLY A 206 25.05 -16.47 -54.56
C GLY A 206 26.38 -16.41 -53.85
N ARG A 207 26.64 -15.30 -53.16
CA ARG A 207 27.95 -15.11 -52.54
C ARG A 207 28.17 -16.05 -51.37
N GLY A 208 27.15 -16.27 -50.56
CA GLY A 208 27.27 -17.15 -49.43
C GLY A 208 26.19 -16.87 -48.41
N LYS A 209 26.36 -17.47 -47.23
CA LYS A 209 25.41 -17.30 -46.14
C LYS A 209 25.76 -16.08 -45.32
N GLU A 210 24.79 -15.19 -45.14
CA GLU A 210 24.96 -13.95 -44.38
C GLU A 210 23.86 -13.84 -43.36
N PHE A 211 24.23 -13.57 -42.11
CA PHE A 211 23.23 -13.46 -41.05
C PHE A 211 22.33 -12.26 -41.28
N GLU A 212 21.05 -12.43 -40.96
CA GLU A 212 20.05 -11.38 -41.14
C GLU A 212 20.03 -10.39 -39.99
N GLY A 213 20.94 -10.52 -39.02
CA GLY A 213 21.04 -9.59 -37.93
C GLY A 213 22.21 -8.63 -38.13
N ALA A 214 22.27 -7.64 -37.24
CA ALA A 214 23.36 -6.67 -37.28
C ALA A 214 24.53 -7.11 -36.39
N VAL A 215 24.25 -7.36 -35.11
CA VAL A 215 25.31 -7.74 -34.19
C VAL A 215 25.80 -9.15 -34.50
N ILE A 216 24.89 -10.07 -34.82
CA ILE A 216 25.28 -11.43 -35.14
C ILE A 216 26.20 -11.44 -36.35
N ALA A 217 25.80 -10.74 -37.42
CA ALA A 217 26.63 -10.69 -38.63
C ALA A 217 27.94 -9.95 -38.38
N PHE A 218 27.93 -8.94 -37.52
CA PHE A 218 29.16 -8.25 -37.16
C PHE A 218 30.16 -9.22 -36.54
N PHE A 219 29.74 -9.93 -35.49
CA PHE A 219 30.65 -10.86 -34.82
C PHE A 219 31.05 -12.00 -35.75
N HIS A 220 30.12 -12.49 -36.58
CA HIS A 220 30.44 -13.57 -37.51
C HIS A 220 31.51 -13.15 -38.50
N LEU A 221 31.30 -12.01 -39.17
CA LEU A 221 32.27 -11.53 -40.15
C LEU A 221 33.59 -11.16 -39.49
N LEU A 222 33.56 -10.79 -38.20
CA LEU A 222 34.80 -10.47 -37.51
C LEU A 222 35.56 -11.73 -37.13
N ALA A 223 34.86 -12.84 -36.89
CA ALA A 223 35.52 -14.06 -36.43
C ALA A 223 35.97 -14.95 -37.58
N VAL A 224 35.09 -15.27 -38.52
CA VAL A 224 35.39 -16.30 -39.50
C VAL A 224 36.17 -15.77 -40.71
N ARG A 225 35.96 -14.51 -41.08
CA ARG A 225 36.57 -14.00 -42.30
C ARG A 225 38.09 -13.88 -42.18
N LYS A 226 38.59 -13.61 -40.97
CA LYS A 226 40.02 -13.50 -40.70
C LYS A 226 40.69 -12.35 -41.46
N ASP A 227 39.89 -11.42 -41.97
CA ASP A 227 40.39 -10.18 -42.60
C ASP A 227 39.64 -9.04 -41.93
N LYS A 228 40.17 -8.56 -40.80
CA LYS A 228 39.41 -7.66 -39.94
C LYS A 228 39.22 -6.29 -40.59
N LYS A 229 40.28 -5.75 -41.20
CA LYS A 229 40.21 -4.42 -41.78
C LYS A 229 39.14 -4.33 -42.87
N ARG A 230 38.95 -5.39 -43.64
CA ARG A 230 37.92 -5.41 -44.66
C ARG A 230 36.56 -5.80 -44.09
N ALA A 231 36.54 -6.75 -43.15
CA ALA A 231 35.28 -7.21 -42.58
C ALA A 231 34.57 -6.10 -41.82
N LEU A 232 35.32 -5.17 -41.23
CA LEU A 232 34.70 -4.07 -40.49
C LEU A 232 33.84 -3.23 -41.42
N VAL A 233 34.40 -2.79 -42.55
CA VAL A 233 33.63 -2.00 -43.50
C VAL A 233 32.56 -2.85 -44.18
N GLU A 234 32.83 -4.13 -44.39
CA GLU A 234 31.85 -4.98 -45.06
C GLU A 234 30.62 -5.21 -44.19
N ALA A 235 30.79 -5.29 -42.88
CA ALA A 235 29.68 -5.51 -41.96
C ALA A 235 29.11 -4.22 -41.39
N PHE A 236 29.77 -3.10 -41.60
CA PHE A 236 29.29 -1.84 -41.05
C PHE A 236 28.30 -1.12 -41.96
N TYR A 237 28.42 -1.30 -43.28
CA TYR A 237 27.54 -0.63 -44.23
C TYR A 237 26.38 -1.52 -44.68
N ARG A 238 26.68 -2.65 -45.33
CA ARG A 238 25.68 -3.67 -45.67
C ARG A 238 24.44 -3.05 -46.32
N THR A 239 24.64 -2.54 -47.54
CA THR A 239 23.55 -1.88 -48.25
C THR A 239 22.30 -2.75 -48.35
N ASN A 240 22.46 -4.07 -48.32
CA ASN A 240 21.33 -4.98 -48.56
C ASN A 240 20.59 -5.40 -47.30
N LEU A 241 21.24 -5.38 -46.13
CA LEU A 241 20.62 -5.87 -44.90
C LEU A 241 20.91 -4.92 -43.74
N PRO A 242 20.23 -5.08 -42.60
CA PRO A 242 20.54 -4.20 -41.46
C PRO A 242 22.01 -4.26 -41.08
N ASN A 243 22.51 -3.14 -40.56
CA ASN A 243 23.92 -3.03 -40.19
C ASN A 243 24.07 -2.39 -38.81
N MET A 244 25.31 -2.07 -38.43
CA MET A 244 25.57 -1.54 -37.09
C MET A 244 25.32 -0.04 -37.00
N PHE A 245 25.47 0.68 -38.11
CA PHE A 245 25.19 2.11 -38.11
C PHE A 245 23.76 2.40 -37.71
N GLN A 246 22.81 1.62 -38.21
CA GLN A 246 21.41 1.80 -37.83
C GLN A 246 21.20 1.51 -36.35
N VAL A 247 21.92 0.54 -35.80
CA VAL A 247 21.80 0.24 -34.37
C VAL A 247 22.29 1.42 -33.54
N LEU A 248 23.44 1.98 -33.90
CA LEU A 248 23.95 3.14 -33.16
C LEU A 248 23.00 4.32 -33.28
N MET A 249 22.45 4.55 -34.48
CA MET A 249 21.54 5.67 -34.67
C MET A 249 20.26 5.50 -33.87
N THR A 250 19.71 4.29 -33.84
CA THR A 250 18.47 4.09 -33.08
C THR A 250 18.73 4.18 -31.57
N VAL A 251 19.91 3.78 -31.11
CA VAL A 251 20.23 3.98 -29.70
C VAL A 251 20.31 5.47 -29.37
N ALA A 252 20.98 6.24 -30.23
CA ALA A 252 21.07 7.69 -30.00
C ALA A 252 19.70 8.34 -29.99
N ILE A 253 18.84 7.96 -30.94
CA ILE A 253 17.50 8.55 -31.01
C ILE A 253 16.66 8.15 -29.80
N PHE A 254 16.82 6.91 -29.34
CA PHE A 254 16.12 6.48 -28.13
C PHE A 254 16.53 7.31 -26.93
N LEU A 255 17.84 7.56 -26.77
CA LEU A 255 18.31 8.37 -25.65
C LEU A 255 17.80 9.80 -25.75
N PHE A 256 17.80 10.38 -26.95
CA PHE A 256 17.31 11.75 -27.10
C PHE A 256 15.82 11.85 -26.80
N VAL A 257 15.02 10.91 -27.29
CA VAL A 257 13.60 10.90 -27.00
C VAL A 257 13.36 10.75 -25.50
N LEU A 258 14.14 9.89 -24.84
CA LEU A 258 14.03 9.79 -23.39
C LEU A 258 14.37 11.10 -22.71
N TYR A 259 15.32 11.85 -23.25
CA TYR A 259 15.67 13.14 -22.66
C TYR A 259 14.52 14.14 -22.80
N LEU A 260 13.88 14.19 -23.95
CA LEU A 260 12.80 15.16 -24.17
C LEU A 260 11.49 14.78 -23.49
N GLN A 261 11.46 13.72 -22.68
CA GLN A 261 10.24 13.35 -21.97
C GLN A 261 10.10 14.07 -20.63
N GLY A 262 11.21 14.50 -20.03
CA GLY A 262 11.16 15.16 -18.75
C GLY A 262 10.79 16.62 -18.78
N PHE A 263 10.71 17.22 -19.97
CA PHE A 263 10.33 18.62 -20.08
C PHE A 263 8.91 18.82 -19.57
N ARG A 264 8.74 19.85 -18.73
CA ARG A 264 7.43 20.15 -18.18
C ARG A 264 7.43 21.58 -17.65
N TYR A 265 6.28 22.24 -17.78
CA TYR A 265 6.08 23.58 -17.25
C TYR A 265 5.27 23.46 -15.98
N GLU A 266 5.87 23.86 -14.85
CA GLU A 266 5.26 23.69 -13.54
C GLU A 266 4.82 25.05 -13.02
N LEU A 267 3.51 25.32 -13.09
CA LEU A 267 3.12 26.58 -12.49
C LEU A 267 2.55 26.34 -11.10
N PRO A 268 2.82 27.25 -10.17
CA PRO A 268 2.40 27.02 -8.78
C PRO A 268 0.93 27.31 -8.58
N ILE A 269 0.26 26.43 -7.83
CA ILE A 269 -1.14 26.59 -7.51
C ILE A 269 -1.33 26.42 -6.00
N ARG A 270 -2.33 27.13 -5.47
CA ARG A 270 -2.70 27.01 -4.07
C ARG A 270 -4.22 26.94 -3.97
N SER A 271 -4.69 26.31 -2.91
CA SER A 271 -6.12 26.08 -2.72
C SER A 271 -6.73 27.17 -1.87
N THR A 272 -8.05 27.33 -2.01
CA THR A 272 -8.80 28.32 -1.25
C THR A 272 -9.92 27.72 -0.41
N LYS A 273 -10.40 26.52 -0.72
CA LYS A 273 -11.41 25.88 0.11
C LYS A 273 -10.80 25.40 1.42
N VAL A 274 -9.86 24.46 1.35
CA VAL A 274 -9.14 23.97 2.51
C VAL A 274 -7.71 24.53 2.43
N ARG A 275 -7.43 25.52 3.27
CA ARG A 275 -6.14 26.19 3.23
C ARG A 275 -5.04 25.25 3.68
N GLY A 276 -3.84 25.47 3.14
CA GLY A 276 -2.71 24.62 3.42
C GLY A 276 -2.43 23.56 2.39
N GLN A 277 -3.10 23.61 1.24
CA GLN A 277 -2.87 22.66 0.16
C GLN A 277 -2.10 23.41 -0.95
N ILE A 278 -0.81 23.16 -1.03
CA ILE A 278 0.07 23.79 -2.00
C ILE A 278 0.64 22.71 -2.90
N GLY A 279 0.78 23.02 -4.18
CA GLY A 279 1.32 22.06 -5.13
C GLY A 279 1.72 22.73 -6.42
N ILE A 280 1.88 21.91 -7.45
CA ILE A 280 2.21 22.37 -8.79
C ILE A 280 1.33 21.66 -9.80
N TYR A 281 1.10 22.32 -10.93
CA TYR A 281 0.35 21.74 -12.04
C TYR A 281 1.27 21.60 -13.24
N PRO A 282 1.71 20.40 -13.59
CA PRO A 282 2.69 20.27 -14.69
C PRO A 282 2.02 20.28 -16.05
N ILE A 283 2.60 21.06 -16.96
CA ILE A 283 2.14 21.18 -18.33
C ILE A 283 3.28 20.70 -19.21
N LYS A 284 3.19 19.44 -19.66
CA LYS A 284 4.30 18.81 -20.35
C LYS A 284 4.54 19.45 -21.72
N LEU A 285 5.64 19.06 -22.34
CA LEU A 285 5.92 19.50 -23.71
C LEU A 285 5.15 18.68 -24.72
N PHE A 286 5.22 17.34 -24.60
CA PHE A 286 4.43 16.44 -25.43
C PHE A 286 3.00 16.43 -24.85
N TYR A 287 2.28 17.52 -25.14
CA TYR A 287 0.97 17.71 -24.54
C TYR A 287 -0.06 16.79 -25.16
N THR A 288 -0.04 16.65 -26.49
CA THR A 288 -1.02 15.80 -27.17
C THR A 288 -0.65 14.33 -27.04
N SER A 289 0.63 14.02 -26.83
CA SER A 289 1.10 12.67 -26.52
C SER A 289 0.77 11.68 -27.64
N ASN A 290 1.44 11.88 -28.79
CA ASN A 290 1.55 10.94 -29.91
C ASN A 290 0.32 10.93 -30.80
N THR A 291 -0.70 11.75 -30.53
CA THR A 291 -1.91 11.73 -31.36
C THR A 291 -1.75 12.42 -32.71
N PRO A 292 -1.16 13.61 -32.82
CA PRO A 292 -1.12 14.27 -34.14
C PRO A 292 -0.32 13.52 -35.18
N ILE A 293 0.80 12.90 -34.77
CA ILE A 293 1.58 12.11 -35.72
C ILE A 293 0.78 10.90 -36.19
N MET A 294 -0.04 10.33 -35.30
CA MET A 294 -0.88 9.20 -35.69
C MET A 294 -1.93 9.63 -36.70
N LEU A 295 -2.56 10.79 -36.47
CA LEU A 295 -3.53 11.30 -37.42
C LEU A 295 -2.88 11.57 -38.78
N GLN A 296 -1.70 12.20 -38.77
CA GLN A 296 -1.01 12.48 -40.01
C GLN A 296 -0.64 11.21 -40.76
N SER A 297 -0.15 10.19 -40.03
CA SER A 297 0.21 8.93 -40.67
C SER A 297 -1.02 8.26 -41.28
N ALA A 298 -2.14 8.24 -40.55
CA ALA A 298 -3.35 7.65 -41.09
C ALA A 298 -3.82 8.37 -42.34
N LEU A 299 -3.82 9.71 -42.32
CA LEU A 299 -4.24 10.47 -43.48
C LEU A 299 -3.34 10.20 -44.68
N THR A 300 -2.01 10.17 -44.46
CA THR A 300 -1.10 9.95 -45.57
C THR A 300 -1.26 8.55 -46.15
N SER A 301 -1.41 7.54 -45.29
CA SER A 301 -1.62 6.18 -45.80
C SER A 301 -2.92 6.08 -46.58
N ASN A 302 -3.99 6.70 -46.08
CA ASN A 302 -5.28 6.63 -46.77
C ASN A 302 -5.21 7.32 -48.12
N ILE A 303 -4.63 8.52 -48.19
CA ILE A 303 -4.56 9.22 -49.46
C ILE A 303 -3.63 8.52 -50.44
N PHE A 304 -2.55 7.90 -49.97
CA PHE A 304 -1.68 7.15 -50.88
C PHE A 304 -2.39 5.93 -51.43
N LEU A 305 -3.11 5.19 -50.58
CA LEU A 305 -3.85 4.03 -51.06
C LEU A 305 -4.93 4.45 -52.05
N ILE A 306 -5.62 5.56 -51.77
CA ILE A 306 -6.67 6.03 -52.68
C ILE A 306 -6.08 6.41 -54.03
N SER A 307 -4.96 7.14 -54.03
CA SER A 307 -4.34 7.51 -55.29
C SER A 307 -3.86 6.28 -56.06
N GLN A 308 -3.31 5.30 -55.35
CA GLN A 308 -2.86 4.08 -56.02
C GLN A 308 -4.02 3.33 -56.66
N ILE A 309 -5.13 3.20 -55.93
CA ILE A 309 -6.29 2.50 -56.47
C ILE A 309 -6.87 3.26 -57.66
N LEU A 310 -6.91 4.60 -57.57
CA LEU A 310 -7.44 5.40 -58.66
C LEU A 310 -6.57 5.29 -59.91
N PHE A 311 -5.24 5.26 -59.73
CA PHE A 311 -4.36 5.08 -60.88
C PHE A 311 -4.48 3.67 -61.45
N GLN A 312 -4.73 2.68 -60.59
CA GLN A 312 -4.94 1.32 -61.06
C GLN A 312 -6.20 1.22 -61.92
N LYS A 313 -7.28 1.85 -61.48
CA LYS A 313 -8.56 1.73 -62.20
C LYS A 313 -8.47 2.38 -63.58
N TYR A 314 -7.96 3.60 -63.67
CA TYR A 314 -7.89 4.32 -64.92
C TYR A 314 -6.43 4.48 -65.34
N PRO A 315 -6.04 3.98 -66.50
CA PRO A 315 -4.60 4.05 -66.87
C PRO A 315 -4.11 5.48 -67.07
N THR A 316 -4.80 6.27 -67.90
CA THR A 316 -4.35 7.63 -68.19
C THR A 316 -5.55 8.58 -68.21
N ASN A 317 -5.41 9.69 -67.50
CA ASN A 317 -6.35 10.80 -67.47
C ASN A 317 -5.60 12.04 -67.03
N PRO A 318 -6.06 13.24 -67.43
CA PRO A 318 -5.35 14.46 -67.01
C PRO A 318 -5.26 14.61 -65.50
N LEU A 319 -6.38 14.47 -64.79
CA LEU A 319 -6.35 14.63 -63.34
C LEU A 319 -5.60 13.50 -62.66
N ILE A 320 -5.77 12.27 -63.16
CA ILE A 320 -5.06 11.13 -62.58
C ILE A 320 -3.56 11.23 -62.86
N ARG A 321 -3.20 11.73 -64.04
CA ARG A 321 -1.79 11.96 -64.31
C ARG A 321 -1.25 13.11 -63.46
N LEU A 322 -2.12 14.04 -63.06
CA LEU A 322 -1.69 15.16 -62.24
C LEU A 322 -1.44 14.72 -60.80
N ILE A 323 -2.36 13.93 -60.24
CA ILE A 323 -2.26 13.57 -58.84
C ILE A 323 -1.05 12.68 -58.58
N GLY A 324 -0.83 11.69 -59.44
CA GLY A 324 0.32 10.82 -59.29
C GLY A 324 0.49 9.92 -60.49
N VAL A 325 1.74 9.63 -60.82
CA VAL A 325 2.08 8.70 -61.89
C VAL A 325 2.87 7.55 -61.29
N TRP A 326 2.17 6.48 -60.93
CA TRP A 326 2.81 5.38 -60.22
C TRP A 326 3.72 4.58 -61.14
N GLY A 327 4.89 4.20 -60.61
CA GLY A 327 5.85 3.43 -61.36
C GLY A 327 6.74 2.64 -60.43
N ILE A 328 7.58 1.80 -61.04
CA ILE A 328 8.52 1.00 -60.27
C ILE A 328 9.80 1.78 -60.01
N GLN A 336 6.33 0.28 -54.81
CA GLN A 336 5.74 1.14 -55.83
C GLN A 336 5.82 2.61 -55.42
N MET A 337 6.59 3.39 -56.18
CA MET A 337 6.80 4.81 -55.91
C MET A 337 6.40 5.62 -57.13
N ALA A 338 5.42 6.52 -56.94
CA ALA A 338 4.97 7.37 -58.02
C ALA A 338 6.00 8.46 -58.32
N LEU A 339 5.98 8.94 -59.55
CA LEU A 339 6.93 9.95 -60.01
C LEU A 339 6.18 11.14 -60.60
N SER A 340 6.71 12.34 -60.32
CA SER A 340 6.15 13.59 -60.83
C SER A 340 4.69 13.76 -60.43
N GLY A 341 4.35 13.32 -59.23
CA GLY A 341 2.99 13.43 -58.73
C GLY A 341 2.98 13.98 -57.32
N LEU A 342 1.78 14.40 -56.91
CA LEU A 342 1.62 14.92 -55.55
C LEU A 342 1.91 13.85 -54.51
N ALA A 343 1.53 12.60 -54.81
CA ALA A 343 1.88 11.49 -53.93
C ALA A 343 3.39 11.35 -53.80
N TYR A 344 4.12 11.60 -54.89
CA TYR A 344 5.57 11.64 -54.82
C TYR A 344 6.05 12.80 -53.97
N TYR A 345 5.40 13.96 -54.09
CA TYR A 345 5.81 15.12 -53.32
C TYR A 345 5.64 14.90 -51.83
N ILE A 346 4.57 14.19 -51.43
CA ILE A 346 4.36 13.88 -50.02
C ILE A 346 4.92 12.52 -49.63
N GLN A 347 5.68 11.87 -50.51
CA GLN A 347 6.28 10.59 -50.17
C GLN A 347 7.47 10.80 -49.23
N PRO A 348 7.59 9.95 -48.20
CA PRO A 348 8.67 10.15 -47.23
C PRO A 348 10.04 9.87 -47.83
N LEU A 349 11.04 10.48 -47.22
CA LEU A 349 12.44 10.31 -47.62
C LEU A 349 13.06 9.19 -46.79
N MET A 350 13.61 8.18 -47.48
CA MET A 350 14.11 7.01 -46.78
C MET A 350 15.53 7.23 -46.28
N SER A 351 16.33 8.01 -47.01
CA SER A 351 17.73 8.22 -46.62
C SER A 351 18.21 9.56 -47.14
N LEU A 352 19.46 9.89 -46.81
CA LEU A 352 20.02 11.18 -47.17
C LEU A 352 20.21 11.31 -48.68
N SER A 353 20.38 10.18 -49.37
CA SER A 353 20.59 10.22 -50.81
C SER A 353 19.37 10.81 -51.53
N GLU A 354 18.17 10.36 -51.17
CA GLU A 354 16.97 10.91 -51.78
C GLU A 354 16.80 12.38 -51.44
N ALA A 355 17.22 12.77 -50.24
CA ALA A 355 17.14 14.18 -49.85
C ALA A 355 18.05 15.04 -50.71
N LEU A 356 19.30 14.61 -50.88
CA LEU A 356 20.22 15.39 -51.69
C LEU A 356 19.87 15.34 -53.17
N LEU A 357 19.12 14.31 -53.58
CA LEU A 357 18.75 14.17 -54.98
C LEU A 357 17.87 15.32 -55.45
N ASP A 358 16.83 15.64 -54.69
CA ASP A 358 15.90 16.72 -55.04
C ASP A 358 15.69 17.61 -53.83
N PRO A 359 16.26 18.82 -53.80
CA PRO A 359 16.06 19.70 -52.64
C PRO A 359 14.64 20.21 -52.51
N ILE A 360 13.93 20.39 -53.62
CA ILE A 360 12.58 20.95 -53.56
C ILE A 360 11.64 19.99 -52.84
N LYS A 361 11.76 18.69 -53.12
CA LYS A 361 10.91 17.72 -52.44
C LYS A 361 11.12 17.76 -50.94
N THR A 362 12.37 17.88 -50.49
CA THR A 362 12.62 17.96 -49.06
C THR A 362 12.07 19.26 -48.47
N ILE A 363 12.37 20.39 -49.11
CA ILE A 363 11.95 21.68 -48.58
C ILE A 363 10.44 21.85 -48.61
N VAL A 364 9.72 21.02 -49.35
CA VAL A 364 8.27 20.99 -49.28
C VAL A 364 7.77 19.99 -48.26
N TYR A 365 8.36 18.79 -48.23
CA TYR A 365 7.86 17.71 -47.38
C TYR A 365 8.08 18.02 -45.90
N ILE A 366 9.24 18.56 -45.55
CA ILE A 366 9.52 18.88 -44.16
C ILE A 366 8.49 19.88 -43.63
N THR A 367 8.32 20.99 -44.35
CA THR A 367 7.38 22.01 -43.92
C THR A 367 5.95 21.47 -43.90
N PHE A 368 5.60 20.64 -44.88
CA PHE A 368 4.25 20.08 -44.91
C PHE A 368 3.98 19.24 -43.67
N VAL A 369 4.89 18.33 -43.34
CA VAL A 369 4.63 17.43 -42.21
C VAL A 369 4.65 18.20 -40.90
N LEU A 370 5.56 19.18 -40.77
CA LEU A 370 5.58 19.97 -39.53
C LEU A 370 4.31 20.78 -39.36
N GLY A 371 3.86 21.45 -40.42
CA GLY A 371 2.64 22.23 -40.33
C GLY A 371 1.43 21.37 -40.07
N SER A 372 1.37 20.19 -40.70
CA SER A 372 0.25 19.29 -40.45
C SER A 372 0.23 18.83 -39.01
N CYS A 373 1.40 18.50 -38.45
CA CYS A 373 1.45 18.07 -37.05
C CYS A 373 1.01 19.20 -36.13
N ALA A 374 1.48 20.42 -36.37
CA ALA A 374 1.11 21.54 -35.52
C ALA A 374 -0.40 21.80 -35.57
N VAL A 375 -0.97 21.83 -36.79
CA VAL A 375 -2.39 22.10 -36.94
C VAL A 375 -3.22 20.99 -36.30
N PHE A 376 -2.81 19.73 -36.48
CA PHE A 376 -3.55 18.62 -35.89
C PHE A 376 -3.50 18.68 -34.37
N SER A 377 -2.35 19.04 -33.80
CA SER A 377 -2.25 19.15 -32.35
C SER A 377 -3.15 20.26 -31.82
N LYS A 378 -3.15 21.42 -32.48
CA LYS A 378 -4.01 22.51 -32.05
C LYS A 378 -5.49 22.11 -32.11
N THR A 379 -5.90 21.51 -33.24
CA THR A 379 -7.29 21.10 -33.36
C THR A 379 -7.65 20.05 -32.32
N TRP A 380 -6.71 19.17 -31.99
CA TRP A 380 -7.00 18.12 -31.01
C TRP A 380 -7.18 18.70 -29.62
N ILE A 381 -6.32 19.64 -29.21
CA ILE A 381 -6.51 20.24 -27.89
C ILE A 381 -7.78 21.06 -27.85
N GLU A 382 -8.17 21.65 -28.98
CA GLU A 382 -9.41 22.41 -29.01
C GLU A 382 -10.64 21.51 -28.93
N ILE A 383 -10.55 20.30 -29.49
CA ILE A 383 -11.72 19.43 -29.55
C ILE A 383 -11.86 18.60 -28.29
N SER A 384 -10.76 18.01 -27.81
CA SER A 384 -10.81 17.00 -26.75
C SER A 384 -11.05 17.57 -25.36
N GLY A 385 -11.47 18.83 -25.24
CA GLY A 385 -11.80 19.37 -23.94
C GLY A 385 -10.63 19.67 -23.04
N THR A 386 -9.44 19.85 -23.62
CA THR A 386 -8.25 20.21 -22.86
C THR A 386 -7.83 21.66 -23.18
N SER A 387 -8.72 22.42 -23.79
CA SER A 387 -8.47 23.83 -24.07
C SER A 387 -8.23 24.58 -22.76
N PRO A 388 -7.51 25.70 -22.81
CA PRO A 388 -7.30 26.49 -21.58
C PRO A 388 -8.60 26.90 -20.90
N ARG A 389 -9.70 27.03 -21.65
CA ARG A 389 -10.98 27.37 -21.04
C ARG A 389 -11.45 26.26 -20.11
N ASP A 390 -11.33 25.00 -20.55
CA ASP A 390 -11.76 23.89 -19.71
C ASP A 390 -10.85 23.73 -18.49
N ILE A 391 -9.55 23.96 -18.66
CA ILE A 391 -8.64 23.89 -17.52
C ILE A 391 -8.96 24.98 -16.51
N ALA A 392 -9.28 26.19 -17.00
CA ALA A 392 -9.69 27.26 -16.09
C ALA A 392 -11.00 26.91 -15.40
N LYS A 393 -11.92 26.25 -16.10
CA LYS A 393 -13.16 25.83 -15.47
C LYS A 393 -12.90 24.81 -14.38
N GLN A 394 -12.00 23.85 -14.63
CA GLN A 394 -11.66 22.88 -13.60
C GLN A 394 -10.98 23.54 -12.40
N PHE A 395 -10.14 24.55 -12.66
CA PHE A 395 -9.51 25.27 -11.57
C PHE A 395 -10.54 26.01 -10.72
N LYS A 396 -11.50 26.65 -11.37
CA LYS A 396 -12.57 27.34 -10.64
C LYS A 396 -13.42 26.35 -9.87
N ASP A 397 -13.64 25.17 -10.43
CA ASP A 397 -14.48 24.17 -9.76
C ASP A 397 -13.79 23.62 -8.52
N GLN A 398 -12.52 23.22 -8.65
CA GLN A 398 -11.80 22.67 -7.50
C GLN A 398 -11.48 23.75 -6.47
N GLY A 399 -11.43 25.01 -6.89
CA GLY A 399 -11.13 26.10 -5.98
C GLY A 399 -9.69 26.57 -6.00
N MET A 400 -8.84 26.00 -6.85
CA MET A 400 -7.44 26.39 -6.88
C MET A 400 -7.27 27.73 -7.58
N VAL A 401 -6.14 28.38 -7.30
CA VAL A 401 -5.74 29.62 -7.95
C VAL A 401 -4.24 29.55 -8.20
N ILE A 402 -3.74 30.53 -8.96
CA ILE A 402 -2.30 30.65 -9.18
C ILE A 402 -1.68 31.39 -8.01
N ASN A 403 -0.44 31.01 -7.68
CA ASN A 403 0.20 31.49 -6.46
C ASN A 403 0.33 33.01 -6.45
N GLY A 404 1.08 33.56 -7.39
CA GLY A 404 1.36 34.98 -7.37
C GLY A 404 0.49 35.81 -8.29
N LYS A 405 -0.73 35.35 -8.56
CA LYS A 405 -1.65 36.05 -9.46
C LYS A 405 -3.06 35.97 -8.89
N ARG A 406 -3.98 36.65 -9.55
CA ARG A 406 -5.34 36.83 -9.04
C ARG A 406 -6.22 35.64 -9.40
N GLU A 407 -7.53 35.80 -9.19
CA GLU A 407 -8.52 34.77 -9.49
C GLU A 407 -9.11 34.92 -10.89
N THR A 408 -9.29 36.15 -11.36
CA THR A 408 -9.91 36.40 -12.66
C THR A 408 -8.91 36.37 -13.81
N SER A 409 -7.71 35.83 -13.61
CA SER A 409 -6.69 35.82 -14.65
C SER A 409 -6.15 34.42 -14.95
N ILE A 410 -6.76 33.36 -14.41
CA ILE A 410 -6.27 32.02 -14.69
C ILE A 410 -6.43 31.69 -16.16
N TYR A 411 -7.53 32.10 -16.77
CA TYR A 411 -7.75 31.84 -18.19
C TYR A 411 -6.74 32.61 -19.04
N ARG A 412 -6.51 33.88 -18.70
CA ARG A 412 -5.53 34.67 -19.44
C ARG A 412 -4.11 34.17 -19.25
N GLU A 413 -3.82 33.48 -18.14
CA GLU A 413 -2.51 32.89 -17.96
C GLU A 413 -2.36 31.55 -18.68
N LEU A 414 -3.43 30.76 -18.74
CA LEU A 414 -3.35 29.48 -19.45
C LEU A 414 -3.37 29.67 -20.96
N LYS A 415 -3.96 30.76 -21.45
CA LYS A 415 -3.96 31.04 -22.87
C LYS A 415 -2.55 31.29 -23.40
N LYS A 416 -1.67 31.85 -22.57
CA LYS A 416 -0.29 32.11 -22.96
C LYS A 416 0.62 30.93 -22.75
N ILE A 417 0.09 29.77 -22.37
CA ILE A 417 0.92 28.63 -22.02
C ILE A 417 0.53 27.40 -22.84
N ILE A 418 -0.74 27.03 -22.82
CA ILE A 418 -1.16 25.74 -23.36
C ILE A 418 -1.10 25.68 -24.89
N PRO A 419 -1.60 26.66 -25.64
CA PRO A 419 -1.55 26.54 -27.11
C PRO A 419 -0.14 26.43 -27.66
N THR A 420 0.78 27.25 -27.16
CA THR A 420 2.17 27.18 -27.61
C THR A 420 2.77 25.83 -27.28
N ALA A 421 2.48 25.30 -26.08
CA ALA A 421 2.98 23.98 -25.71
C ALA A 421 2.49 22.91 -26.68
N ALA A 422 1.20 22.92 -27.01
CA ALA A 422 0.67 21.91 -27.93
C ALA A 422 1.26 22.04 -29.32
N ALA A 423 1.32 23.27 -29.85
CA ALA A 423 1.86 23.46 -31.19
C ALA A 423 3.32 23.03 -31.28
N PHE A 424 4.14 23.44 -30.30
CA PHE A 424 5.56 23.08 -30.37
C PHE A 424 5.77 21.61 -30.08
N GLY A 425 4.93 20.98 -29.26
CA GLY A 425 5.04 19.55 -29.08
C GLY A 425 4.75 18.79 -30.36
N GLY A 426 3.71 19.20 -31.09
CA GLY A 426 3.43 18.58 -32.38
C GLY A 426 4.57 18.78 -33.36
N ALA A 427 5.11 19.99 -33.43
CA ALA A 427 6.22 20.25 -34.35
C ALA A 427 7.44 19.42 -34.00
N THR A 428 7.72 19.27 -32.70
CA THR A 428 8.88 18.48 -32.30
C THR A 428 8.68 16.99 -32.59
N ILE A 429 7.46 16.49 -32.39
CA ILE A 429 7.18 15.09 -32.73
C ILE A 429 7.37 14.87 -34.22
N GLY A 430 6.88 15.80 -35.04
CA GLY A 430 7.07 15.67 -36.48
C GLY A 430 8.53 15.71 -36.89
N ALA A 431 9.30 16.62 -36.29
CA ALA A 431 10.72 16.70 -36.62
C ALA A 431 11.46 15.44 -36.19
N LEU A 432 11.12 14.88 -35.04
CA LEU A 432 11.74 13.64 -34.59
C LEU A 432 11.42 12.51 -35.56
N SER A 433 10.16 12.41 -36.00
CA SER A 433 9.80 11.38 -36.97
C SER A 433 10.58 11.55 -38.26
N VAL A 434 10.70 12.78 -38.76
CA VAL A 434 11.42 13.02 -40.01
C VAL A 434 12.89 12.62 -39.85
N GLY A 435 13.51 13.02 -38.74
CA GLY A 435 14.91 12.68 -38.53
C GLY A 435 15.13 11.18 -38.38
N SER A 436 14.20 10.50 -37.71
CA SER A 436 14.33 9.06 -37.53
C SER A 436 14.18 8.32 -38.85
N ASP A 437 13.25 8.75 -39.69
CA ASP A 437 13.11 8.14 -41.01
C ASP A 437 14.26 8.51 -41.94
N LEU A 438 14.93 9.64 -41.70
CA LEU A 438 16.03 10.05 -42.55
C LEU A 438 17.32 9.31 -42.20
N LEU A 439 17.65 9.25 -40.92
CA LEU A 439 18.87 8.58 -40.49
C LEU A 439 18.81 7.06 -40.66
N GLY A 440 17.66 6.51 -41.05
CA GLY A 440 17.54 5.09 -41.27
C GLY A 440 17.74 4.26 -40.02
N THR A 441 16.80 4.33 -39.09
CA THR A 441 16.87 3.55 -37.87
C THR A 441 16.21 2.18 -38.07
N LEU A 442 16.32 1.34 -37.04
CA LEU A 442 15.71 0.02 -37.10
C LEU A 442 14.18 0.11 -36.97
N GLY A 443 13.67 1.20 -36.42
CA GLY A 443 12.24 1.40 -36.33
C GLY A 443 11.90 2.85 -36.54
N SER A 444 10.70 3.09 -37.08
CA SER A 444 10.24 4.44 -37.33
C SER A 444 10.14 5.23 -36.03
N GLY A 445 10.21 6.56 -36.15
CA GLY A 445 10.15 7.41 -34.98
C GLY A 445 8.82 7.33 -34.25
N ALA A 446 7.73 7.09 -34.99
CA ALA A 446 6.42 7.01 -34.36
C ALA A 446 6.34 5.82 -33.41
N SER A 447 6.84 4.66 -33.83
CA SER A 447 6.76 3.48 -32.99
C SER A 447 7.63 3.61 -31.75
N ILE A 448 8.85 4.12 -31.92
CA ILE A 448 9.73 4.33 -30.76
C ILE A 448 9.11 5.33 -29.80
N LEU A 449 8.51 6.40 -30.33
CA LEU A 449 7.84 7.38 -29.47
C LEU A 449 6.68 6.76 -28.71
N MET A 450 5.88 5.92 -29.38
CA MET A 450 4.75 5.29 -28.71
C MET A 450 5.22 4.37 -27.60
N ALA A 451 6.23 3.54 -27.88
CA ALA A 451 6.74 2.62 -26.85
C ALA A 451 7.31 3.39 -25.67
N THR A 452 8.12 4.43 -25.95
CA THR A 452 8.73 5.20 -24.87
C THR A 452 7.67 5.89 -24.03
N THR A 453 6.63 6.44 -24.66
CA THR A 453 5.57 7.09 -23.91
C THR A 453 4.83 6.08 -23.04
N THR A 454 4.51 4.91 -23.59
CA THR A 454 3.80 3.90 -22.81
C THR A 454 4.61 3.46 -21.60
N ILE A 455 5.92 3.27 -21.76
CA ILE A 455 6.72 2.81 -20.64
C ILE A 455 6.95 3.93 -19.63
N TYR A 456 7.13 5.16 -20.12
CA TYR A 456 7.29 6.29 -19.21
C TYR A 456 6.04 6.53 -18.40
N GLY A 457 4.86 6.21 -18.95
CA GLY A 457 3.65 6.29 -18.16
C GLY A 457 3.69 5.40 -16.94
N TYR A 458 4.08 4.12 -17.14
CA TYR A 458 4.20 3.21 -16.02
C TYR A 458 5.25 3.69 -15.03
N TYR A 459 6.39 4.17 -15.54
CA TYR A 459 7.44 4.63 -14.64
C TYR A 459 6.97 5.81 -13.79
N GLU A 460 6.31 6.78 -14.42
CA GLU A 460 5.85 7.96 -13.69
C GLU A 460 4.76 7.59 -12.69
N ALA A 461 3.87 6.67 -13.05
CA ALA A 461 2.84 6.24 -12.10
C ALA A 461 3.47 5.53 -10.90
N ALA A 462 4.46 4.67 -11.15
CA ALA A 462 5.12 3.97 -10.06
C ALA A 462 5.91 4.91 -9.18
N ALA A 463 6.49 5.96 -9.75
CA ALA A 463 7.25 6.92 -8.95
C ALA A 463 6.31 7.80 -8.12
N LYS A 464 5.20 8.22 -8.70
CA LYS A 464 4.26 9.07 -7.97
C LYS A 464 3.55 8.29 -6.86
N GLU A 465 3.12 7.07 -7.16
CA GLU A 465 2.44 6.26 -6.15
C GLU A 465 3.41 5.75 -5.10
N GLY A 466 4.56 5.24 -5.51
CA GLY A 466 5.54 4.71 -4.58
C GLY A 466 5.49 3.20 -4.50
N GLY A 467 6.48 2.54 -5.11
CA GLY A 467 6.53 1.09 -5.10
C GLY A 467 7.85 0.61 -5.65
N PHE A 468 8.14 -0.66 -5.35
CA PHE A 468 9.38 -1.30 -5.81
C PHE A 468 9.36 -1.51 -7.31
N VAL B 26 8.62 33.57 -38.30
CA VAL B 26 9.78 33.39 -37.43
C VAL B 26 9.38 33.69 -35.98
N GLU B 27 8.25 34.37 -35.82
CA GLU B 27 7.77 34.68 -34.47
C GLU B 27 7.34 33.41 -33.74
N PHE B 28 6.81 32.43 -34.48
CA PHE B 28 6.39 31.17 -33.87
C PHE B 28 7.58 30.46 -33.22
N VAL B 29 8.73 30.44 -33.90
CA VAL B 29 9.93 29.83 -33.31
C VAL B 29 10.38 30.62 -32.09
N ARG B 30 10.20 31.94 -32.11
CA ARG B 30 10.56 32.76 -30.97
C ARG B 30 9.70 32.43 -29.75
N GLU B 31 8.39 32.30 -29.94
CA GLU B 31 7.51 31.91 -28.84
C GLU B 31 7.85 30.50 -28.35
N GLY B 32 8.17 29.59 -29.27
CA GLY B 32 8.57 28.25 -28.87
C GLY B 32 9.81 28.25 -28.00
N THR B 33 10.81 29.04 -28.39
CA THR B 33 12.03 29.11 -27.59
C THR B 33 11.79 29.79 -26.26
N GLN B 34 10.92 30.80 -26.23
CA GLN B 34 10.58 31.47 -24.97
C GLN B 34 9.88 30.49 -24.02
N PHE B 35 9.03 29.61 -24.56
CA PHE B 35 8.41 28.60 -23.72
C PHE B 35 9.43 27.56 -23.27
N LEU B 36 10.34 27.16 -24.16
CA LEU B 36 11.33 26.15 -23.80
C LEU B 36 12.28 26.66 -22.73
N ALA B 37 12.51 27.97 -22.70
CA ALA B 37 13.37 28.55 -21.66
C ALA B 37 12.78 28.33 -20.27
N LYS B 38 11.50 28.65 -20.11
CA LYS B 38 10.83 28.57 -18.81
C LYS B 38 10.58 27.13 -18.37
N CYS B 39 10.84 26.16 -19.24
CA CYS B 39 10.56 24.76 -18.91
C CYS B 39 11.50 24.27 -17.81
N LYS B 40 11.32 23.03 -17.41
CA LYS B 40 12.15 22.39 -16.38
C LYS B 40 12.80 21.15 -16.98
N LYS B 41 14.04 21.32 -17.43
CA LYS B 41 14.78 20.19 -17.99
C LYS B 41 15.27 19.29 -16.86
N PRO B 42 15.38 17.98 -17.10
CA PRO B 42 15.86 17.08 -16.04
C PRO B 42 17.37 17.20 -15.85
N ASP B 43 17.79 17.08 -14.60
CA ASP B 43 19.22 17.10 -14.27
C ASP B 43 19.82 15.71 -14.46
N LEU B 44 21.11 15.59 -14.14
CA LEU B 44 21.80 14.33 -14.39
C LEU B 44 21.32 13.22 -13.47
N LYS B 45 21.12 13.53 -12.18
CA LYS B 45 20.72 12.51 -11.22
C LYS B 45 19.34 11.97 -11.52
N GLU B 46 18.44 12.81 -12.06
CA GLU B 46 17.11 12.34 -12.42
C GLU B 46 17.11 11.64 -13.77
N TYR B 47 17.86 12.19 -14.74
CA TYR B 47 17.93 11.57 -16.06
C TYR B 47 18.53 10.17 -15.98
N THR B 48 19.47 9.95 -15.06
CA THR B 48 20.05 8.62 -14.90
C THR B 48 18.99 7.61 -14.48
N LYS B 49 18.18 7.96 -13.48
CA LYS B 49 17.11 7.06 -13.06
C LYS B 49 16.10 6.84 -14.18
N ILE B 50 15.77 7.91 -14.91
CA ILE B 50 14.82 7.79 -16.00
C ILE B 50 15.32 6.79 -17.04
N VAL B 51 16.55 6.99 -17.52
CA VAL B 51 17.08 6.13 -18.58
C VAL B 51 17.24 4.70 -18.06
N LYS B 52 17.65 4.54 -16.80
CA LYS B 52 17.79 3.20 -16.25
C LYS B 52 16.46 2.46 -16.24
N ALA B 53 15.43 3.08 -15.68
CA ALA B 53 14.13 2.40 -15.59
C ALA B 53 13.55 2.11 -16.97
N VAL B 54 13.59 3.10 -17.87
CA VAL B 54 12.96 2.89 -19.17
C VAL B 54 13.73 1.88 -20.00
N GLY B 55 15.07 1.90 -19.94
CA GLY B 55 15.84 0.91 -20.66
C GLY B 55 15.62 -0.49 -20.10
N ILE B 56 15.51 -0.61 -18.78
CA ILE B 56 15.24 -1.92 -18.18
C ILE B 56 13.90 -2.45 -18.67
N GLY B 57 12.87 -1.60 -18.68
CA GLY B 57 11.58 -2.04 -19.18
C GLY B 57 11.59 -2.44 -20.64
N PHE B 58 12.25 -1.62 -21.47
CA PHE B 58 12.35 -1.91 -22.90
C PHE B 58 13.05 -3.24 -23.15
N ILE B 59 14.19 -3.45 -22.50
CA ILE B 59 14.92 -4.70 -22.66
C ILE B 59 14.10 -5.88 -22.13
N ALA B 60 13.39 -5.67 -21.02
CA ALA B 60 12.61 -6.76 -20.44
C ALA B 60 11.51 -7.23 -21.38
N VAL B 61 10.82 -6.29 -22.04
CA VAL B 61 9.77 -6.72 -22.96
C VAL B 61 10.37 -7.26 -24.25
N GLY B 62 11.46 -6.66 -24.73
CA GLY B 62 12.05 -7.10 -25.99
C GLY B 62 12.65 -8.49 -25.92
N ILE B 63 13.35 -8.80 -24.83
CA ILE B 63 13.97 -10.11 -24.69
C ILE B 63 12.91 -11.20 -24.58
N ILE B 64 11.82 -10.91 -23.85
CA ILE B 64 10.73 -11.88 -23.72
C ILE B 64 10.11 -12.14 -25.09
N GLY B 65 9.78 -11.08 -25.82
CA GLY B 65 9.22 -11.25 -27.15
C GLY B 65 10.14 -12.03 -28.08
N TYR B 66 11.43 -11.69 -28.06
CA TYR B 66 12.39 -12.35 -28.94
C TYR B 66 12.56 -13.82 -28.59
N ALA B 67 12.60 -14.15 -27.29
CA ALA B 67 12.74 -15.54 -26.89
C ALA B 67 11.51 -16.36 -27.27
N ILE B 68 10.32 -15.79 -27.06
CA ILE B 68 9.09 -16.50 -27.44
C ILE B 68 9.04 -16.70 -28.95
N LYS B 69 9.53 -15.71 -29.71
CA LYS B 69 9.51 -15.83 -31.16
C LYS B 69 10.55 -16.84 -31.66
N LEU B 70 11.67 -16.98 -30.94
CA LEU B 70 12.72 -17.89 -31.39
C LEU B 70 12.44 -19.33 -31.00
N ILE B 71 11.90 -19.56 -29.81
CA ILE B 71 11.73 -20.93 -29.32
C ILE B 71 10.74 -21.70 -30.19
N HIS B 72 9.73 -21.03 -30.73
CA HIS B 72 8.62 -21.70 -31.39
C HIS B 72 8.89 -22.06 -32.85
N ILE B 73 10.09 -21.87 -33.37
CA ILE B 73 10.37 -22.27 -34.75
C ILE B 73 10.58 -23.77 -34.83
N PRO B 74 11.51 -24.37 -34.07
CA PRO B 74 11.66 -25.82 -34.15
C PRO B 74 10.46 -26.58 -33.62
N ILE B 75 9.77 -26.03 -32.63
CA ILE B 75 8.56 -26.67 -32.12
C ILE B 75 7.48 -26.70 -33.20
N ARG B 76 7.31 -25.59 -33.92
CA ARG B 76 6.33 -25.55 -34.99
C ARG B 76 6.76 -26.40 -36.18
N TYR B 77 8.06 -26.65 -36.34
CA TYR B 77 8.51 -27.60 -37.35
C TYR B 77 8.15 -29.02 -36.95
N VAL B 78 8.43 -29.39 -35.71
CA VAL B 78 8.22 -30.76 -35.26
C VAL B 78 6.73 -31.10 -35.20
N ILE B 79 5.95 -30.24 -34.53
CA ILE B 79 4.53 -30.55 -34.30
C ILE B 79 3.76 -30.53 -35.62
N VAL B 80 3.73 -29.38 -36.28
CA VAL B 80 2.98 -29.24 -37.52
C VAL B 80 3.76 -29.82 -38.69
N ARG C 51 -16.64 -12.17 -10.38
CA ARG C 51 -17.22 -13.39 -10.93
C ARG C 51 -16.14 -14.39 -11.31
N VAL C 52 -15.10 -13.91 -11.98
CA VAL C 52 -14.00 -14.74 -12.47
C VAL C 52 -12.70 -14.23 -11.84
N ASP C 53 -11.89 -15.16 -11.35
CA ASP C 53 -10.61 -14.83 -10.73
C ASP C 53 -9.49 -14.89 -11.76
N PRO C 54 -8.35 -14.23 -11.48
CA PRO C 54 -7.22 -14.32 -12.42
C PRO C 54 -6.72 -15.73 -12.63
N LEU C 55 -6.69 -16.56 -11.58
CA LEU C 55 -6.25 -17.94 -11.74
C LEU C 55 -7.17 -18.70 -12.69
N VAL C 56 -8.47 -18.40 -12.68
CA VAL C 56 -9.38 -19.03 -13.62
C VAL C 56 -9.00 -18.70 -15.06
N VAL C 57 -8.67 -17.43 -15.32
CA VAL C 57 -8.30 -17.02 -16.66
C VAL C 57 -6.99 -17.68 -17.09
N LEU C 58 -6.01 -17.74 -16.18
CA LEU C 58 -4.76 -18.39 -16.51
C LEU C 58 -4.97 -19.87 -16.82
N PHE C 59 -5.78 -20.55 -16.02
CA PHE C 59 -6.05 -21.96 -16.26
C PHE C 59 -6.78 -22.16 -17.58
N LEU C 60 -7.75 -21.30 -17.89
CA LEU C 60 -8.45 -21.40 -19.16
C LEU C 60 -7.48 -21.24 -20.34
N ALA C 61 -6.60 -20.25 -20.26
CA ALA C 61 -5.66 -20.01 -21.34
C ALA C 61 -4.73 -21.20 -21.54
N VAL C 62 -4.12 -21.69 -20.45
CA VAL C 62 -3.18 -22.80 -20.57
C VAL C 62 -3.89 -24.06 -21.04
N GLY C 63 -5.12 -24.27 -20.58
CA GLY C 63 -5.87 -25.43 -21.03
C GLY C 63 -6.18 -25.40 -22.51
N PHE C 64 -6.63 -24.24 -23.01
CA PHE C 64 -6.91 -24.13 -24.44
C PHE C 64 -5.64 -24.32 -25.27
N ILE C 65 -4.54 -23.72 -24.84
CA ILE C 65 -3.28 -23.84 -25.58
C ILE C 65 -2.83 -25.30 -25.62
N PHE C 66 -2.80 -25.96 -24.47
CA PHE C 66 -2.38 -27.36 -24.42
C PHE C 66 -3.33 -28.26 -25.19
N SER C 67 -4.63 -27.93 -25.22
CA SER C 67 -5.57 -28.73 -25.98
C SER C 67 -5.29 -28.62 -27.48
N VAL C 68 -5.02 -27.41 -27.96
CA VAL C 68 -4.69 -27.24 -29.38
C VAL C 68 -3.41 -28.00 -29.73
N VAL C 69 -2.39 -27.87 -28.88
CA VAL C 69 -1.12 -28.54 -29.16
C VAL C 69 -1.29 -30.07 -29.13
N ALA C 70 -2.07 -30.57 -28.19
CA ALA C 70 -2.30 -32.01 -28.11
C ALA C 70 -3.10 -32.50 -29.30
N LEU C 71 -4.07 -31.72 -29.76
CA LEU C 71 -4.80 -32.10 -30.97
C LEU C 71 -3.85 -32.19 -32.16
N HIS C 72 -2.96 -31.20 -32.30
CA HIS C 72 -1.97 -31.24 -33.37
C HIS C 72 -1.13 -32.51 -33.31
N VAL C 73 -0.54 -32.80 -32.15
CA VAL C 73 0.39 -33.92 -32.06
C VAL C 73 -0.37 -35.25 -32.21
N ILE C 74 -1.61 -35.33 -31.74
CA ILE C 74 -2.39 -36.56 -31.89
C ILE C 74 -2.71 -36.80 -33.35
N SER C 75 -3.13 -35.76 -34.07
CA SER C 75 -3.38 -35.90 -35.50
C SER C 75 -2.12 -36.30 -36.24
N LYS C 76 -0.97 -35.73 -35.87
CA LYS C 76 0.28 -36.07 -36.55
C LYS C 76 0.65 -37.52 -36.32
N VAL C 77 0.55 -37.99 -35.08
CA VAL C 77 0.91 -39.37 -34.78
C VAL C 77 -0.08 -40.34 -35.43
N ALA C 78 -1.37 -40.00 -35.46
CA ALA C 78 -2.35 -40.87 -36.11
C ALA C 78 -2.10 -40.96 -37.60
N GLY C 79 -1.76 -39.83 -38.24
CA GLY C 79 -1.42 -39.87 -39.65
C GLY C 79 -0.13 -40.62 -39.93
N LYS C 80 0.82 -40.58 -38.99
CA LYS C 80 2.08 -41.28 -39.21
C LYS C 80 1.92 -42.78 -39.03
N LEU C 81 1.09 -43.20 -38.08
CA LEU C 81 0.92 -44.62 -37.81
C LEU C 81 0.07 -45.32 -38.86
N PHE C 82 -1.03 -44.69 -39.26
CA PHE C 82 -1.93 -45.27 -40.25
C PHE C 82 -2.22 -44.30 -41.38
N ASN D 18 10.77 -23.19 -47.12
CA ASN D 18 11.11 -23.90 -45.90
C ASN D 18 12.54 -23.59 -45.48
N TYR D 19 12.79 -23.58 -44.17
CA TYR D 19 14.12 -23.28 -43.65
C TYR D 19 15.06 -24.46 -43.91
N GLU D 20 16.36 -24.16 -43.78
CA GLU D 20 17.42 -25.16 -43.94
C GLU D 20 18.29 -25.11 -42.69
N TYR D 21 18.17 -26.13 -41.84
CA TYR D 21 18.89 -26.15 -40.58
C TYR D 21 20.37 -26.45 -40.79
N ASP D 22 21.17 -26.08 -39.79
CA ASP D 22 22.61 -26.24 -39.87
C ASP D 22 22.96 -27.72 -39.92
N GLU D 23 23.58 -28.14 -41.04
CA GLU D 23 23.90 -29.55 -41.26
C GLU D 23 25.35 -29.89 -41.01
N ALA D 24 26.27 -28.90 -41.06
CA ALA D 24 27.70 -29.18 -40.93
C ALA D 24 28.33 -28.38 -39.79
N SER D 25 27.52 -27.82 -38.90
CA SER D 25 28.00 -27.07 -37.74
C SER D 25 28.91 -25.92 -38.17
N GLU D 26 28.35 -25.01 -38.97
CA GLU D 26 29.08 -23.87 -39.48
C GLU D 26 28.43 -22.53 -39.17
N THR D 27 27.26 -22.51 -38.54
CA THR D 27 26.56 -21.25 -38.30
C THR D 27 26.18 -21.07 -36.83
N TRP D 28 25.81 -22.16 -36.15
CA TRP D 28 25.39 -22.04 -34.76
C TRP D 28 26.51 -21.65 -33.79
N PRO D 29 27.79 -22.00 -34.02
CA PRO D 29 28.83 -21.51 -33.11
C PRO D 29 28.88 -20.00 -32.99
N SER D 30 28.76 -19.28 -34.11
CA SER D 30 28.80 -17.82 -34.05
C SER D 30 27.60 -17.26 -33.30
N PHE D 31 26.43 -17.87 -33.47
CA PHE D 31 25.23 -17.41 -32.77
C PHE D 31 25.39 -17.61 -31.26
N ILE D 32 25.85 -18.80 -30.85
CA ILE D 32 26.04 -19.05 -29.43
C ILE D 32 27.13 -18.14 -28.86
N LEU D 33 28.16 -17.86 -29.66
CA LEU D 33 29.23 -16.97 -29.21
C LEU D 33 28.71 -15.55 -28.97
N THR D 34 27.89 -15.05 -29.88
CA THR D 34 27.32 -13.72 -29.69
C THR D 34 26.38 -13.69 -28.50
N GLY D 35 25.55 -14.73 -28.33
CA GLY D 35 24.68 -14.81 -27.18
C GLY D 35 25.44 -14.85 -25.86
N LEU D 36 26.60 -15.51 -25.84
CA LEU D 36 27.42 -15.54 -24.64
C LEU D 36 28.13 -14.23 -24.39
N LEU D 37 28.62 -13.58 -25.46
CA LEU D 37 29.31 -12.32 -25.30
C LEU D 37 28.39 -11.23 -24.78
N MET D 38 27.18 -11.12 -25.34
CA MET D 38 26.25 -10.09 -24.91
C MET D 38 25.87 -10.20 -23.43
N VAL D 39 26.12 -11.35 -22.81
CA VAL D 39 25.84 -11.54 -21.39
C VAL D 39 27.10 -11.43 -20.54
N VAL D 40 28.24 -11.86 -21.09
CA VAL D 40 29.48 -11.85 -20.32
C VAL D 40 30.09 -10.46 -20.26
N GLY D 41 30.12 -9.75 -21.40
CA GLY D 41 30.74 -8.45 -21.48
C GLY D 41 30.25 -7.44 -20.46
N PRO D 42 28.95 -7.14 -20.45
CA PRO D 42 28.43 -6.17 -19.47
C PRO D 42 28.66 -6.57 -18.03
N MET D 43 28.56 -7.85 -17.70
CA MET D 43 28.77 -8.28 -16.31
C MET D 43 30.22 -8.05 -15.90
N THR D 44 31.18 -8.41 -16.75
CA THR D 44 32.58 -8.16 -16.44
C THR D 44 32.85 -6.66 -16.35
N LEU D 45 32.21 -5.87 -17.21
CA LEU D 45 32.42 -4.42 -17.18
C LEU D 45 31.91 -3.83 -15.86
N LEU D 46 30.73 -4.25 -15.42
CA LEU D 46 30.19 -3.73 -14.16
C LEU D 46 30.97 -4.25 -12.96
N GLN D 47 31.55 -5.45 -13.07
CA GLN D 47 32.40 -5.94 -11.98
C GLN D 47 33.69 -5.15 -11.89
N ILE D 48 34.28 -4.80 -13.04
CA ILE D 48 35.48 -3.97 -13.04
C ILE D 48 35.16 -2.58 -12.52
N TYR D 49 34.00 -2.04 -12.88
CA TYR D 49 33.64 -0.70 -12.43
C TYR D 49 33.42 -0.64 -10.93
N GLN D 50 32.82 -1.67 -10.35
CA GLN D 50 32.55 -1.69 -8.92
C GLN D 50 33.83 -1.93 -8.12
N PHE D 68 26.96 9.20 8.99
CA PHE D 68 27.19 10.57 9.43
C PHE D 68 27.06 10.69 10.94
N ASN D 69 26.65 9.59 11.58
CA ASN D 69 26.44 9.55 13.02
C ASN D 69 27.43 8.58 13.64
N GLU D 70 28.18 9.04 14.63
CA GLU D 70 29.17 8.20 15.29
C GLU D 70 28.49 7.11 16.10
N GLU D 71 28.99 5.88 15.97
CA GLU D 71 28.45 4.72 16.67
C GLU D 71 29.47 4.25 17.70
N VAL D 72 29.18 4.48 18.97
CA VAL D 72 30.12 4.16 20.03
C VAL D 72 29.91 2.76 20.61
N PHE D 73 28.72 2.19 20.46
CA PHE D 73 28.40 0.91 21.07
C PHE D 73 28.70 -0.27 20.16
N LYS D 74 29.10 -0.03 18.91
CA LYS D 74 29.38 -1.13 17.99
C LYS D 74 30.51 -2.02 18.49
N ASN D 75 31.45 -1.46 19.25
CA ASN D 75 32.54 -2.24 19.82
C ASN D 75 32.19 -2.79 21.19
N LEU D 76 31.55 -1.98 22.03
CA LEU D 76 31.22 -2.41 23.38
C LEU D 76 30.10 -3.44 23.44
N ASN D 77 29.33 -3.60 22.35
CA ASN D 77 28.27 -4.59 22.32
C ASN D 77 28.83 -5.99 22.14
N GLU D 78 29.84 -6.16 21.28
CA GLU D 78 30.43 -7.46 21.03
C GLU D 78 31.34 -7.92 22.15
N GLU D 79 31.63 -7.06 23.13
CA GLU D 79 32.45 -7.45 24.27
C GLU D 79 31.63 -7.96 25.44
N TYR D 80 30.32 -7.79 25.41
CA TYR D 80 29.44 -8.25 26.47
C TYR D 80 28.46 -9.33 26.03
N THR D 81 28.30 -9.56 24.73
CA THR D 81 27.41 -10.61 24.26
C THR D 81 27.99 -11.98 24.59
N SER D 82 27.15 -12.84 25.15
CA SER D 82 27.61 -14.17 25.53
C SER D 82 27.85 -15.03 24.30
N ASP D 83 28.59 -16.13 24.50
CA ASP D 83 28.93 -17.01 23.39
C ASP D 83 27.70 -17.72 22.83
N GLU D 84 26.70 -17.99 23.67
CA GLU D 84 25.51 -18.68 23.20
C GLU D 84 24.73 -17.83 22.20
N ILE D 85 24.87 -16.51 22.26
CA ILE D 85 24.23 -15.65 21.28
C ILE D 85 25.11 -15.41 20.07
N LYS D 86 26.43 -15.36 20.26
CA LYS D 86 27.34 -15.25 19.13
C LYS D 86 27.21 -16.45 18.20
N GLN D 87 27.17 -17.65 18.78
CA GLN D 87 27.02 -18.86 17.96
C GLN D 87 25.70 -18.87 17.22
N PHE D 88 24.63 -18.39 17.85
CA PHE D 88 23.33 -18.32 17.18
C PHE D 88 23.38 -17.34 16.02
N ARG D 89 23.87 -16.13 16.26
CA ARG D 89 23.94 -15.13 15.20
C ARG D 89 24.88 -15.54 14.09
N ARG D 90 25.85 -16.41 14.38
CA ARG D 90 26.72 -16.95 13.34
C ARG D 90 26.01 -18.01 12.51
N LYS D 91 25.41 -19.01 13.18
CA LYS D 91 24.71 -20.06 12.45
C LYS D 91 23.50 -19.51 11.71
N PHE D 92 22.57 -18.89 12.43
CA PHE D 92 21.38 -18.31 11.81
C PHE D 92 21.38 -16.79 11.95
N ASN D 107 30.52 -15.11 -9.23
CA ASN D 107 31.69 -14.67 -9.98
C ASN D 107 32.23 -15.80 -10.85
N ILE D 108 31.86 -17.03 -10.51
CA ILE D 108 32.29 -18.18 -11.30
C ILE D 108 31.65 -18.17 -12.68
N ILE D 109 30.49 -17.50 -12.82
CA ILE D 109 29.80 -17.47 -14.09
C ILE D 109 30.63 -16.73 -15.14
N ILE D 110 31.33 -15.67 -14.73
CA ILE D 110 32.17 -14.94 -15.66
C ILE D 110 33.30 -15.81 -16.17
N ILE D 111 33.94 -16.56 -15.27
CA ILE D 111 35.05 -17.42 -15.67
C ILE D 111 34.58 -18.53 -16.59
N VAL D 112 33.47 -19.18 -16.24
CA VAL D 112 32.98 -20.27 -17.09
C VAL D 112 32.52 -19.73 -18.43
N GLY D 113 31.98 -18.50 -18.46
CA GLY D 113 31.60 -17.90 -19.73
C GLY D 113 32.81 -17.58 -20.59
N TRP D 114 33.89 -17.10 -19.98
CA TRP D 114 35.09 -16.82 -20.77
C TRP D 114 35.72 -18.10 -21.29
N ILE D 115 35.70 -19.18 -20.50
CA ILE D 115 36.21 -20.45 -21.01
C ILE D 115 35.33 -20.98 -22.14
N LEU D 116 34.01 -20.85 -22.02
CA LEU D 116 33.13 -21.27 -23.11
C LEU D 116 33.36 -20.43 -24.37
N VAL D 117 33.61 -19.13 -24.19
CA VAL D 117 33.91 -18.27 -25.33
C VAL D 117 35.20 -18.71 -26.02
N ALA D 118 36.23 -19.03 -25.22
CA ALA D 118 37.48 -19.50 -25.80
C ALA D 118 37.28 -20.81 -26.55
N ILE D 119 36.52 -21.75 -25.98
CA ILE D 119 36.27 -23.02 -26.64
C ILE D 119 35.53 -22.81 -27.95
N LEU D 120 34.50 -21.96 -27.94
CA LEU D 120 33.73 -21.70 -29.15
C LEU D 120 34.58 -21.04 -30.22
N LEU D 121 35.44 -20.09 -29.82
CA LEU D 121 36.29 -19.43 -30.80
C LEU D 121 37.29 -20.41 -31.40
N GLN D 122 37.85 -21.30 -30.58
CA GLN D 122 38.75 -22.31 -31.09
C GLN D 122 38.05 -23.24 -32.07
N ARG D 123 36.82 -23.65 -31.74
CA ARG D 123 36.07 -24.53 -32.64
C ARG D 123 35.74 -23.81 -33.94
N ILE D 124 35.43 -22.52 -33.87
CA ILE D 124 35.15 -21.74 -35.09
C ILE D 124 36.38 -21.68 -35.97
N ASN D 125 37.53 -21.32 -35.38
CA ASN D 125 38.75 -21.18 -36.17
C ASN D 125 39.25 -22.52 -36.68
N SER D 126 38.89 -23.63 -36.02
CA SER D 126 39.34 -24.94 -36.45
C SER D 126 38.51 -25.51 -37.60
N ASN D 127 37.45 -24.85 -38.01
CA ASN D 127 36.62 -25.35 -39.10
C ASN D 127 37.31 -25.12 -40.44
N ASP D 128 36.76 -25.76 -41.48
CA ASP D 128 37.34 -25.64 -42.81
C ASP D 128 36.93 -24.32 -43.47
N ALA D 129 35.65 -24.00 -43.42
CA ALA D 129 35.15 -22.76 -44.03
C ALA D 129 35.53 -21.55 -43.18
N GLN D 216 20.70 -17.36 -60.04
CA GLN D 216 20.98 -17.50 -58.62
C GLN D 216 19.84 -16.91 -57.78
N SER D 217 19.11 -17.79 -57.11
CA SER D 217 17.99 -17.41 -56.27
C SER D 217 18.38 -17.50 -54.80
N THR D 218 17.62 -16.81 -53.96
CA THR D 218 17.87 -16.80 -52.53
C THR D 218 17.46 -18.12 -51.90
N SER D 219 18.19 -18.51 -50.86
CA SER D 219 17.92 -19.73 -50.11
C SER D 219 18.01 -19.42 -48.62
N HIS D 220 16.86 -19.23 -47.99
CA HIS D 220 16.82 -18.89 -46.57
C HIS D 220 17.28 -20.07 -45.72
N GLY D 221 17.75 -19.76 -44.52
CA GLY D 221 18.22 -20.78 -43.60
C GLY D 221 18.13 -20.31 -42.17
N ILE D 222 18.19 -21.27 -41.26
CA ILE D 222 18.18 -21.01 -39.84
C ILE D 222 19.53 -21.46 -39.26
N ALA D 223 19.88 -20.89 -38.11
CA ALA D 223 21.17 -21.14 -37.50
C ALA D 223 21.18 -22.35 -36.57
N LEU D 224 20.02 -22.86 -36.18
CA LEU D 224 19.98 -23.96 -35.23
C LEU D 224 20.46 -25.25 -35.89
N PRO D 225 21.04 -26.17 -35.11
CA PRO D 225 21.54 -27.42 -35.69
C PRO D 225 20.40 -28.34 -36.10
N ARG D 226 20.76 -29.37 -36.86
CA ARG D 226 19.79 -30.23 -37.52
C ARG D 226 19.25 -31.33 -36.62
N PHE D 227 20.12 -31.95 -35.81
CA PHE D 227 19.66 -33.03 -34.95
C PHE D 227 18.62 -32.58 -33.94
N LEU D 228 18.54 -31.28 -33.68
CA LEU D 228 17.55 -30.75 -32.74
C LEU D 228 16.12 -30.96 -33.23
N VAL D 229 15.92 -31.12 -34.54
CA VAL D 229 14.58 -31.14 -35.11
C VAL D 229 14.34 -32.41 -35.90
N ASP D 230 15.41 -33.02 -36.41
CA ASP D 230 15.27 -34.18 -37.28
C ASP D 230 15.86 -35.47 -36.73
N GLY D 231 16.69 -35.41 -35.71
CA GLY D 231 17.30 -36.60 -35.15
C GLY D 231 16.32 -37.38 -34.27
N SER D 232 16.88 -38.24 -33.43
CA SER D 232 16.09 -39.01 -32.49
C SER D 232 15.64 -38.17 -31.29
N ALA D 233 16.13 -36.95 -31.16
CA ALA D 233 15.76 -36.04 -30.08
C ALA D 233 14.64 -35.09 -30.48
N SER D 234 13.82 -35.48 -31.47
CA SER D 234 12.72 -34.61 -31.88
C SER D 234 11.55 -34.62 -30.90
N PRO D 235 11.12 -35.76 -30.35
CA PRO D 235 10.03 -35.71 -29.37
C PRO D 235 10.46 -35.17 -28.01
N LEU D 236 11.76 -35.22 -27.70
CA LEU D 236 12.23 -34.69 -26.43
C LEU D 236 11.98 -33.19 -26.33
N LEU D 237 12.20 -32.46 -27.43
CA LEU D 237 11.96 -31.02 -27.40
C LEU D 237 10.50 -30.70 -27.10
N VAL D 238 9.57 -31.39 -27.77
CA VAL D 238 8.16 -31.07 -27.58
C VAL D 238 7.68 -31.55 -26.22
N VAL D 239 8.22 -32.65 -25.69
CA VAL D 239 7.78 -33.10 -24.38
C VAL D 239 8.31 -32.18 -23.29
N CYS D 240 9.55 -31.68 -23.45
CA CYS D 240 10.06 -30.71 -22.50
C CYS D 240 9.29 -29.40 -22.57
N TYR D 241 8.90 -28.99 -23.78
CA TYR D 241 8.10 -27.77 -23.93
C TYR D 241 6.75 -27.92 -23.25
N VAL D 242 6.06 -29.04 -23.50
CA VAL D 242 4.74 -29.23 -22.91
C VAL D 242 4.83 -29.36 -21.40
N ALA D 243 5.91 -29.98 -20.89
CA ALA D 243 6.10 -30.05 -19.44
C ALA D 243 6.31 -28.66 -18.85
N LEU D 244 7.30 -27.93 -19.36
CA LEU D 244 7.60 -26.60 -18.83
C LEU D 244 6.43 -25.63 -18.99
N LEU D 245 5.51 -25.91 -19.92
CA LEU D 245 4.36 -25.04 -20.08
C LEU D 245 3.17 -25.44 -19.21
N GLY D 246 2.97 -26.74 -18.97
CA GLY D 246 1.77 -27.17 -18.28
C GLY D 246 1.94 -27.49 -16.81
N LEU D 247 3.16 -27.82 -16.38
CA LEU D 247 3.40 -28.20 -15.00
C LEU D 247 4.13 -27.12 -14.21
N ILE D 248 5.27 -26.64 -14.70
CA ILE D 248 6.09 -25.73 -13.91
C ILE D 248 5.46 -24.35 -13.80
N LEU D 249 4.88 -23.85 -14.91
CA LEU D 249 4.32 -22.50 -14.87
C LEU D 249 3.11 -22.41 -13.95
N PRO D 250 2.03 -23.18 -14.14
CA PRO D 250 0.85 -22.97 -13.29
C PRO D 250 1.10 -23.29 -11.84
N TYR D 251 1.87 -24.34 -11.55
CA TYR D 251 2.14 -24.71 -10.17
C TYR D 251 2.91 -23.61 -9.45
N PHE D 252 3.97 -23.09 -10.07
CA PHE D 252 4.76 -22.06 -9.42
C PHE D 252 3.99 -20.75 -9.29
N VAL D 253 3.18 -20.41 -10.30
CA VAL D 253 2.38 -19.19 -10.21
C VAL D 253 1.36 -19.30 -9.10
N SER D 254 0.71 -20.47 -8.97
CA SER D 254 -0.25 -20.67 -7.90
C SER D 254 0.42 -20.63 -6.54
N ARG D 255 1.61 -21.21 -6.42
CA ARG D 255 2.35 -21.14 -5.16
C ARG D 255 2.66 -19.70 -4.79
N TRP D 256 3.17 -18.91 -5.74
CA TRP D 256 3.49 -17.52 -5.46
C TRP D 256 2.25 -16.74 -5.07
N TRP D 257 1.13 -16.97 -5.76
CA TRP D 257 -0.09 -16.26 -5.45
C TRP D 257 -0.60 -16.60 -4.05
N ALA D 258 -0.64 -17.89 -3.71
CA ALA D 258 -1.09 -18.29 -2.39
C ALA D 258 -0.14 -17.84 -1.29
N ARG D 259 1.14 -17.66 -1.61
CA ARG D 259 2.07 -17.18 -0.59
C ARG D 259 1.94 -15.68 -0.38
N THR D 260 1.74 -14.92 -1.45
CA THR D 260 1.63 -13.47 -1.32
C THR D 260 0.24 -13.03 -0.86
N GLN D 261 -0.77 -13.89 -0.97
CA GLN D 261 -2.11 -13.53 -0.53
C GLN D 261 -2.36 -13.83 0.93
N SER D 262 -1.38 -14.39 1.65
CA SER D 262 -1.58 -14.80 3.03
C SER D 262 -1.03 -13.81 4.05
N TYR D 263 -0.13 -12.92 3.65
CA TYR D 263 0.50 -12.00 4.58
C TYR D 263 -0.16 -10.61 4.51
N THR D 264 -0.04 -9.88 5.60
CA THR D 264 -0.63 -8.55 5.73
C THR D 264 0.38 -7.49 5.28
N LYS D 265 -0.14 -6.37 4.78
CA LYS D 265 0.70 -5.27 4.34
C LYS D 265 1.67 -4.81 5.42
N LYS D 266 1.31 -4.95 6.69
CA LYS D 266 2.22 -4.57 7.76
C LYS D 266 3.42 -5.51 7.83
N GLY D 267 3.22 -6.80 7.61
CA GLY D 267 4.32 -7.74 7.58
C GLY D 267 4.11 -8.96 8.46
N ILE D 268 2.89 -9.14 8.96
CA ILE D 268 2.57 -10.27 9.81
C ILE D 268 1.52 -11.13 9.11
N HIS D 269 1.39 -12.36 9.59
CA HIS D 269 0.46 -13.32 9.01
C HIS D 269 -0.97 -12.81 9.13
N ASN D 270 -1.89 -13.47 8.41
CA ASN D 270 -3.29 -13.10 8.51
C ASN D 270 -3.93 -13.68 9.77
N VAL D 271 -3.51 -14.88 10.17
CA VAL D 271 -4.05 -15.49 11.38
C VAL D 271 -3.59 -14.72 12.61
N THR D 272 -2.36 -14.21 12.60
CA THR D 272 -1.88 -13.40 13.72
C THR D 272 -2.67 -12.11 13.85
N ALA D 273 -2.94 -11.43 12.73
CA ALA D 273 -3.73 -10.21 12.78
C ALA D 273 -5.16 -10.51 13.22
N SER D 274 -5.73 -11.63 12.76
CA SER D 274 -7.05 -12.02 13.22
C SER D 274 -7.07 -12.26 14.71
N ASN D 275 -6.02 -12.90 15.25
CA ASN D 275 -5.95 -13.15 16.69
C ASN D 275 -5.84 -11.84 17.45
N PHE D 276 -5.04 -10.90 16.96
CA PHE D 276 -4.91 -9.61 17.64
C PHE D 276 -6.22 -8.86 17.65
N VAL D 277 -6.92 -8.82 16.52
CA VAL D 277 -8.20 -8.12 16.46
C VAL D 277 -9.21 -8.78 17.38
N SER D 278 -9.26 -10.12 17.40
CA SER D 278 -10.19 -10.81 18.27
C SER D 278 -9.84 -10.63 19.74
N ASN D 279 -8.55 -10.42 20.05
CA ASN D 279 -8.17 -10.15 21.43
C ASN D 279 -8.60 -8.76 21.85
N LEU D 280 -8.47 -7.77 20.96
CA LEU D 280 -8.87 -6.42 21.33
C LEU D 280 -10.38 -6.19 21.24
N VAL D 281 -11.12 -7.05 20.54
CA VAL D 281 -12.56 -6.85 20.45
C VAL D 281 -13.22 -7.12 21.79
N ASN D 282 -13.04 -8.32 22.35
CA ASN D 282 -13.63 -8.66 23.64
C ASN D 282 -12.58 -8.49 24.74
N TYR D 283 -12.26 -7.22 24.99
CA TYR D 283 -11.31 -6.83 26.01
C TYR D 283 -12.06 -6.02 27.07
N LYS D 284 -12.18 -6.58 28.27
CA LYS D 284 -12.89 -5.91 29.34
C LYS D 284 -12.13 -4.68 29.81
N PRO D 285 -12.73 -3.48 29.76
CA PRO D 285 -12.00 -2.27 30.17
C PRO D 285 -11.64 -2.25 31.64
N SER D 286 -12.25 -3.10 32.47
CA SER D 286 -11.91 -3.13 33.89
C SER D 286 -10.57 -3.79 34.13
N GLU D 287 -10.17 -4.72 33.26
CA GLU D 287 -8.89 -5.41 33.41
C GLU D 287 -7.75 -4.46 33.08
N ILE D 288 -6.79 -4.36 34.00
CA ILE D 288 -5.65 -3.46 33.85
C ILE D 288 -4.58 -4.17 33.05
N VAL D 289 -3.97 -3.44 32.11
CA VAL D 289 -2.99 -4.01 31.19
C VAL D 289 -1.63 -4.03 31.86
N THR D 290 -0.90 -5.12 31.66
CA THR D 290 0.43 -5.30 32.21
C THR D 290 1.31 -5.92 31.12
N THR D 291 2.51 -6.35 31.51
CA THR D 291 3.40 -7.01 30.58
C THR D 291 3.03 -8.48 30.39
N ASP D 292 2.58 -9.13 31.47
CA ASP D 292 2.21 -10.54 31.38
C ASP D 292 1.02 -10.73 30.44
N LEU D 293 0.07 -9.79 30.46
CA LEU D 293 -1.08 -9.88 29.57
C LEU D 293 -0.65 -9.81 28.10
N ILE D 294 0.27 -8.92 27.79
CA ILE D 294 0.69 -8.78 26.39
C ILE D 294 1.58 -9.94 25.97
N LEU D 295 2.36 -10.51 26.89
CA LEU D 295 3.10 -11.72 26.56
C LEU D 295 2.15 -12.90 26.30
N HIS D 296 1.10 -13.01 27.11
CA HIS D 296 0.09 -14.03 26.86
C HIS D 296 -0.59 -13.83 25.52
N TRP D 297 -0.80 -12.58 25.12
CA TRP D 297 -1.37 -12.31 23.80
C TRP D 297 -0.40 -12.68 22.69
N LEU D 298 0.90 -12.41 22.90
CA LEU D 298 1.89 -12.70 21.87
C LEU D 298 2.11 -14.19 21.69
N SER D 299 1.97 -14.98 22.75
CA SER D 299 2.27 -16.40 22.67
C SER D 299 1.34 -17.17 21.74
N PHE D 300 0.30 -16.53 21.19
CA PHE D 300 -0.64 -17.20 20.29
C PHE D 300 -0.41 -16.83 18.84
N ALA D 301 0.78 -16.35 18.49
CA ALA D 301 1.06 -15.98 17.11
C ALA D 301 1.23 -17.23 16.26
N HIS D 302 0.67 -17.18 15.05
CA HIS D 302 0.78 -18.31 14.14
C HIS D 302 2.19 -18.48 13.58
N GLU D 303 2.98 -17.41 13.57
CA GLU D 303 4.33 -17.49 13.05
C GLU D 303 5.26 -18.24 13.98
N PHE D 304 4.89 -18.40 15.25
CA PHE D 304 5.68 -19.22 16.16
C PHE D 304 5.46 -20.70 15.91
N LYS D 305 4.32 -21.08 15.31
CA LYS D 305 4.02 -22.48 15.07
C LYS D 305 4.73 -23.01 13.84
N GLN D 306 4.94 -22.17 12.83
CA GLN D 306 5.66 -22.61 11.64
C GLN D 306 7.11 -22.93 11.94
N PHE D 307 7.70 -22.24 12.92
CA PHE D 307 9.09 -22.50 13.27
C PHE D 307 9.24 -23.85 13.97
N PHE D 308 8.41 -24.09 14.99
CA PHE D 308 8.47 -25.32 15.78
C PHE D 308 7.05 -25.86 15.95
N PRO D 309 6.62 -26.75 15.06
CA PRO D 309 5.25 -27.27 15.12
C PRO D 309 4.98 -28.22 16.28
N ASP D 310 5.97 -28.46 17.15
CA ASP D 310 5.79 -29.39 18.26
C ASP D 310 5.42 -28.70 19.56
N LEU D 311 5.85 -27.46 19.76
CA LEU D 311 5.62 -26.77 21.01
C LEU D 311 4.20 -26.21 21.08
N GLN D 312 3.80 -25.82 22.30
CA GLN D 312 2.50 -25.27 22.58
C GLN D 312 2.62 -23.80 22.99
N PRO D 313 1.52 -23.04 22.92
CA PRO D 313 1.59 -21.62 23.34
C PRO D 313 2.06 -21.43 24.77
N THR D 314 1.73 -22.37 25.67
CA THR D 314 2.25 -22.26 27.04
C THR D 314 3.77 -22.33 27.06
N ASP D 315 4.35 -23.17 26.20
CA ASP D 315 5.80 -23.25 26.12
C ASP D 315 6.39 -21.93 25.61
N PHE D 316 5.72 -21.30 24.64
CA PHE D 316 6.21 -20.02 24.14
C PHE D 316 6.14 -18.94 25.21
N GLU D 317 5.05 -18.90 25.98
CA GLU D 317 4.94 -17.93 27.06
C GLU D 317 6.01 -18.18 28.11
N LYS D 318 6.29 -19.45 28.42
CA LYS D 318 7.34 -19.77 29.38
C LYS D 318 8.71 -19.32 28.88
N LEU D 319 8.98 -19.51 27.58
CA LEU D 319 10.25 -19.07 27.04
C LEU D 319 10.37 -17.55 27.07
N LEU D 320 9.28 -16.83 26.79
CA LEU D 320 9.32 -15.37 26.86
C LEU D 320 9.57 -14.88 28.28
N GLN D 321 8.91 -15.50 29.27
CA GLN D 321 9.17 -15.14 30.66
C GLN D 321 10.62 -15.44 31.05
N ASP D 322 11.16 -16.57 30.57
CA ASP D 322 12.54 -16.91 30.87
C ASP D 322 13.51 -15.91 30.23
N HIS D 323 13.19 -15.40 29.05
CA HIS D 323 14.04 -14.39 28.44
C HIS D 323 13.99 -13.10 29.24
N ILE D 324 12.79 -12.63 29.57
CA ILE D 324 12.67 -11.34 30.26
C ILE D 324 13.32 -11.39 31.64
N ASN D 325 13.12 -12.50 32.36
CA ASN D 325 13.65 -12.60 33.72
C ASN D 325 15.11 -13.03 33.76
N ARG D 326 15.79 -13.06 32.61
CA ARG D 326 17.20 -13.47 32.52
C ARG D 326 17.43 -14.82 33.18
N ARG D 327 16.73 -15.82 32.67
CA ARG D 327 16.82 -17.18 33.16
C ARG D 327 17.26 -18.11 32.04
N ASP D 328 17.77 -19.27 32.40
CA ASP D 328 18.30 -20.23 31.45
C ASP D 328 17.23 -21.27 31.12
N SER D 329 17.10 -21.59 29.83
CA SER D 329 16.14 -22.58 29.38
C SER D 329 16.72 -23.98 29.31
N GLY D 330 18.03 -24.12 29.21
CA GLY D 330 18.66 -25.42 29.22
C GLY D 330 18.87 -26.02 27.84
N LYS D 331 17.77 -26.25 27.12
CA LYS D 331 17.83 -26.93 25.84
C LYS D 331 17.15 -26.18 24.71
N LEU D 332 16.21 -25.28 24.99
CA LEU D 332 15.48 -24.56 23.96
C LEU D 332 16.00 -23.14 23.76
N ASN D 333 17.30 -22.92 23.94
CA ASN D 333 17.85 -21.59 23.76
C ASN D 333 17.76 -21.14 22.30
N ASN D 334 18.01 -22.05 21.36
CA ASN D 334 17.94 -21.70 19.95
C ASN D 334 16.53 -21.39 19.49
N ALA D 335 15.51 -21.83 20.22
CA ALA D 335 14.13 -21.44 19.93
C ALA D 335 13.74 -20.17 20.66
N LYS D 336 14.24 -20.00 21.89
CA LYS D 336 14.00 -18.78 22.64
C LYS D 336 14.55 -17.57 21.89
N PHE D 337 15.80 -17.66 21.42
CA PHE D 337 16.39 -16.56 20.67
C PHE D 337 15.59 -16.27 19.41
N ARG D 338 15.10 -17.32 18.75
CA ARG D 338 14.35 -17.15 17.51
C ARG D 338 13.05 -16.39 17.76
N ILE D 339 12.26 -16.84 18.73
CA ILE D 339 10.99 -16.18 18.98
C ILE D 339 11.20 -14.78 19.54
N VAL D 340 12.25 -14.56 20.32
CA VAL D 340 12.52 -13.24 20.86
C VAL D 340 12.91 -12.28 19.75
N ALA D 341 13.71 -12.74 18.79
CA ALA D 341 14.05 -11.89 17.66
C ALA D 341 12.83 -11.66 16.75
N LYS D 342 11.90 -12.61 16.72
CA LYS D 342 10.71 -12.44 15.91
C LYS D 342 9.71 -11.47 16.52
N CYS D 343 9.71 -11.35 17.86
CA CYS D 343 8.72 -10.53 18.55
C CYS D 343 8.68 -9.07 18.08
N HIS D 344 9.71 -8.61 17.36
CA HIS D 344 9.75 -7.22 16.92
C HIS D 344 8.58 -6.88 16.01
N SER D 345 8.42 -7.63 14.91
CA SER D 345 7.34 -7.36 13.97
C SER D 345 5.98 -7.58 14.62
N LEU D 346 5.86 -8.58 15.50
CA LEU D 346 4.59 -8.83 16.17
C LEU D 346 4.19 -7.66 17.05
N LEU D 347 5.14 -7.12 17.82
CA LEU D 347 4.82 -5.99 18.67
C LEU D 347 4.50 -4.74 17.87
N HIS D 348 5.19 -4.54 16.74
CA HIS D 348 4.85 -3.40 15.88
C HIS D 348 3.45 -3.53 15.32
N GLY D 349 3.07 -4.73 14.86
CA GLY D 349 1.72 -4.93 14.36
C GLY D 349 0.66 -4.76 15.44
N LEU D 350 0.94 -5.27 16.64
CA LEU D 350 0.00 -5.10 17.74
C LEU D 350 -0.18 -3.64 18.10
N LEU D 351 0.91 -2.87 18.10
CA LEU D 351 0.81 -1.44 18.34
C LEU D 351 -0.03 -0.76 17.27
N ASP D 352 0.18 -1.13 16.01
CA ASP D 352 -0.62 -0.56 14.93
C ASP D 352 -2.10 -0.84 15.13
N ILE D 353 -2.45 -2.08 15.44
CA ILE D 353 -3.87 -2.43 15.59
C ILE D 353 -4.47 -1.75 16.82
N ALA D 354 -3.70 -1.65 17.91
CA ALA D 354 -4.21 -1.01 19.11
C ALA D 354 -4.44 0.48 18.88
N CYS D 355 -3.59 1.13 18.09
CA CYS D 355 -3.84 2.51 17.72
C CYS D 355 -5.01 2.62 16.76
N GLY D 356 -5.24 1.58 15.95
CA GLY D 356 -6.40 1.59 15.07
C GLY D 356 -7.71 1.48 15.80
N PHE D 357 -7.74 0.75 16.91
CA PHE D 357 -8.94 0.64 17.74
C PHE D 357 -9.11 1.80 18.71
N ARG D 358 -8.27 2.82 18.62
CA ARG D 358 -8.35 4.01 19.48
C ARG D 358 -8.28 3.62 20.95
N ASN D 359 -7.17 2.97 21.31
CA ASN D 359 -6.93 2.50 22.67
C ASN D 359 -5.53 2.92 23.08
N LEU D 360 -5.43 3.68 24.17
CA LEU D 360 -4.15 4.27 24.59
C LEU D 360 -3.39 3.37 25.57
N ASP D 361 -4.10 2.74 26.51
CA ASP D 361 -3.44 1.92 27.51
C ASP D 361 -2.73 0.73 26.87
N ILE D 362 -3.36 0.11 25.88
CA ILE D 362 -2.73 -1.03 25.23
C ILE D 362 -1.52 -0.60 24.42
N ALA D 363 -1.58 0.58 23.80
CA ALA D 363 -0.42 1.08 23.05
C ALA D 363 0.75 1.36 23.97
N LEU D 364 0.49 2.01 25.11
CA LEU D 364 1.56 2.27 26.07
C LEU D 364 2.12 0.97 26.62
N GLY D 365 1.25 -0.01 26.88
CA GLY D 365 1.72 -1.31 27.36
C GLY D 365 2.58 -2.02 26.32
N ALA D 366 2.21 -1.91 25.05
CA ALA D 366 3.01 -2.53 23.99
C ALA D 366 4.38 -1.89 23.89
N ILE D 367 4.45 -0.56 24.00
CA ILE D 367 5.75 0.11 23.94
C ILE D 367 6.61 -0.29 25.13
N ASN D 368 6.02 -0.33 26.33
CA ASN D 368 6.79 -0.74 27.51
C ASN D 368 7.26 -2.19 27.38
N THR D 369 6.41 -3.06 26.85
CA THR D 369 6.81 -4.45 26.64
C THR D 369 7.92 -4.57 25.62
N PHE D 370 7.92 -3.71 24.59
CA PHE D 370 9.02 -3.71 23.63
C PHE D 370 10.32 -3.32 24.31
N LYS D 371 10.27 -2.28 25.15
CA LYS D 371 11.44 -1.88 25.93
C LYS D 371 11.96 -3.05 26.78
N CYS D 372 11.04 -3.73 27.48
CA CYS D 372 11.46 -4.82 28.37
C CYS D 372 12.04 -5.99 27.58
N ILE D 373 11.47 -6.31 26.42
CA ILE D 373 12.00 -7.40 25.61
C ILE D 373 13.39 -7.05 25.08
N VAL D 374 13.59 -5.80 24.69
CA VAL D 374 14.89 -5.42 24.15
C VAL D 374 15.96 -5.43 25.23
N GLN D 375 15.66 -4.85 26.40
CA GLN D 375 16.67 -4.74 27.44
C GLN D 375 16.77 -5.95 28.35
N ALA D 376 15.86 -6.92 28.21
CA ALA D 376 15.83 -8.13 29.03
C ALA D 376 15.79 -7.78 30.52
N VAL D 377 14.72 -7.11 30.92
CA VAL D 377 14.52 -6.72 32.32
C VAL D 377 13.03 -6.54 32.58
N PRO D 378 12.50 -7.05 33.69
CA PRO D 378 11.09 -6.80 34.00
C PRO D 378 10.87 -5.37 34.45
N LEU D 379 9.64 -4.90 34.24
CA LEU D 379 9.30 -3.51 34.51
C LEU D 379 9.18 -3.29 36.01
N THR D 380 10.04 -2.43 36.56
CA THR D 380 10.04 -2.06 37.98
C THR D 380 10.25 -0.55 38.09
N PRO D 381 10.04 0.05 39.26
CA PRO D 381 10.28 1.50 39.37
C PRO D 381 11.71 1.90 39.07
N ASN D 382 12.71 1.22 39.65
CA ASN D 382 14.12 1.56 39.43
C ASN D 382 14.66 0.63 38.34
N CYS D 383 14.39 0.99 37.10
CA CYS D 383 14.79 0.19 35.95
C CYS D 383 15.79 0.88 35.04
N GLN D 384 15.76 2.22 34.95
CA GLN D 384 16.77 2.93 34.18
C GLN D 384 18.18 2.64 34.70
N ILE D 385 18.30 2.35 35.99
CA ILE D 385 19.59 2.06 36.60
C ILE D 385 19.88 0.56 36.63
N LEU D 386 18.87 -0.29 36.44
CA LEU D 386 19.09 -1.73 36.35
C LEU D 386 19.32 -2.19 34.92
N GLN D 387 19.05 -1.36 33.92
CA GLN D 387 19.38 -1.70 32.55
C GLN D 387 20.86 -1.58 32.24
N LEU D 388 21.66 -1.10 33.19
CA LEU D 388 23.09 -0.93 32.98
C LEU D 388 23.77 -2.29 32.84
N PRO D 389 24.96 -2.33 32.21
CA PRO D 389 25.54 -3.64 31.86
C PRO D 389 25.83 -4.54 33.05
N ASN D 390 26.63 -4.08 34.02
CA ASN D 390 27.14 -4.96 35.07
C ASN D 390 26.88 -4.36 36.46
N VAL D 391 25.71 -4.65 37.01
CA VAL D 391 25.34 -4.30 38.38
C VAL D 391 24.81 -5.56 39.05
N ASP D 392 24.72 -5.51 40.38
CA ASP D 392 24.13 -6.58 41.15
C ASP D 392 22.92 -6.05 41.91
N LYS D 393 21.75 -6.61 41.63
CA LYS D 393 20.52 -6.08 42.20
C LYS D 393 20.46 -6.31 43.71
N GLU D 394 20.93 -7.47 44.17
CA GLU D 394 20.83 -7.82 45.58
C GLU D 394 21.56 -6.84 46.49
N HIS D 395 22.50 -6.06 45.94
CA HIS D 395 23.20 -5.05 46.72
C HIS D 395 22.58 -3.67 46.56
N PHE D 396 22.34 -3.26 45.31
CA PHE D 396 21.81 -1.94 45.05
C PHE D 396 20.42 -1.77 45.63
N ILE D 397 19.54 -2.76 45.44
CA ILE D 397 18.16 -2.64 45.92
C ILE D 397 18.12 -2.56 47.44
N THR D 398 18.86 -3.42 48.12
CA THR D 398 18.78 -3.47 49.57
C THR D 398 19.53 -2.34 50.25
N LYS D 399 20.60 -1.81 49.62
CA LYS D 399 21.36 -0.74 50.24
C LYS D 399 20.70 0.61 50.04
N THR D 400 20.55 1.04 48.78
CA THR D 400 19.98 2.34 48.46
C THR D 400 18.52 2.20 48.04
N GLY D 401 17.75 3.25 48.27
CA GLY D 401 16.34 3.24 47.94
C GLY D 401 15.82 4.57 47.44
N ASP D 402 16.72 5.50 47.12
CA ASP D 402 16.33 6.81 46.62
C ASP D 402 16.82 7.09 45.21
N ILE D 403 17.80 6.35 44.71
CA ILE D 403 18.29 6.54 43.35
C ILE D 403 17.39 5.76 42.40
N HIS D 404 16.61 6.47 41.59
CA HIS D 404 15.68 5.84 40.67
C HIS D 404 15.92 6.17 39.21
N THR D 405 16.62 7.26 38.89
CA THR D 405 16.89 7.67 37.52
C THR D 405 18.40 7.79 37.33
N LEU D 406 18.80 8.22 36.13
CA LEU D 406 20.21 8.39 35.83
C LEU D 406 20.74 9.77 36.21
N GLY D 407 19.89 10.80 36.19
CA GLY D 407 20.32 12.09 36.69
C GLY D 407 20.63 12.05 38.18
N LYS D 408 19.75 11.42 38.95
CA LYS D 408 20.01 11.23 40.38
C LYS D 408 21.28 10.43 40.61
N LEU D 409 21.63 9.55 39.67
CA LEU D 409 22.85 8.77 39.80
C LEU D 409 24.07 9.65 39.53
N PHE D 410 24.05 10.40 38.41
CA PHE D 410 25.17 11.26 38.07
C PHE D 410 25.28 12.47 38.98
N THR D 411 24.32 12.69 39.87
CA THR D 411 24.50 13.69 40.93
C THR D 411 25.66 13.30 41.83
N LEU D 412 25.86 12.01 42.07
CA LEU D 412 26.91 11.53 42.95
C LEU D 412 28.27 11.64 42.27
N GLU D 413 29.32 11.43 43.06
CA GLU D 413 30.69 11.56 42.58
C GLU D 413 31.05 10.40 41.67
N ASP D 414 32.32 10.34 41.27
CA ASP D 414 32.77 9.30 40.36
C ASP D 414 32.96 7.95 41.05
N ALA D 415 33.55 7.94 42.25
CA ALA D 415 33.74 6.70 42.99
C ALA D 415 32.52 6.30 43.80
N LYS D 416 31.71 7.28 44.20
CA LYS D 416 30.49 6.95 44.93
C LYS D 416 29.51 6.18 44.06
N ILE D 417 29.51 6.43 42.75
CA ILE D 417 28.65 5.66 41.85
C ILE D 417 29.04 4.20 41.87
N GLY D 418 30.35 3.92 41.79
CA GLY D 418 30.80 2.55 41.87
C GLY D 418 30.53 1.90 43.21
N GLU D 419 30.72 2.66 44.29
CA GLU D 419 30.46 2.13 45.62
C GLU D 419 28.97 1.84 45.83
N VAL D 420 28.09 2.61 45.17
CA VAL D 420 26.66 2.37 45.29
C VAL D 420 26.23 1.19 44.45
N LEU D 421 26.65 1.16 43.18
CA LEU D 421 26.30 0.05 42.30
C LEU D 421 26.97 -1.25 42.70
N GLY D 422 28.01 -1.20 43.54
CA GLY D 422 28.62 -2.40 44.06
C GLY D 422 29.36 -3.25 43.05
N ILE D 423 30.39 -2.68 42.41
CA ILE D 423 31.20 -3.45 41.48
C ILE D 423 32.69 -3.30 41.79
N LYS D 424 33.07 -2.13 42.32
CA LYS D 424 34.43 -1.82 42.79
C LYS D 424 35.51 -2.39 41.87
N ASP D 425 35.48 -1.92 40.62
CA ASP D 425 36.52 -2.29 39.65
C ASP D 425 36.61 -1.16 38.64
N GLN D 426 37.73 -0.43 38.65
CA GLN D 426 37.85 0.78 37.84
C GLN D 426 37.76 0.46 36.35
N ALA D 427 38.51 -0.53 35.89
CA ALA D 427 38.44 -0.94 34.49
C ALA D 427 37.05 -1.44 34.12
N LYS D 428 36.27 -1.90 35.11
CA LYS D 428 34.90 -2.32 34.87
C LYS D 428 33.88 -1.22 35.17
N LEU D 429 34.26 -0.23 35.98
CA LEU D 429 33.39 0.91 36.24
C LEU D 429 33.37 1.89 35.08
N ASN D 430 34.50 2.03 34.37
CA ASN D 430 34.55 2.96 33.25
C ASN D 430 33.61 2.54 32.13
N GLU D 431 33.43 1.24 31.92
CA GLU D 431 32.53 0.78 30.86
C GLU D 431 31.08 1.13 31.19
N THR D 432 30.64 0.88 32.42
CA THR D 432 29.27 1.20 32.78
C THR D 432 29.05 2.71 32.84
N LEU D 433 30.09 3.49 33.19
CA LEU D 433 29.93 4.94 33.14
C LEU D 433 29.94 5.47 31.71
N ARG D 434 30.57 4.77 30.78
CA ARG D 434 30.48 5.14 29.38
C ARG D 434 29.14 4.75 28.77
N VAL D 435 28.50 3.71 29.31
CA VAL D 435 27.17 3.34 28.83
C VAL D 435 26.11 4.26 29.41
N ALA D 436 26.24 4.62 30.69
CA ALA D 436 25.21 5.40 31.35
C ALA D 436 25.16 6.85 30.88
N SER D 437 26.21 7.34 30.25
CA SER D 437 26.29 8.74 29.83
C SER D 437 26.28 8.89 28.32
N HIS D 438 25.72 7.91 27.60
CA HIS D 438 25.64 7.99 26.16
C HIS D 438 24.29 7.55 25.62
N ILE D 439 23.25 7.47 26.45
CA ILE D 439 21.91 7.15 25.98
C ILE D 439 21.11 8.44 25.90
N PRO D 440 20.24 8.59 24.91
CA PRO D 440 19.64 9.91 24.64
C PRO D 440 18.42 10.24 25.47
N ASN D 441 18.37 11.44 26.04
CA ASN D 441 17.19 11.98 26.67
C ASN D 441 16.71 13.19 25.87
N LEU D 442 15.40 13.36 25.78
CA LEU D 442 14.81 14.43 24.99
C LEU D 442 14.43 15.62 25.86
N LYS D 443 14.15 16.73 25.19
CA LYS D 443 13.73 17.97 25.83
C LYS D 443 13.23 18.91 24.74
N ILE D 444 12.09 19.54 24.97
CA ILE D 444 11.48 20.41 23.97
C ILE D 444 12.04 21.81 24.09
N ILE D 445 12.07 22.51 22.95
CA ILE D 445 12.42 23.92 22.91
C ILE D 445 11.24 24.78 22.45
N LYS D 446 10.49 24.31 21.45
CA LYS D 446 9.33 25.03 20.95
C LYS D 446 8.45 24.05 20.19
N ALA D 447 7.15 24.10 20.44
CA ALA D 447 6.19 23.22 19.79
C ALA D 447 4.92 23.98 19.49
N ASP D 448 4.40 23.82 18.28
CA ASP D 448 3.18 24.51 17.88
C ASP D 448 2.63 23.85 16.62
N PHE D 449 1.38 24.20 16.30
CA PHE D 449 0.72 23.73 15.08
C PHE D 449 1.04 24.69 13.95
N LEU D 450 1.51 24.14 12.82
CA LEU D 450 1.88 24.93 11.67
C LEU D 450 1.09 24.47 10.45
N VAL D 451 0.70 25.43 9.62
CA VAL D 451 0.00 25.17 8.37
C VAL D 451 0.85 25.73 7.23
N PRO D 452 1.10 24.98 6.17
CA PRO D 452 2.03 25.46 5.13
C PRO D 452 1.39 26.54 4.27
N GLY D 453 2.00 27.73 4.31
CA GLY D 453 1.56 28.83 3.47
C GLY D 453 0.71 29.88 4.15
N GLU D 454 0.47 29.75 5.46
CA GLU D 454 -0.38 30.68 6.18
C GLU D 454 0.32 31.06 7.48
N ASN D 455 -0.32 31.95 8.24
CA ASN D 455 0.24 32.42 9.51
C ASN D 455 -0.62 32.07 10.71
N GLN D 456 -1.70 31.32 10.53
CA GLN D 456 -2.57 30.94 11.63
C GLN D 456 -3.41 29.75 11.20
N VAL D 457 -4.12 29.16 12.16
CA VAL D 457 -4.99 28.03 11.89
C VAL D 457 -6.41 28.54 11.70
N THR D 458 -7.03 28.17 10.58
CA THR D 458 -8.38 28.57 10.23
C THR D 458 -9.27 27.34 10.13
N PRO D 459 -10.59 27.50 10.24
CA PRO D 459 -11.48 26.34 10.19
C PRO D 459 -11.31 25.54 8.89
N SER D 460 -11.31 24.22 9.03
CA SER D 460 -11.21 23.29 7.91
C SER D 460 -9.93 23.50 7.11
N SER D 461 -8.81 23.68 7.82
CA SER D 461 -7.49 23.71 7.23
C SER D 461 -6.72 22.46 7.64
N THR D 462 -5.57 22.24 6.99
CA THR D 462 -4.77 21.03 7.18
C THR D 462 -3.44 21.39 7.83
N PRO D 463 -3.36 21.41 9.15
CA PRO D 463 -2.10 21.70 9.84
C PRO D 463 -1.34 20.42 10.18
N TYR D 464 -0.13 20.62 10.71
CA TYR D 464 0.69 19.53 11.23
C TYR D 464 1.40 20.03 12.48
N ILE D 465 2.19 19.14 13.10
CA ILE D 465 2.87 19.42 14.35
C ILE D 465 4.35 19.61 14.07
N SER D 466 4.94 20.64 14.68
CA SER D 466 6.35 20.97 14.51
C SER D 466 7.01 21.00 15.89
N LEU D 467 7.92 20.06 16.13
CA LEU D 467 8.62 19.96 17.40
C LEU D 467 10.11 20.26 17.21
N LYS D 468 10.68 20.98 18.16
CA LYS D 468 12.11 21.27 18.18
C LYS D 468 12.68 20.66 19.47
N VAL D 469 13.23 19.46 19.36
CA VAL D 469 13.71 18.73 20.51
C VAL D 469 15.22 18.92 20.64
N LEU D 470 15.77 18.50 21.77
CA LEU D 470 17.19 18.62 22.06
C LEU D 470 17.66 17.31 22.70
N VAL D 471 18.37 16.49 21.93
CA VAL D 471 18.90 15.23 22.44
C VAL D 471 20.07 15.56 23.37
N ARG D 472 19.90 15.29 24.66
CA ARG D 472 20.90 15.59 25.66
C ARG D 472 21.29 14.32 26.42
N SER D 473 22.37 14.42 27.17
CA SER D 473 22.83 13.33 28.02
C SER D 473 22.35 13.54 29.46
N ALA D 474 22.28 12.43 30.19
CA ALA D 474 21.85 12.51 31.59
C ALA D 474 22.86 13.20 32.49
N LYS D 475 24.02 13.57 31.95
CA LYS D 475 25.09 14.17 32.74
C LYS D 475 25.17 15.69 32.60
N GLN D 476 24.68 16.25 31.50
CA GLN D 476 24.83 17.66 31.21
C GLN D 476 23.77 18.49 31.95
N PRO D 477 24.14 19.69 32.40
CA PRO D 477 23.13 20.58 33.01
C PRO D 477 22.16 21.13 31.98
N LEU D 478 21.23 21.98 32.41
CA LEU D 478 20.22 22.52 31.53
C LEU D 478 20.70 23.83 30.93
N ILE D 479 20.49 23.99 29.63
CA ILE D 479 20.79 25.23 28.92
C ILE D 479 19.48 26.00 28.75
N PRO D 480 19.43 27.27 29.14
CA PRO D 480 18.15 28.00 29.07
C PRO D 480 17.69 28.18 27.63
N THR D 481 16.37 28.25 27.46
CA THR D 481 15.79 28.41 26.14
C THR D 481 16.09 29.78 25.54
N SER D 482 16.34 30.78 26.37
CA SER D 482 16.64 32.12 25.87
C SER D 482 17.99 32.20 25.16
N LEU D 483 18.91 31.28 25.46
CA LEU D 483 20.22 31.32 24.82
C LEU D 483 20.17 30.87 23.37
N ILE D 484 19.12 30.19 22.95
CA ILE D 484 19.03 29.77 21.55
C ILE D 484 18.93 31.01 20.67
N PRO D 485 19.72 31.11 19.60
CA PRO D 485 19.79 32.38 18.85
C PRO D 485 18.58 32.65 17.97
N GLU D 486 17.52 31.86 18.12
CA GLU D 486 16.24 32.10 17.45
C GLU D 486 16.33 31.87 15.95
N GLU D 487 17.53 31.58 15.45
CA GLU D 487 17.69 31.31 14.03
C GLU D 487 17.35 29.86 13.71
N ASN D 488 17.64 28.93 14.62
CA ASN D 488 17.36 27.52 14.41
C ASN D 488 15.90 27.17 14.64
N LEU D 489 15.09 28.09 15.16
CA LEU D 489 13.71 27.80 15.51
C LEU D 489 12.70 28.33 14.49
N THR D 490 13.10 29.24 13.61
CA THR D 490 12.20 29.83 12.64
C THR D 490 12.12 28.95 11.39
N GLU D 491 10.95 28.94 10.76
CA GLU D 491 10.68 28.16 9.58
C GLU D 491 10.95 28.98 8.32
N PRO D 492 11.60 28.40 7.31
CA PRO D 492 11.87 29.15 6.09
C PRO D 492 10.59 29.35 5.28
N GLN D 493 10.47 30.54 4.68
CA GLN D 493 9.29 30.93 3.91
C GLN D 493 9.68 31.00 2.44
N ASP D 494 9.56 29.85 1.76
CA ASP D 494 9.80 29.77 0.33
C ASP D 494 8.90 28.70 -0.24
N PHE D 495 8.55 28.84 -1.52
CA PHE D 495 7.61 27.91 -2.13
C PHE D 495 8.19 26.50 -2.17
N GLU D 496 9.47 26.37 -2.55
CA GLU D 496 10.11 25.07 -2.56
C GLU D 496 10.19 24.46 -1.17
N SER D 497 10.13 25.28 -0.12
CA SER D 497 10.19 24.79 1.24
C SER D 497 8.81 24.55 1.84
N GLN D 498 7.80 25.27 1.38
CA GLN D 498 6.44 25.12 1.90
C GLN D 498 5.57 24.23 1.02
N ARG D 499 6.10 23.70 -0.08
CA ARG D 499 5.36 22.73 -0.86
C ARG D 499 5.41 21.35 -0.21
N ASP D 500 6.54 20.99 0.39
CA ASP D 500 6.69 19.73 1.13
C ASP D 500 7.56 19.99 2.36
N PRO D 501 6.94 20.15 3.53
CA PRO D 501 7.69 20.57 4.72
C PRO D 501 8.48 19.47 5.41
N PHE D 502 8.53 18.25 4.85
CA PHE D 502 9.25 17.15 5.46
C PHE D 502 10.58 16.86 4.80
N ALA D 503 10.93 17.59 3.73
CA ALA D 503 12.20 17.37 3.07
C ALA D 503 13.38 17.75 3.96
N MET D 504 13.23 18.82 4.76
CA MET D 504 14.30 19.21 5.66
C MET D 504 14.43 18.21 6.82
N MET D 505 13.34 17.55 7.18
CA MET D 505 13.40 16.52 8.22
C MET D 505 14.03 15.24 7.70
N SER D 506 13.81 14.91 6.43
CA SER D 506 14.35 13.69 5.85
C SER D 506 15.84 13.78 5.53
N LYS D 507 16.54 14.81 5.99
CA LYS D 507 17.96 14.99 5.70
C LYS D 507 18.86 14.79 6.91
N GLN D 508 18.32 14.27 8.01
CA GLN D 508 19.13 14.08 9.21
C GLN D 508 19.77 12.69 9.21
N PRO D 509 20.90 12.54 9.89
CA PRO D 509 21.57 11.24 9.92
C PRO D 509 20.76 10.22 10.71
N LEU D 510 21.04 8.94 10.43
CA LEU D 510 20.36 7.86 11.12
C LEU D 510 20.82 7.77 12.56
N VAL D 511 20.08 6.99 13.36
CA VAL D 511 20.41 6.78 14.76
C VAL D 511 21.39 5.62 14.88
N PRO D 512 22.37 5.69 15.78
CA PRO D 512 23.37 4.62 15.84
C PRO D 512 22.83 3.31 16.36
N TYR D 513 23.67 2.28 16.38
CA TYR D 513 23.27 0.99 16.89
C TYR D 513 23.19 1.03 18.41
N SER D 514 22.13 0.44 18.96
CA SER D 514 21.89 0.51 20.38
C SER D 514 22.71 -0.56 21.12
N PHE D 515 22.78 -0.38 22.45
CA PHE D 515 23.54 -1.29 23.31
C PHE D 515 22.56 -2.26 23.94
N ALA D 516 22.38 -3.41 23.31
CA ALA D 516 21.52 -4.48 23.80
C ALA D 516 22.29 -5.78 23.68
N PRO D 517 23.05 -6.17 24.72
CA PRO D 517 23.82 -7.43 24.64
C PRO D 517 22.97 -8.68 24.72
N PHE D 518 21.72 -8.58 25.21
CA PHE D 518 20.88 -9.74 25.37
C PHE D 518 19.94 -9.98 24.20
N PHE D 519 19.65 -8.96 23.42
CA PHE D 519 18.88 -9.17 22.19
C PHE D 519 19.75 -9.91 21.18
N PRO D 520 19.23 -10.96 20.53
CA PRO D 520 20.06 -11.73 19.58
C PRO D 520 20.60 -10.91 18.42
N THR D 521 19.71 -10.26 17.66
CA THR D 521 20.13 -9.54 16.46
C THR D 521 20.71 -8.19 16.84
N LYS D 522 20.94 -7.34 15.84
CA LYS D 522 21.43 -5.98 16.03
C LYS D 522 20.36 -5.00 15.59
N ARG D 523 20.02 -4.06 16.47
CA ARG D 523 18.93 -3.12 16.23
C ARG D 523 19.44 -1.69 16.19
N ARG D 524 18.72 -0.84 15.47
CA ARG D 524 18.90 0.59 15.52
C ARG D 524 17.85 1.20 16.44
N GLY D 525 18.19 2.35 17.01
CA GLY D 525 17.25 3.07 17.85
C GLY D 525 15.99 3.48 17.09
N SER D 526 14.98 3.89 17.85
CA SER D 526 13.73 4.31 17.26
C SER D 526 12.92 5.06 18.31
N TRP D 527 12.07 5.97 17.84
CA TRP D 527 11.17 6.75 18.69
C TRP D 527 9.78 6.67 18.10
N CYS D 528 8.83 6.15 18.88
CA CYS D 528 7.45 5.99 18.44
C CYS D 528 6.61 7.10 19.03
N CYS D 529 6.07 7.97 18.17
CA CYS D 529 5.30 9.13 18.60
C CYS D 529 3.85 8.96 18.17
N LEU D 530 2.93 9.12 19.13
CA LEU D 530 1.50 8.98 18.89
C LEU D 530 0.76 10.11 19.60
N VAL D 531 -0.30 10.60 18.95
CA VAL D 531 -1.05 11.75 19.42
C VAL D 531 -2.46 11.31 19.79
N SER D 532 -2.98 11.85 20.88
CA SER D 532 -4.33 11.55 21.35
C SER D 532 -5.02 12.85 21.70
N SER D 533 -6.25 12.75 22.18
CA SER D 533 -7.06 13.91 22.53
C SER D 533 -7.22 14.02 24.04
N GLN D 534 -7.68 15.18 24.49
CA GLN D 534 -7.85 15.45 25.91
C GLN D 534 -9.31 15.53 26.34
N LYS D 535 -10.25 15.64 25.40
CA LYS D 535 -11.66 15.67 25.78
C LYS D 535 -12.15 14.30 26.22
N ASP D 536 -11.73 13.25 25.52
CA ASP D 536 -12.11 11.89 25.86
C ASP D 536 -10.94 10.96 26.11
N GLY D 537 -9.80 11.18 25.47
CA GLY D 537 -8.63 10.36 25.70
C GLY D 537 -8.53 9.16 24.79
N LYS D 538 -8.63 9.39 23.48
CA LYS D 538 -8.58 8.32 22.48
C LYS D 538 -7.53 8.65 21.44
N ILE D 539 -6.68 7.68 21.12
CA ILE D 539 -5.74 7.84 20.02
C ILE D 539 -6.51 8.02 18.73
N LEU D 540 -6.14 9.03 17.95
CA LEU D 540 -6.91 9.40 16.77
C LEU D 540 -6.14 9.24 15.47
N GLN D 541 -5.00 8.55 15.48
CA GLN D 541 -4.28 8.25 14.25
C GLN D 541 -3.21 7.21 14.53
N THR D 542 -2.78 6.53 13.48
CA THR D 542 -1.74 5.52 13.60
C THR D 542 -0.43 6.18 14.01
N PRO D 543 0.44 5.46 14.72
CA PRO D 543 1.66 6.08 15.24
C PRO D 543 2.71 6.27 14.15
N ILE D 544 3.37 7.42 14.21
CA ILE D 544 4.49 7.72 13.31
C ILE D 544 5.76 7.26 13.99
N ILE D 545 6.64 6.62 13.24
CA ILE D 545 7.90 6.09 13.75
C ILE D 545 9.04 6.80 13.04
N ILE D 546 9.78 7.61 13.78
CA ILE D 546 10.92 8.33 13.22
C ILE D 546 12.17 7.49 13.46
N GLU D 547 13.15 7.65 12.58
CA GLU D 547 14.40 6.91 12.67
C GLU D 547 15.64 7.77 12.45
N LYS D 548 15.50 8.95 11.86
CA LYS D 548 16.62 9.83 11.59
C LYS D 548 16.66 10.95 12.63
N LEU D 549 17.77 11.03 13.37
CA LEU D 549 17.95 12.07 14.36
C LEU D 549 19.45 12.19 14.64
N SER D 550 19.87 13.38 15.06
CA SER D 550 21.28 13.68 15.27
C SER D 550 21.62 13.61 16.76
N TYR D 551 22.59 12.78 17.11
CA TYR D 551 23.05 12.63 18.49
C TYR D 551 24.35 13.38 18.74
N LYS D 552 24.51 14.55 18.12
CA LYS D 552 25.78 15.26 18.21
C LYS D 552 26.08 15.73 19.62
N ASN D 553 25.05 16.02 20.42
CA ASN D 553 25.25 16.54 21.76
C ASN D 553 25.78 15.51 22.75
N LEU D 554 25.89 14.25 22.35
CA LEU D 554 26.33 13.18 23.23
C LEU D 554 27.81 12.85 23.08
N ASN D 555 28.50 13.47 22.12
CA ASN D 555 29.89 13.15 21.86
C ASN D 555 30.77 13.51 23.05
N ASP D 556 32.04 13.08 22.98
CA ASP D 556 32.96 13.20 24.10
C ASP D 556 33.75 14.50 24.08
N ASP D 557 33.68 15.29 23.01
CA ASP D 557 34.40 16.55 22.98
C ASP D 557 33.76 17.58 23.91
N LYS D 558 32.46 17.49 24.12
CA LYS D 558 31.77 18.34 25.09
C LYS D 558 31.60 17.60 26.42
N ASP D 559 32.74 17.28 27.03
CA ASP D 559 32.78 16.65 28.35
C ASP D 559 32.97 17.66 29.46
N PHE D 560 33.35 18.90 29.15
CA PHE D 560 33.42 19.95 30.16
C PHE D 560 32.05 20.25 30.74
N PHE D 561 30.99 20.00 29.98
CA PHE D 561 29.63 20.37 30.37
C PHE D 561 29.09 19.26 31.28
N ASP D 562 29.53 19.31 32.53
CA ASP D 562 29.20 18.29 33.53
C ASP D 562 28.33 18.91 34.62
N LYS D 563 27.56 18.05 35.30
CA LYS D 563 26.61 18.53 36.29
C LYS D 563 27.24 18.77 37.65
N ARG D 564 28.32 18.05 37.96
CA ARG D 564 28.91 18.11 39.29
C ARG D 564 29.87 19.28 39.49
N ILE D 565 30.15 20.06 38.45
CA ILE D 565 31.08 21.17 38.61
C ILE D 565 30.43 22.35 39.29
N LYS D 566 29.14 22.57 39.05
CA LYS D 566 28.33 23.65 39.64
C LYS D 566 29.11 24.96 39.69
N MET D 567 29.51 25.42 38.52
CA MET D 567 30.25 26.68 38.41
C MET D 567 29.70 27.54 37.27
N ASP D 568 28.43 27.35 36.90
CA ASP D 568 27.76 28.13 35.86
C ASP D 568 28.53 28.00 34.53
N LEU D 569 28.54 26.77 34.03
CA LEU D 569 29.33 26.41 32.85
C LEU D 569 28.85 27.05 31.56
N THR D 570 27.81 27.89 31.61
CA THR D 570 27.42 28.61 30.40
C THR D 570 28.41 29.73 30.07
N LYS D 571 29.05 30.29 31.08
CA LYS D 571 30.10 31.30 30.87
C LYS D 571 31.48 30.63 30.90
N HIS D 572 31.64 29.66 30.02
CA HIS D 572 32.87 28.88 29.92
C HIS D 572 33.61 29.23 28.63
N GLU D 573 34.91 28.93 28.63
CA GLU D 573 35.75 29.28 27.49
C GLU D 573 35.46 28.43 26.26
N LYS D 574 34.90 27.24 26.43
CA LYS D 574 34.64 26.33 25.33
C LYS D 574 33.18 26.30 24.91
N PHE D 575 32.30 27.03 25.59
CA PHE D 575 30.87 26.96 25.34
C PHE D 575 30.50 27.95 24.25
N ASP D 576 30.07 27.41 23.09
CA ASP D 576 29.57 28.22 21.99
C ASP D 576 28.21 27.69 21.60
N ILE D 577 27.16 28.48 21.86
CA ILE D 577 25.79 28.03 21.71
C ILE D 577 25.44 27.68 20.26
N ASN D 578 26.30 28.01 19.31
CA ASN D 578 26.07 27.63 17.92
C ASN D 578 26.59 26.24 17.59
N ASP D 579 27.21 25.55 18.55
CA ASP D 579 27.72 24.21 18.34
C ASP D 579 26.71 23.12 18.68
N TRP D 580 25.73 23.43 19.52
CA TRP D 580 24.75 22.45 19.97
C TRP D 580 23.64 22.33 18.93
N GLU D 581 23.37 21.12 18.48
CA GLU D 581 22.42 20.86 17.42
C GLU D 581 21.01 20.69 18.00
N ILE D 582 20.02 21.21 17.27
CA ILE D 582 18.63 21.17 17.68
C ILE D 582 17.87 20.39 16.61
N GLY D 583 17.46 19.18 16.93
CA GLY D 583 16.74 18.36 15.98
C GLY D 583 15.31 18.84 15.77
N THR D 584 14.66 18.27 14.76
CA THR D 584 13.30 18.63 14.42
C THR D 584 12.48 17.37 14.19
N ILE D 585 11.20 17.44 14.54
CA ILE D 585 10.26 16.34 14.36
C ILE D 585 8.95 16.93 13.84
N LYS D 586 8.45 16.40 12.73
CA LYS D 586 7.22 16.86 12.13
C LYS D 586 6.27 15.69 11.96
N ILE D 587 5.07 15.82 12.51
CA ILE D 587 4.07 14.76 12.52
C ILE D 587 2.86 15.23 11.72
N PRO D 588 2.51 14.58 10.61
CA PRO D 588 1.27 14.93 9.92
C PRO D 588 0.07 14.59 10.77
N LEU D 589 -0.94 15.47 10.73
CA LEU D 589 -2.09 15.34 11.61
C LEU D 589 -3.14 14.36 11.09
N GLY D 590 -3.26 14.19 9.78
CA GLY D 590 -4.19 13.25 9.21
C GLY D 590 -5.65 13.64 9.26
N GLN D 591 -6.01 14.69 10.01
CA GLN D 591 -7.38 15.17 10.08
C GLN D 591 -7.39 16.68 10.04
N PRO D 592 -8.32 17.29 9.29
CA PRO D 592 -8.35 18.74 9.19
C PRO D 592 -8.84 19.38 10.48
N ALA D 593 -8.63 20.69 10.57
CA ALA D 593 -9.07 21.43 11.74
C ALA D 593 -10.60 21.46 11.80
N PRO D 594 -11.16 21.53 13.01
CA PRO D 594 -12.62 21.57 13.14
C PRO D 594 -13.20 22.84 12.55
N GLU D 595 -14.46 22.74 12.11
CA GLU D 595 -15.13 23.85 11.44
C GLU D 595 -15.56 24.94 12.41
N THR D 596 -15.49 24.71 13.71
CA THR D 596 -15.87 25.71 14.69
C THR D 596 -14.69 26.62 15.01
N VAL D 597 -14.86 27.46 16.02
CA VAL D 597 -13.83 28.40 16.47
C VAL D 597 -13.63 28.19 17.97
N GLY D 598 -12.40 27.93 18.36
CA GLY D 598 -12.09 27.72 19.76
C GLY D 598 -10.75 27.03 19.92
N ASP D 599 -10.43 26.72 21.18
CA ASP D 599 -9.20 26.05 21.53
C ASP D 599 -9.47 24.56 21.73
N PHE D 600 -8.65 23.72 21.08
CA PHE D 600 -8.81 22.28 21.13
C PHE D 600 -7.48 21.65 21.54
N PHE D 601 -7.46 21.02 22.71
CA PHE D 601 -6.23 20.50 23.30
C PHE D 601 -5.95 19.08 22.81
N PHE D 602 -4.66 18.78 22.66
CA PHE D 602 -4.17 17.47 22.25
C PHE D 602 -3.14 16.98 23.26
N ARG D 603 -2.58 15.81 22.99
CA ARG D 603 -1.53 15.25 23.84
C ARG D 603 -0.59 14.44 22.97
N VAL D 604 0.69 14.83 22.95
CA VAL D 604 1.70 14.18 22.12
C VAL D 604 2.65 13.42 23.03
N ILE D 605 2.94 12.18 22.67
CA ILE D 605 3.82 11.30 23.44
C ILE D 605 4.88 10.76 22.50
N VAL D 606 6.15 11.00 22.81
CA VAL D 606 7.27 10.53 22.01
C VAL D 606 8.09 9.61 22.90
N LYS D 607 7.90 8.30 22.75
CA LYS D 607 8.58 7.30 23.55
C LYS D 607 9.64 6.59 22.71
N SER D 608 10.68 6.11 23.38
CA SER D 608 11.69 5.29 22.73
C SER D 608 11.23 3.84 22.70
N THR D 609 11.99 3.01 21.98
CA THR D 609 11.71 1.59 21.91
C THR D 609 12.90 0.72 22.28
N ASP D 610 14.00 1.31 22.75
CA ASP D 610 15.17 0.54 23.15
C ASP D 610 15.54 0.72 24.61
N TYR D 611 15.60 1.95 25.10
CA TYR D 611 16.07 2.24 26.45
C TYR D 611 14.91 2.62 27.34
N PHE D 612 15.25 3.02 28.57
CA PHE D 612 14.29 3.50 29.56
C PHE D 612 14.57 4.97 29.89
N THR D 613 14.78 5.77 28.86
CA THR D 613 15.22 7.15 29.03
C THR D 613 14.05 8.05 29.41
N THR D 614 14.28 9.37 29.36
CA THR D 614 13.26 10.36 29.64
C THR D 614 12.54 10.71 28.34
N ASP D 615 11.26 10.40 28.28
CA ASP D 615 10.46 10.60 27.09
C ASP D 615 9.73 11.94 27.16
N LEU D 616 8.93 12.24 26.13
CA LEU D 616 8.17 13.46 26.05
C LEU D 616 6.69 13.18 26.29
N ASP D 617 6.05 14.06 27.05
CA ASP D 617 4.60 13.98 27.27
C ASP D 617 4.14 15.42 27.47
N ILE D 618 3.66 16.05 26.40
CA ILE D 618 3.29 17.45 26.42
C ILE D 618 1.86 17.60 25.88
N THR D 619 1.20 18.68 26.29
CA THR D 619 -0.12 19.02 25.80
C THR D 619 -0.04 20.34 25.03
N MET D 620 -0.83 20.44 23.95
CA MET D 620 -0.83 21.63 23.13
C MET D 620 -2.20 21.79 22.50
N ASN D 621 -2.59 23.05 22.27
CA ASN D 621 -3.90 23.37 21.74
C ASN D 621 -3.75 24.17 20.45
N MET D 622 -4.63 23.88 19.48
CA MET D 622 -4.68 24.66 18.24
C MET D 622 -5.77 25.71 18.40
N LYS D 623 -5.39 26.97 18.22
CA LYS D 623 -6.32 28.09 18.38
C LYS D 623 -6.92 28.42 17.02
N VAL D 624 -7.98 27.69 16.68
CA VAL D 624 -8.75 27.97 15.46
C VAL D 624 -9.37 29.35 15.62
N ARG D 625 -8.94 30.31 14.79
CA ARG D 625 -9.32 31.69 14.99
C ARG D 625 -10.10 32.31 13.84
N ASP D 626 -10.01 31.76 12.62
CA ASP D 626 -10.72 32.30 11.46
C ASP D 626 -10.42 33.77 11.23
N ASN E 69 -17.64 -19.10 25.00
CA ASN E 69 -17.66 -17.91 25.85
C ASN E 69 -18.96 -17.13 25.68
N ASP E 70 -20.05 -17.68 26.21
CA ASP E 70 -21.35 -17.03 26.10
C ASP E 70 -22.30 -17.62 27.12
N ALA E 71 -23.44 -16.94 27.30
CA ALA E 71 -24.54 -17.41 28.14
C ALA E 71 -25.66 -18.02 27.30
N HIS E 72 -25.39 -18.33 26.04
CA HIS E 72 -26.39 -18.91 25.16
C HIS E 72 -26.61 -20.39 25.48
N ASP E 73 -25.53 -21.15 25.60
CA ASP E 73 -25.64 -22.58 25.86
C ASP E 73 -25.99 -22.89 27.30
N LEU E 74 -25.75 -21.96 28.23
CA LEU E 74 -26.08 -22.22 29.63
C LEU E 74 -27.58 -22.28 29.84
N TYR E 75 -28.34 -21.44 29.12
CA TYR E 75 -29.79 -21.52 29.19
C TYR E 75 -30.30 -22.85 28.67
N PHE E 76 -29.72 -23.34 27.57
CA PHE E 76 -30.13 -24.64 27.04
C PHE E 76 -29.78 -25.77 28.00
N GLN E 77 -28.64 -25.67 28.68
CA GLN E 77 -28.29 -26.66 29.68
C GLN E 77 -29.30 -26.66 30.83
N ILE E 78 -29.68 -25.47 31.30
CA ILE E 78 -30.68 -25.37 32.36
C ILE E 78 -32.02 -25.92 31.88
N LYS E 79 -32.34 -25.71 30.59
CA LYS E 79 -33.60 -26.21 30.05
C LYS E 79 -33.63 -27.73 30.01
N GLU E 80 -32.54 -28.36 29.55
CA GLU E 80 -32.48 -29.81 29.56
C GLU E 80 -32.47 -30.35 30.99
N MET E 81 -31.88 -29.62 31.93
CA MET E 81 -31.94 -30.02 33.33
C MET E 81 -33.36 -29.94 33.87
N SER E 82 -34.12 -28.92 33.45
CA SER E 82 -35.50 -28.78 33.90
C SER E 82 -36.39 -29.86 33.31
N GLU E 83 -36.10 -30.27 32.07
CA GLU E 83 -36.89 -31.33 31.45
C GLU E 83 -36.74 -32.68 32.13
N ASN E 84 -35.79 -32.81 33.06
CA ASN E 84 -35.53 -34.09 33.72
C ASN E 84 -35.69 -34.03 35.24
N GLU E 85 -35.31 -32.93 35.88
CA GLU E 85 -35.21 -32.88 37.34
C GLU E 85 -36.28 -32.02 38.00
N LYS E 86 -37.15 -31.37 37.22
CA LYS E 86 -38.26 -30.57 37.75
C LYS E 86 -37.73 -29.46 38.66
N ILE E 87 -36.99 -28.55 38.04
CA ILE E 87 -36.52 -27.34 38.70
C ILE E 87 -37.64 -26.30 38.68
N HIS E 88 -37.48 -25.23 39.46
CA HIS E 88 -38.49 -24.19 39.53
C HIS E 88 -38.65 -23.50 38.18
N GLU E 89 -39.67 -22.65 38.09
CA GLU E 89 -40.01 -21.98 36.84
C GLU E 89 -39.29 -20.65 36.65
N LYS E 90 -38.88 -19.99 37.72
CA LYS E 90 -38.25 -18.68 37.62
C LYS E 90 -36.78 -18.75 37.20
N VAL E 91 -36.14 -19.91 37.37
CA VAL E 91 -34.76 -20.05 36.92
C VAL E 91 -34.69 -19.97 35.39
N LEU E 92 -35.70 -20.51 34.71
CA LEU E 92 -35.77 -20.39 33.26
C LEU E 92 -35.89 -18.92 32.85
N LYS E 93 -36.76 -18.16 33.52
CA LYS E 93 -36.89 -16.75 33.21
C LYS E 93 -35.59 -16.00 33.48
N ALA E 94 -34.88 -16.36 34.55
CA ALA E 94 -33.61 -15.72 34.86
C ALA E 94 -32.59 -15.96 33.77
N ALA E 95 -32.44 -17.22 33.35
CA ALA E 95 -31.51 -17.54 32.27
C ALA E 95 -31.91 -16.85 30.97
N LEU E 96 -33.21 -16.75 30.71
CA LEU E 96 -33.69 -16.11 29.50
C LEU E 96 -33.36 -14.63 29.49
N LEU E 97 -33.60 -13.95 30.61
CA LEU E 97 -33.27 -12.53 30.72
C LEU E 97 -31.77 -12.32 30.58
N ASN E 98 -30.96 -13.22 31.13
CA ASN E 98 -29.52 -13.09 30.98
C ASN E 98 -29.10 -13.24 29.52
N ARG E 99 -29.69 -14.21 28.80
CA ARG E 99 -29.36 -14.36 27.39
C ARG E 99 -29.79 -13.14 26.58
N GLY E 100 -30.97 -12.59 26.89
CA GLY E 100 -31.41 -11.39 26.19
C GLY E 100 -30.48 -10.20 26.43
N ALA E 101 -30.07 -10.02 27.69
CA ALA E 101 -29.13 -8.94 27.99
C ALA E 101 -27.82 -9.10 27.26
N GLU E 102 -27.31 -10.34 27.20
CA GLU E 102 -26.05 -10.57 26.48
C GLU E 102 -26.20 -10.30 24.99
N SER E 103 -27.34 -10.68 24.41
CA SER E 103 -27.57 -10.41 22.99
C SER E 103 -27.62 -8.91 22.71
N VAL E 104 -28.31 -8.16 23.58
CA VAL E 104 -28.37 -6.71 23.42
C VAL E 104 -26.97 -6.10 23.51
N ARG E 105 -26.20 -6.54 24.50
CA ARG E 105 -24.84 -6.02 24.68
C ARG E 105 -23.99 -6.28 23.44
N ARG E 106 -24.06 -7.50 22.91
CA ARG E 106 -23.24 -7.83 21.75
C ARG E 106 -23.69 -7.05 20.52
N SER E 107 -25.00 -6.83 20.37
CA SER E 107 -25.47 -6.04 19.24
C SER E 107 -24.94 -4.61 19.30
N LEU E 108 -25.02 -3.98 20.48
CA LEU E 108 -24.47 -2.63 20.61
C LEU E 108 -22.97 -2.62 20.38
N LYS E 109 -22.26 -3.64 20.86
CA LYS E 109 -20.81 -3.71 20.67
C LYS E 109 -20.46 -3.76 19.18
N LEU E 110 -21.15 -4.60 18.42
CA LEU E 110 -20.88 -4.68 16.99
C LEU E 110 -21.24 -3.37 16.28
N LYS E 111 -22.36 -2.76 16.66
CA LYS E 111 -22.76 -1.51 16.05
C LYS E 111 -21.74 -0.40 16.32
N GLU E 112 -21.06 -0.47 17.45
CA GLU E 112 -20.03 0.53 17.76
C GLU E 112 -18.66 0.18 17.17
N LEU E 113 -18.40 -1.10 16.90
CA LEU E 113 -17.10 -1.51 16.38
C LEU E 113 -17.02 -1.56 14.86
N ALA E 114 -18.16 -1.55 14.16
CA ALA E 114 -18.14 -1.67 12.70
C ALA E 114 -17.23 -0.67 11.99
N PRO E 115 -17.27 0.64 12.26
CA PRO E 115 -16.44 1.55 11.45
C PRO E 115 -14.95 1.36 11.60
N GLN E 116 -14.48 1.03 12.81
CA GLN E 116 -13.05 0.84 13.01
C GLN E 116 -12.56 -0.40 12.26
N ILE E 117 -13.34 -1.48 12.28
CA ILE E 117 -12.99 -2.66 11.49
C ILE E 117 -12.99 -2.33 10.01
N ASN E 118 -13.98 -1.54 9.56
CA ASN E 118 -14.02 -1.15 8.15
C ASN E 118 -12.78 -0.37 7.75
N LEU E 119 -12.34 0.54 8.62
CA LEU E 119 -11.16 1.34 8.30
C LEU E 119 -9.89 0.48 8.32
N LEU E 120 -9.77 -0.42 9.30
CA LEU E 120 -8.62 -1.32 9.33
C LEU E 120 -8.58 -2.20 8.08
N TYR E 121 -9.75 -2.59 7.57
CA TYR E 121 -9.80 -3.40 6.36
C TYR E 121 -9.42 -2.59 5.13
N LYS E 122 -9.95 -1.36 5.02
CA LYS E 122 -9.63 -0.52 3.87
C LYS E 122 -8.15 -0.18 3.83
N ASN E 123 -7.53 0.04 4.99
CA ASN E 123 -6.11 0.33 5.03
C ASN E 123 -5.26 -0.90 4.71
N GLY E 124 -5.86 -2.09 4.72
CA GLY E 124 -5.12 -3.30 4.41
C GLY E 124 -4.27 -3.78 5.57
N SER E 125 -4.89 -3.97 6.72
CA SER E 125 -4.15 -4.39 7.91
C SER E 125 -4.86 -5.50 8.69
N ILE E 126 -5.91 -6.09 8.14
CA ILE E 126 -6.66 -7.11 8.87
C ILE E 126 -6.89 -8.38 8.06
N GLY E 127 -6.79 -8.37 6.73
CA GLY E 127 -7.04 -9.55 5.94
C GLY E 127 -8.37 -9.49 5.21
N GLU E 128 -8.68 -10.58 4.53
CA GLU E 128 -9.87 -10.67 3.69
C GLU E 128 -10.95 -11.58 4.24
N ASP E 129 -10.58 -12.59 5.03
CA ASP E 129 -11.55 -13.53 5.60
C ASP E 129 -12.20 -12.98 6.86
N TYR E 130 -11.46 -12.21 7.66
CA TYR E 130 -12.03 -11.67 8.89
C TYR E 130 -13.17 -10.71 8.60
N TRP E 131 -13.10 -10.00 7.48
CA TRP E 131 -14.19 -9.08 7.14
C TRP E 131 -15.49 -9.85 6.87
N LYS E 132 -15.41 -10.93 6.09
CA LYS E 132 -16.58 -11.76 5.86
C LYS E 132 -17.08 -12.38 7.16
N ARG E 133 -16.16 -12.80 8.02
CA ARG E 133 -16.56 -13.39 9.30
C ARG E 133 -17.30 -12.37 10.16
N PHE E 134 -16.83 -11.13 10.19
CA PHE E 134 -17.51 -10.08 10.94
C PHE E 134 -18.89 -9.80 10.35
N GLU E 135 -18.98 -9.70 9.02
CA GLU E 135 -20.27 -9.44 8.39
C GLU E 135 -21.25 -10.57 8.65
N THR E 136 -20.76 -11.81 8.77
CA THR E 136 -21.64 -12.93 9.09
C THR E 136 -22.11 -12.86 10.54
N GLU E 137 -21.19 -12.56 11.46
CA GLU E 137 -21.57 -12.45 12.86
C GLU E 137 -22.60 -11.33 13.08
N VAL E 138 -22.54 -10.27 12.26
CA VAL E 138 -23.48 -9.17 12.40
C VAL E 138 -24.92 -9.66 12.32
N LYS E 139 -25.20 -10.54 11.37
CA LYS E 139 -26.55 -11.07 11.22
C LYS E 139 -26.81 -12.30 12.09
N LEU E 140 -25.75 -13.03 12.46
CA LEU E 140 -25.93 -14.12 13.41
C LEU E 140 -26.45 -13.60 14.75
N ILE E 141 -25.99 -12.43 15.16
CA ILE E 141 -26.47 -11.84 16.41
C ILE E 141 -27.96 -11.51 16.31
N GLU E 142 -28.39 -10.97 15.15
CA GLU E 142 -29.79 -10.66 14.96
C GLU E 142 -30.65 -11.91 14.97
N LEU E 143 -30.17 -12.99 14.34
CA LEU E 143 -30.90 -14.24 14.37
C LEU E 143 -31.03 -14.76 15.80
N GLU E 144 -29.96 -14.69 16.57
CA GLU E 144 -30.00 -15.13 17.96
C GLU E 144 -30.99 -14.31 18.77
N PHE E 145 -31.02 -12.99 18.54
CA PHE E 145 -31.96 -12.14 19.28
C PHE E 145 -33.40 -12.45 18.91
N LYS E 146 -33.66 -12.70 17.62
CA LYS E 146 -35.02 -13.06 17.20
C LYS E 146 -35.45 -14.39 17.82
N ASP E 147 -34.54 -15.37 17.87
CA ASP E 147 -34.87 -16.64 18.49
C ASP E 147 -35.15 -16.46 19.98
N THR E 148 -34.32 -15.66 20.66
CA THR E 148 -34.54 -15.40 22.08
C THR E 148 -35.90 -14.75 22.32
N LEU E 149 -36.28 -13.82 21.45
CA LEU E 149 -37.55 -13.12 21.64
C LEU E 149 -38.73 -14.05 21.37
N GLN E 150 -38.62 -14.92 20.36
CA GLN E 150 -39.63 -15.94 20.15
C GLN E 150 -39.77 -16.85 21.36
N GLU E 151 -38.64 -17.24 21.95
CA GLU E 151 -38.70 -18.09 23.15
C GLU E 151 -39.33 -17.35 24.31
N ALA E 152 -39.06 -16.05 24.42
CA ALA E 152 -39.70 -15.24 25.46
C ALA E 152 -41.20 -15.20 25.27
N GLU E 153 -41.65 -15.10 24.01
CA GLU E 153 -43.08 -15.19 23.72
C GLU E 153 -43.64 -16.54 24.13
N ARG E 154 -42.90 -17.62 23.83
CA ARG E 154 -43.38 -18.96 24.15
C ARG E 154 -43.49 -19.17 25.66
N LEU E 155 -42.56 -18.61 26.43
CA LEU E 155 -42.49 -18.93 27.86
C LEU E 155 -43.58 -18.22 28.65
N GLN E 156 -43.95 -16.99 28.28
CA GLN E 156 -44.96 -16.22 28.99
C GLN E 156 -45.88 -15.58 27.96
N PRO E 157 -47.20 -15.65 28.16
CA PRO E 157 -48.11 -15.01 27.21
C PRO E 157 -48.11 -13.50 27.37
N GLY E 158 -47.89 -12.80 26.25
CA GLY E 158 -47.89 -11.35 26.26
C GLY E 158 -46.79 -10.74 27.09
N TRP E 159 -45.55 -11.13 26.81
CA TRP E 159 -44.38 -10.64 27.54
C TRP E 159 -43.28 -10.30 26.57
N VAL E 160 -43.62 -9.60 25.49
CA VAL E 160 -42.66 -9.33 24.42
C VAL E 160 -42.39 -7.83 24.32
N GLN E 161 -43.36 -7.02 24.73
CA GLN E 161 -43.19 -5.57 24.68
C GLN E 161 -42.39 -5.04 25.86
N LEU E 162 -42.43 -5.73 27.00
CA LEU E 162 -41.72 -5.32 28.21
C LEU E 162 -40.40 -6.04 28.39
N PHE E 163 -40.30 -7.25 27.85
CA PHE E 163 -39.06 -8.03 27.93
C PHE E 163 -37.90 -7.25 27.34
N VAL E 164 -38.12 -6.54 26.23
CA VAL E 164 -37.04 -5.84 25.55
C VAL E 164 -36.46 -4.75 26.44
N MET E 165 -37.31 -3.94 27.05
CA MET E 165 -36.80 -2.87 27.90
C MET E 165 -36.20 -3.41 29.20
N VAL E 166 -36.76 -4.49 29.75
CA VAL E 166 -36.17 -5.11 30.93
C VAL E 166 -34.74 -5.56 30.64
N CYS E 167 -34.54 -6.23 29.50
CA CYS E 167 -33.18 -6.62 29.12
C CYS E 167 -32.30 -5.40 28.85
N LYS E 168 -32.85 -4.40 28.19
CA LYS E 168 -32.09 -3.18 27.90
C LYS E 168 -31.56 -2.54 29.17
N GLU E 169 -32.30 -2.64 30.28
CA GLU E 169 -31.83 -2.05 31.53
C GLU E 169 -30.89 -2.99 32.31
N ILE E 170 -31.20 -4.28 32.36
CA ILE E 170 -30.33 -5.19 33.11
C ILE E 170 -28.96 -5.26 32.47
N CYS E 171 -28.86 -5.06 31.15
CA CYS E 171 -27.55 -5.03 30.51
C CYS E 171 -26.65 -3.98 31.16
N PHE E 172 -27.09 -2.73 31.17
CA PHE E 172 -26.30 -1.65 31.75
C PHE E 172 -26.06 -1.87 33.24
N ASN E 173 -27.09 -2.32 33.96
CA ASN E 173 -26.93 -2.49 35.39
C ASN E 173 -25.86 -3.53 35.72
N GLN E 174 -25.87 -4.67 35.04
CA GLN E 174 -24.88 -5.70 35.36
C GLN E 174 -23.50 -5.33 34.83
N ALA E 175 -23.41 -4.56 33.73
CA ALA E 175 -22.11 -4.06 33.31
C ALA E 175 -21.50 -3.13 34.37
N LEU E 176 -22.32 -2.22 34.91
CA LEU E 176 -21.84 -1.35 35.98
C LEU E 176 -21.46 -2.16 37.22
N SER E 177 -22.23 -3.20 37.52
CA SER E 177 -21.92 -4.02 38.69
C SER E 177 -20.57 -4.72 38.53
N ARG E 178 -20.29 -5.26 37.35
CA ARG E 178 -18.99 -5.89 37.12
C ARG E 178 -17.86 -4.87 37.21
N ARG E 179 -18.07 -3.69 36.61
CA ARG E 179 -17.04 -2.65 36.68
C ARG E 179 -16.74 -2.27 38.12
N TYR E 180 -17.76 -2.22 38.97
CA TYR E 180 -17.53 -1.87 40.37
C TYR E 180 -16.90 -3.02 41.14
N GLN E 181 -17.24 -4.26 40.79
CA GLN E 181 -16.64 -5.41 41.48
C GLN E 181 -15.17 -5.55 41.16
N SER E 182 -14.73 -5.11 39.97
CA SER E 182 -13.36 -5.34 39.55
C SER E 182 -12.33 -4.53 40.34
N ILE E 183 -12.74 -3.56 41.16
CA ILE E 183 -11.75 -2.68 41.78
C ILE E 183 -10.98 -3.41 42.88
N LEU E 184 -11.58 -4.43 43.50
CA LEU E 184 -10.86 -5.16 44.55
C LEU E 184 -9.65 -5.88 43.97
N LYS E 185 -9.77 -6.42 42.75
CA LYS E 185 -8.64 -7.03 42.08
C LYS E 185 -7.73 -5.98 41.45
N ARG E 186 -8.30 -4.85 41.01
CA ARG E 186 -7.50 -3.76 40.46
C ARG E 186 -6.60 -3.12 41.52
N LYS E 187 -6.95 -3.24 42.79
CA LYS E 187 -6.22 -2.55 43.84
C LYS E 187 -4.90 -3.25 44.18
N GLU E 188 -4.80 -4.56 43.96
CA GLU E 188 -3.58 -5.27 44.31
C GLU E 188 -2.55 -5.29 43.18
N VAL E 189 -3.01 -5.20 41.93
CA VAL E 189 -2.08 -5.17 40.81
C VAL E 189 -1.21 -3.92 40.89
N CYS E 190 -1.79 -2.79 41.28
CA CYS E 190 -1.00 -1.57 41.39
C CYS E 190 -0.01 -1.65 42.54
N ILE E 191 -0.39 -2.30 43.64
CA ILE E 191 0.56 -2.54 44.73
C ILE E 191 1.74 -3.36 44.23
N LYS E 192 1.44 -4.46 43.53
CA LYS E 192 2.51 -5.32 43.03
C LYS E 192 3.39 -4.59 42.03
N GLU E 193 2.81 -3.70 41.22
CA GLU E 193 3.57 -3.04 40.17
C GLU E 193 4.39 -1.86 40.68
N TRP E 194 3.91 -1.15 41.70
CA TRP E 194 4.60 0.02 42.21
C TRP E 194 5.40 -0.26 43.48
N GLU E 195 5.35 -1.49 44.00
CA GLU E 195 6.13 -1.88 45.18
C GLU E 195 5.78 -1.00 46.39
N LEU E 196 4.48 -0.90 46.67
CA LEU E 196 4.02 -0.15 47.83
C LEU E 196 4.15 -0.97 49.10
N LYS E 197 4.42 -0.29 50.20
CA LYS E 197 4.51 -0.90 51.53
C LYS E 197 3.35 -0.34 52.34
N ILE E 198 2.21 -1.01 52.26
CA ILE E 198 0.98 -0.57 52.91
C ILE E 198 0.71 -1.46 54.12
N ASN E 199 0.67 -0.85 55.30
CA ASN E 199 0.32 -1.57 56.51
C ASN E 199 -1.20 -1.61 56.64
N ASN E 200 -1.70 -1.99 57.81
CA ASN E 200 -3.13 -1.92 58.06
C ASN E 200 -3.60 -0.47 58.00
N ASP E 201 -4.92 -0.30 57.86
CA ASP E 201 -5.59 0.99 57.74
C ASP E 201 -5.24 1.73 56.45
N GLY E 202 -4.62 1.05 55.49
CA GLY E 202 -4.36 1.64 54.19
C GLY E 202 -3.32 2.74 54.14
N ARG E 203 -2.60 2.97 55.24
CA ARG E 203 -1.59 4.02 55.25
C ARG E 203 -0.26 3.49 54.70
N LEU E 204 0.62 4.41 54.34
CA LEU E 204 1.93 4.08 53.84
C LEU E 204 2.96 4.13 54.96
N VAL E 205 3.91 3.19 54.92
CA VAL E 205 5.01 3.16 55.87
C VAL E 205 6.35 3.32 55.16
N ASN E 206 6.35 3.92 53.97
CA ASN E 206 7.54 4.15 53.17
C ASN E 206 8.31 2.85 52.90
N THR F 3 -20.36 -29.24 34.18
CA THR F 3 -21.71 -29.50 34.68
C THR F 3 -22.10 -28.48 35.74
N LEU F 4 -23.32 -28.61 36.24
CA LEU F 4 -23.84 -27.67 37.23
C LEU F 4 -25.01 -28.29 37.99
N GLU F 5 -24.96 -28.24 39.32
CA GLU F 5 -25.99 -28.82 40.16
C GLU F 5 -26.96 -27.75 40.63
N TYR F 6 -28.21 -28.15 40.86
CA TYR F 6 -29.28 -27.24 41.20
C TYR F 6 -29.79 -27.57 42.60
N ASN F 7 -29.69 -26.60 43.50
CA ASN F 7 -30.18 -26.79 44.85
C ASN F 7 -31.71 -26.77 44.87
N ALA F 8 -32.28 -27.31 45.94
CA ALA F 8 -33.73 -27.48 46.05
C ALA F 8 -34.36 -26.42 46.95
N ASN F 9 -33.86 -26.27 48.18
CA ASN F 9 -34.49 -25.35 49.12
C ASN F 9 -34.03 -23.91 48.90
N SER F 10 -32.77 -23.72 48.49
CA SER F 10 -32.25 -22.38 48.22
C SER F 10 -32.47 -21.95 46.78
N LYS F 11 -32.70 -22.89 45.87
CA LYS F 11 -32.95 -22.59 44.45
C LYS F 11 -31.78 -21.86 43.80
N LEU F 12 -30.57 -22.17 44.26
CA LEU F 12 -29.36 -21.58 43.70
C LEU F 12 -28.60 -22.61 42.88
N ILE F 13 -28.12 -22.20 41.72
CA ILE F 13 -27.37 -23.06 40.83
C ILE F 13 -25.88 -22.92 41.14
N THR F 14 -25.19 -24.05 41.28
CA THR F 14 -23.76 -24.07 41.54
C THR F 14 -23.10 -25.10 40.64
N ALA F 15 -21.95 -24.73 40.07
CA ALA F 15 -21.19 -25.62 39.21
C ALA F 15 -20.32 -26.53 40.08
N SER F 16 -20.59 -27.83 40.04
CA SER F 16 -19.87 -28.80 40.85
C SER F 16 -18.58 -29.29 40.20
N ASP F 17 -18.15 -28.67 39.10
CA ASP F 17 -16.94 -29.10 38.41
C ASP F 17 -15.71 -28.77 39.24
N ALA F 18 -14.60 -29.41 38.89
CA ALA F 18 -13.35 -29.19 39.61
C ALA F 18 -12.79 -27.80 39.33
N VAL F 19 -12.72 -27.43 38.05
CA VAL F 19 -12.26 -26.11 37.65
C VAL F 19 -13.22 -25.58 36.58
N VAL F 20 -13.52 -24.28 36.65
CA VAL F 20 -14.44 -23.63 35.72
C VAL F 20 -13.79 -22.36 35.22
N ALA F 21 -14.23 -21.92 34.03
CA ALA F 21 -13.74 -20.67 33.48
C ALA F 21 -14.30 -19.49 34.27
N LEU F 22 -13.90 -18.28 33.89
CA LEU F 22 -14.39 -17.09 34.57
C LEU F 22 -15.75 -16.66 34.03
N SER F 23 -15.95 -16.77 32.70
CA SER F 23 -17.22 -16.38 32.12
C SER F 23 -18.36 -17.24 32.65
N THR F 24 -18.13 -18.55 32.76
CA THR F 24 -19.17 -19.43 33.30
C THR F 24 -19.51 -19.06 34.73
N GLU F 25 -18.49 -18.75 35.54
CA GLU F 25 -18.75 -18.41 36.93
C GLU F 25 -19.51 -17.10 37.06
N THR F 26 -19.11 -16.06 36.32
CA THR F 26 -19.82 -14.79 36.41
C THR F 26 -21.24 -14.91 35.88
N ASN F 27 -21.46 -15.74 34.85
CA ASN F 27 -22.81 -15.93 34.34
C ASN F 27 -23.68 -16.67 35.35
N ILE F 28 -23.12 -17.67 36.03
CA ILE F 28 -23.89 -18.36 37.07
C ILE F 28 -24.23 -17.41 38.21
N ASP F 29 -23.30 -16.51 38.55
CA ASP F 29 -23.57 -15.53 39.59
C ASP F 29 -24.67 -14.57 39.17
N GLN F 30 -24.64 -14.12 37.92
CA GLN F 30 -25.68 -13.22 37.43
C GLN F 30 -27.04 -13.91 37.44
N ILE F 31 -27.08 -15.18 37.05
CA ILE F 31 -28.34 -15.93 37.06
C ILE F 31 -28.85 -16.10 38.48
N ASN F 32 -27.94 -16.32 39.44
CA ASN F 32 -28.35 -16.43 40.83
C ASN F 32 -28.92 -15.11 41.34
N VAL F 33 -28.31 -13.99 40.96
CA VAL F 33 -28.83 -12.68 41.36
C VAL F 33 -30.22 -12.45 40.79
N LEU F 34 -30.40 -12.74 39.49
CA LEU F 34 -31.70 -12.55 38.86
C LEU F 34 -32.75 -13.45 39.50
N THR F 35 -32.39 -14.68 39.84
CA THR F 35 -33.36 -15.58 40.48
C THR F 35 -33.73 -15.09 41.87
N THR F 36 -32.75 -14.64 42.66
CA THR F 36 -33.04 -14.14 43.99
C THR F 36 -33.89 -12.88 43.94
N SER F 37 -33.76 -12.09 42.88
CA SER F 37 -34.62 -10.92 42.73
C SER F 37 -36.03 -11.31 42.32
N LEU F 38 -36.15 -12.25 41.38
CA LEU F 38 -37.46 -12.67 40.89
C LEU F 38 -38.27 -13.38 41.96
N ILE F 39 -37.60 -14.14 42.84
CA ILE F 39 -38.31 -14.80 43.92
C ILE F 39 -38.94 -13.79 44.85
N GLY F 40 -38.25 -12.66 45.08
CA GLY F 40 -38.75 -11.64 45.96
C GLY F 40 -39.82 -10.77 45.35
N GLU F 41 -39.63 -10.35 44.11
CA GLU F 41 -40.63 -9.50 43.45
C GLU F 41 -41.83 -10.33 43.04
N THR F 42 -43.02 -9.88 43.43
CA THR F 42 -44.21 -10.72 43.30
C THR F 42 -44.85 -10.64 41.92
N ASN F 43 -45.08 -9.43 41.42
CA ASN F 43 -45.86 -9.27 40.19
C ASN F 43 -45.15 -9.90 39.01
N PRO F 44 -45.85 -10.71 38.20
CA PRO F 44 -45.17 -11.37 37.07
C PRO F 44 -44.70 -10.41 36.00
N ASN F 45 -45.45 -9.34 35.74
CA ASN F 45 -45.05 -8.34 34.74
C ASN F 45 -44.42 -7.16 35.48
N PHE F 46 -43.17 -7.35 35.89
CA PHE F 46 -42.48 -6.33 36.67
C PHE F 46 -42.09 -5.15 35.77
N THR F 47 -42.17 -3.95 36.34
CA THR F 47 -41.85 -2.73 35.62
C THR F 47 -40.49 -2.20 36.06
N PRO F 48 -39.75 -1.53 35.17
CA PRO F 48 -38.43 -0.99 35.55
C PRO F 48 -38.49 0.12 36.58
N GLN F 49 -39.67 0.41 37.12
CA GLN F 49 -39.80 1.44 38.14
C GLN F 49 -39.03 1.04 39.40
N PRO F 50 -38.24 1.94 39.99
CA PRO F 50 -37.48 1.57 41.18
C PRO F 50 -38.38 1.33 42.39
N ASN F 51 -37.81 0.66 43.38
CA ASN F 51 -38.52 0.38 44.62
C ASN F 51 -38.55 1.60 45.51
N GLU F 52 -39.22 1.47 46.65
CA GLU F 52 -39.38 2.58 47.59
C GLU F 52 -38.79 2.29 48.96
N ALA F 53 -39.10 1.12 49.54
CA ALA F 53 -38.59 0.81 50.87
C ALA F 53 -37.07 0.67 50.87
N LEU F 54 -36.52 0.07 49.81
CA LEU F 54 -35.07 -0.05 49.72
C LEU F 54 -34.40 1.31 49.63
N SER F 55 -34.97 2.22 48.83
CA SER F 55 -34.41 3.57 48.73
C SER F 55 -34.52 4.29 50.07
N LYS F 56 -35.62 4.09 50.79
CA LYS F 56 -35.77 4.70 52.11
C LYS F 56 -34.70 4.19 53.07
N MET F 57 -34.44 2.88 53.07
CA MET F 57 -33.42 2.33 53.95
C MET F 57 -32.03 2.83 53.58
N ILE F 58 -31.74 2.90 52.28
CA ILE F 58 -30.43 3.41 51.84
C ILE F 58 -30.25 4.86 52.28
N LYS F 59 -31.27 5.68 52.08
CA LYS F 59 -31.17 7.08 52.48
C LYS F 59 -31.02 7.22 53.98
N GLY F 60 -31.73 6.39 54.75
CA GLY F 60 -31.59 6.42 56.20
C GLY F 60 -30.19 6.05 56.65
N LEU F 61 -29.61 5.01 56.04
CA LEU F 61 -28.24 4.62 56.39
C LEU F 61 -27.26 5.72 56.03
N PHE F 62 -27.41 6.33 54.85
CA PHE F 62 -26.48 7.36 54.44
C PHE F 62 -26.62 8.60 55.33
N GLU F 63 -27.83 8.92 55.78
CA GLU F 63 -28.01 10.04 56.68
C GLU F 63 -27.40 9.75 58.05
N SER F 64 -27.58 8.53 58.55
CA SER F 64 -26.95 8.15 59.81
C SER F 64 -25.43 8.20 59.69
N GLY F 65 -24.89 7.92 58.51
CA GLY F 65 -23.46 8.03 58.32
C GLY F 65 -22.99 9.48 58.23
N MET F 66 -23.75 10.33 57.56
CA MET F 66 -23.38 11.73 57.43
C MET F 66 -23.53 12.47 58.75
N LYS F 67 -24.38 11.98 59.65
CA LYS F 67 -24.57 12.64 60.93
C LYS F 67 -23.28 12.64 61.75
N ASN F 68 -22.45 11.60 61.62
CA ASN F 68 -21.23 11.51 62.41
C ASN F 68 -20.19 12.56 62.02
N LEU F 69 -20.30 13.16 60.84
CA LEU F 69 -19.38 14.22 60.46
C LEU F 69 -19.60 15.47 61.31
N GLN F 70 -20.86 15.80 61.59
CA GLN F 70 -21.14 16.93 62.47
C GLN F 70 -20.66 16.64 63.89
N GLN F 71 -20.74 15.38 64.32
CA GLN F 71 -20.27 14.98 65.63
C GLN F 71 -18.77 14.74 65.66
N LYS F 72 -18.10 14.82 64.50
CA LYS F 72 -16.64 14.72 64.40
C LYS F 72 -16.13 13.32 64.75
N LYS F 73 -16.82 12.30 64.28
CA LYS F 73 -16.35 10.91 64.35
C LYS F 73 -16.12 10.44 62.92
N LEU F 74 -14.86 10.42 62.50
CA LEU F 74 -14.49 10.12 61.12
C LEU F 74 -14.21 8.64 60.87
N ASN F 75 -14.47 7.77 61.85
CA ASN F 75 -14.24 6.34 61.68
C ASN F 75 -15.52 5.57 61.39
N GLU F 76 -16.55 5.75 62.22
CA GLU F 76 -17.81 5.06 62.00
C GLU F 76 -18.63 5.68 60.87
N ALA F 77 -18.40 6.95 60.56
CA ALA F 77 -19.07 7.55 59.41
C ALA F 77 -18.69 6.84 58.13
N LEU F 78 -17.40 6.53 57.96
CA LEU F 78 -16.95 5.80 56.77
C LEU F 78 -17.54 4.40 56.74
N LYS F 79 -17.64 3.76 57.90
CA LYS F 79 -18.25 2.43 57.95
C LYS F 79 -19.72 2.49 57.54
N ASN F 80 -20.46 3.49 58.02
CA ASN F 80 -21.87 3.58 57.67
C ASN F 80 -22.05 3.88 56.18
N VAL F 81 -21.18 4.73 55.63
CA VAL F 81 -21.25 5.01 54.19
C VAL F 81 -20.94 3.76 53.38
N SER F 82 -19.95 2.97 53.82
CA SER F 82 -19.61 1.75 53.11
C SER F 82 -20.77 0.75 53.16
N LEU F 83 -21.42 0.62 54.32
CA LEU F 83 -22.59 -0.26 54.40
C LEU F 83 -23.72 0.23 53.51
N ALA F 84 -23.93 1.55 53.44
CA ALA F 84 -24.96 2.08 52.56
C ALA F 84 -24.68 1.74 51.11
N ILE F 85 -23.43 1.93 50.67
CA ILE F 85 -23.07 1.62 49.29
C ILE F 85 -23.21 0.12 49.03
N GLU F 86 -22.79 -0.71 49.99
CA GLU F 86 -22.89 -2.15 49.83
C GLU F 86 -24.35 -2.58 49.72
N MET F 87 -25.23 -2.01 50.54
CA MET F 87 -26.65 -2.35 50.46
C MET F 87 -27.25 -1.89 49.14
N ALA F 88 -26.84 -0.71 48.66
CA ALA F 88 -27.34 -0.22 47.37
C ALA F 88 -26.91 -1.12 46.23
N GLN F 89 -25.68 -1.65 46.30
CA GLN F 89 -25.18 -2.52 45.25
C GLN F 89 -25.67 -3.96 45.37
N ARG F 90 -26.12 -4.38 46.56
CA ARG F 90 -26.52 -5.75 46.79
C ARG F 90 -28.03 -5.95 46.67
N LYS F 91 -28.82 -5.19 47.43
CA LYS F 91 -30.25 -5.43 47.56
C LYS F 91 -31.08 -4.65 46.55
N ARG F 92 -30.52 -4.30 45.39
CA ARG F 92 -31.24 -3.58 44.36
C ARG F 92 -31.36 -4.45 43.12
N ALA F 93 -32.58 -4.60 42.62
CA ALA F 93 -32.83 -5.47 41.48
C ALA F 93 -32.18 -4.90 40.22
N PRO F 94 -31.75 -5.76 39.30
CA PRO F 94 -31.03 -5.26 38.11
C PRO F 94 -31.93 -4.52 37.13
N TRP F 95 -33.22 -4.83 37.06
CA TRP F 95 -34.08 -4.23 36.05
C TRP F 95 -34.56 -2.84 36.43
N GLU F 96 -34.13 -2.30 37.56
CA GLU F 96 -34.52 -0.95 37.93
C GLU F 96 -33.84 0.07 37.03
N ALA F 97 -34.37 1.28 37.03
CA ALA F 97 -33.92 2.30 36.10
C ALA F 97 -32.44 2.62 36.31
N PHE F 98 -31.67 2.60 35.22
CA PHE F 98 -30.24 2.85 35.32
C PHE F 98 -29.94 4.32 35.60
N ALA F 99 -30.67 5.22 34.94
CA ALA F 99 -30.50 6.65 35.15
C ALA F 99 -30.91 7.11 36.55
N ILE F 100 -31.57 6.25 37.32
CA ILE F 100 -31.83 6.51 38.72
C ILE F 100 -30.90 5.71 39.64
N GLN F 101 -30.33 4.60 39.15
CA GLN F 101 -29.45 3.77 39.97
C GLN F 101 -28.03 4.28 39.98
N LEU F 102 -27.59 4.97 38.93
CA LEU F 102 -26.21 5.46 38.83
C LEU F 102 -25.96 6.73 39.64
N PRO F 103 -26.81 7.77 39.55
CA PRO F 103 -26.51 9.01 40.27
C PRO F 103 -26.46 8.85 41.78
N GLU F 104 -27.27 7.96 42.37
CA GLU F 104 -27.18 7.73 43.80
C GLU F 104 -25.83 7.13 44.18
N LEU F 105 -25.34 6.19 43.36
CA LEU F 105 -24.01 5.63 43.60
C LEU F 105 -22.95 6.72 43.50
N HIS F 106 -23.05 7.60 42.50
CA HIS F 106 -22.11 8.70 42.40
C HIS F 106 -22.15 9.60 43.63
N PHE F 107 -23.35 9.96 44.08
CA PHE F 107 -23.51 10.88 45.20
C PHE F 107 -22.98 10.29 46.50
N MET F 108 -23.13 8.98 46.70
CA MET F 108 -22.58 8.38 47.91
C MET F 108 -21.08 8.16 47.80
N LEU F 109 -20.61 7.78 46.60
CA LEU F 109 -19.18 7.53 46.41
C LEU F 109 -18.37 8.81 46.55
N ARG F 110 -18.94 9.96 46.18
CA ARG F 110 -18.22 11.22 46.36
C ARG F 110 -17.95 11.51 47.83
N SER F 111 -18.95 11.31 48.69
CA SER F 111 -18.76 11.53 50.11
C SER F 111 -17.80 10.49 50.71
N LYS F 112 -17.91 9.23 50.25
CA LYS F 112 -16.96 8.23 50.73
C LYS F 112 -15.54 8.60 50.34
N ILE F 113 -15.36 9.14 49.13
CA ILE F 113 -14.04 9.56 48.68
C ILE F 113 -13.51 10.68 49.55
N ASP F 114 -14.35 11.69 49.81
CA ASP F 114 -13.93 12.80 50.65
C ASP F 114 -13.51 12.32 52.03
N LEU F 115 -14.29 11.40 52.61
CA LEU F 115 -13.99 10.91 53.95
C LEU F 115 -12.71 10.09 53.97
N CYS F 116 -12.51 9.22 52.96
CA CYS F 116 -11.29 8.43 52.90
C CYS F 116 -10.07 9.30 52.67
N LEU F 117 -10.21 10.39 51.92
CA LEU F 117 -9.09 11.29 51.67
C LEU F 117 -8.74 12.08 52.93
N ILE F 118 -9.75 12.53 53.67
CA ILE F 118 -9.47 13.24 54.91
C ILE F 118 -8.90 12.31 55.96
N LEU F 119 -9.31 11.04 55.96
CA LEU F 119 -8.88 10.12 57.01
C LEU F 119 -7.41 9.76 56.86
N GLY F 120 -6.98 9.42 55.65
CA GLY F 120 -5.58 9.10 55.43
C GLY F 120 -5.33 7.95 54.48
N LYS F 121 -6.39 7.28 54.04
CA LYS F 121 -6.29 6.17 53.11
C LYS F 121 -6.28 6.72 51.69
N HIS F 122 -5.18 6.49 50.96
CA HIS F 122 -5.02 7.08 49.63
C HIS F 122 -5.21 6.08 48.49
N LEU F 123 -4.92 4.80 48.70
CA LEU F 123 -5.07 3.84 47.61
C LEU F 123 -6.55 3.55 47.34
N GLU F 124 -7.34 3.36 48.40
CA GLU F 124 -8.78 3.16 48.24
C GLU F 124 -9.41 4.37 47.57
N ALA F 125 -9.03 5.57 48.00
CA ALA F 125 -9.55 6.78 47.37
C ALA F 125 -9.13 6.87 45.92
N LEU F 126 -7.88 6.51 45.61
CA LEU F 126 -7.43 6.55 44.22
C LEU F 126 -8.23 5.60 43.35
N GLN F 127 -8.50 4.40 43.85
CA GLN F 127 -9.27 3.45 43.06
C GLN F 127 -10.72 3.91 42.89
N ASP F 128 -11.29 4.53 43.92
CA ASP F 128 -12.64 5.07 43.79
C ASP F 128 -12.69 6.20 42.78
N LEU F 129 -11.70 7.10 42.81
CA LEU F 129 -11.61 8.16 41.79
C LEU F 129 -11.50 7.57 40.40
N ASP F 130 -10.67 6.53 40.24
CA ASP F 130 -10.49 5.94 38.92
C ASP F 130 -11.78 5.32 38.41
N PHE F 131 -12.51 4.60 39.28
CA PHE F 131 -13.80 4.04 38.86
C PHE F 131 -14.79 5.14 38.51
N LEU F 132 -14.88 6.17 39.36
CA LEU F 132 -15.84 7.25 39.15
C LEU F 132 -15.52 8.04 37.89
N LEU F 133 -14.25 8.10 37.49
CA LEU F 133 -13.87 8.81 36.29
C LEU F 133 -14.06 7.94 35.05
N GLY F 134 -13.83 6.64 35.16
CA GLY F 134 -14.01 5.76 34.02
C GLY F 134 -15.45 5.37 33.75
N THR F 135 -16.34 5.56 34.72
CA THR F 135 -17.75 5.25 34.51
C THR F 135 -18.55 6.41 33.95
N GLY F 136 -17.92 7.54 33.66
CA GLY F 136 -18.61 8.61 32.96
C GLY F 136 -18.80 9.91 33.71
N LEU F 137 -17.86 10.25 34.60
CA LEU F 137 -17.89 11.51 35.34
C LEU F 137 -16.54 12.17 35.22
N ILE F 138 -16.44 13.21 34.39
CA ILE F 138 -15.21 13.98 34.22
C ILE F 138 -15.51 15.42 34.65
N GLN F 139 -14.89 15.85 35.75
CA GLN F 139 -15.10 17.17 36.30
C GLN F 139 -13.79 17.64 36.91
N PRO F 140 -13.57 18.96 36.99
CA PRO F 140 -12.32 19.46 37.59
C PRO F 140 -12.19 19.13 39.06
N ASP F 141 -13.28 18.80 39.76
CA ASP F 141 -13.20 18.40 41.16
C ASP F 141 -12.75 16.95 41.33
N VAL F 142 -12.52 16.23 40.23
CA VAL F 142 -12.04 14.86 40.29
C VAL F 142 -10.54 14.78 40.07
N PHE F 143 -10.03 15.52 39.07
CA PHE F 143 -8.60 15.49 38.77
C PHE F 143 -7.77 16.11 39.89
N VAL F 144 -8.31 17.12 40.57
CA VAL F 144 -7.63 17.69 41.72
C VAL F 144 -7.32 16.60 42.75
N ARG F 145 -8.36 15.86 43.16
CA ARG F 145 -8.18 14.83 44.18
C ARG F 145 -7.33 13.68 43.67
N LYS F 146 -7.48 13.32 42.39
CA LYS F 146 -6.68 12.22 41.85
C LYS F 146 -5.20 12.56 41.84
N ALA F 147 -4.85 13.77 41.40
CA ALA F 147 -3.46 14.21 41.44
C ALA F 147 -2.98 14.34 42.88
N ASP F 148 -3.86 14.71 43.80
CA ASP F 148 -3.47 14.78 45.20
C ASP F 148 -3.06 13.41 45.71
N CYS F 149 -3.86 12.38 45.44
CA CYS F 149 -3.50 11.02 45.85
C CYS F 149 -2.22 10.56 45.18
N LEU F 150 -2.11 10.78 43.86
CA LEU F 150 -0.92 10.32 43.14
C LEU F 150 0.35 11.03 43.62
N LEU F 151 0.22 12.25 44.14
CA LEU F 151 1.36 12.90 44.76
C LEU F 151 1.63 12.35 46.16
N LYS F 152 0.57 12.01 46.89
CA LYS F 152 0.76 11.50 48.25
C LYS F 152 1.42 10.13 48.26
N LEU F 153 1.20 9.32 47.23
CA LEU F 153 1.86 8.03 47.14
C LEU F 153 2.94 8.01 46.05
N ARG F 154 3.49 9.17 45.71
CA ARG F 154 4.74 9.30 44.97
C ARG F 154 4.68 8.62 43.59
N GLN F 155 3.81 9.16 42.73
CA GLN F 155 3.78 8.79 41.31
C GLN F 155 3.68 10.10 40.54
N TRP F 156 4.81 10.57 40.01
CA TRP F 156 4.90 11.95 39.54
C TRP F 156 4.55 12.12 38.07
N GLU F 157 4.89 11.14 37.23
CA GLU F 157 4.50 11.23 35.82
C GLU F 157 2.99 11.17 35.67
N GLU F 158 2.35 10.24 36.38
CA GLU F 158 0.88 10.15 36.33
C GLU F 158 0.23 11.39 36.92
N ALA F 159 0.82 11.94 37.98
CA ALA F 159 0.28 13.16 38.58
C ALA F 159 0.35 14.32 37.60
N ARG F 160 1.48 14.45 36.91
CA ARG F 160 1.62 15.53 35.93
C ARG F 160 0.64 15.35 34.78
N ALA F 161 0.48 14.12 34.30
CA ALA F 161 -0.48 13.88 33.22
C ALA F 161 -1.90 14.19 33.66
N THR F 162 -2.25 13.84 34.90
CA THR F 162 -3.59 14.11 35.41
C THR F 162 -3.83 15.61 35.56
N CYS F 163 -2.84 16.34 36.07
CA CYS F 163 -2.97 17.79 36.17
C CYS F 163 -3.13 18.43 34.79
N GLU F 164 -2.38 17.93 33.81
CA GLU F 164 -2.49 18.48 32.46
C GLU F 164 -3.86 18.21 31.87
N ARG F 165 -4.40 17.00 32.05
CA ARG F 165 -5.73 16.71 31.51
C ARG F 165 -6.81 17.48 32.27
N GLY F 166 -6.58 17.78 33.55
CA GLY F 166 -7.54 18.58 34.28
C GLY F 166 -7.54 20.02 33.83
N LEU F 167 -6.35 20.57 33.54
CA LEU F 167 -6.26 21.92 33.01
C LEU F 167 -6.72 22.03 31.57
N ALA F 168 -6.70 20.92 30.82
CA ALA F 168 -7.22 20.95 29.46
C ALA F 168 -8.74 20.98 29.40
N LEU F 169 -9.42 20.90 30.52
CA LEU F 169 -10.88 21.00 30.58
C LEU F 169 -11.38 22.29 31.21
N ALA F 170 -10.76 22.74 32.30
CA ALA F 170 -11.10 24.00 32.95
C ALA F 170 -9.82 24.79 33.17
N PRO F 171 -9.37 25.53 32.15
CA PRO F 171 -8.09 26.24 32.25
C PRO F 171 -8.12 27.44 33.21
N GLU F 172 -9.28 27.76 33.79
CA GLU F 172 -9.38 28.89 34.72
C GLU F 172 -9.29 28.46 36.17
N ASP F 173 -8.91 27.21 36.44
CA ASP F 173 -8.87 26.72 37.81
C ASP F 173 -7.64 27.23 38.54
N MET F 174 -7.78 27.45 39.84
CA MET F 174 -6.72 28.01 40.67
C MET F 174 -6.01 26.97 41.52
N LYS F 175 -6.56 25.77 41.64
CA LYS F 175 -5.92 24.71 42.42
C LYS F 175 -5.09 23.78 41.55
N LEU F 176 -5.56 23.50 40.33
CA LEU F 176 -4.79 22.66 39.42
C LEU F 176 -3.47 23.30 39.05
N ARG F 177 -3.41 24.64 39.01
CA ARG F 177 -2.14 25.30 38.71
C ARG F 177 -1.14 25.11 39.85
N ALA F 178 -1.59 25.22 41.10
CA ALA F 178 -0.70 24.97 42.23
C ALA F 178 -0.25 23.52 42.25
N LEU F 179 -1.17 22.60 41.95
CA LEU F 179 -0.79 21.18 41.87
C LEU F 179 0.24 20.95 40.77
N LEU F 180 0.10 21.63 39.64
CA LEU F 180 1.06 21.46 38.55
C LEU F 180 2.42 22.03 38.94
N ILE F 181 2.44 23.16 39.65
CA ILE F 181 3.70 23.72 40.13
C ILE F 181 4.39 22.74 41.07
N GLU F 182 3.63 22.19 42.02
CA GLU F 182 4.22 21.26 42.98
C GLU F 182 4.71 19.99 42.29
N THR F 183 3.95 19.49 41.32
CA THR F 183 4.37 18.31 40.58
C THR F 183 5.64 18.56 39.80
N ALA F 184 5.74 19.73 39.15
CA ALA F 184 6.95 20.04 38.40
C ALA F 184 8.15 20.16 39.33
N ARG F 185 7.98 20.75 40.51
CA ARG F 185 9.08 20.84 41.46
C ARG F 185 9.53 19.47 41.92
N ASN F 186 8.58 18.62 42.31
CA ASN F 186 8.93 17.28 42.78
C ASN F 186 9.61 16.47 41.68
N LEU F 187 9.14 16.60 40.44
CA LEU F 187 9.74 15.85 39.35
C LEU F 187 11.12 16.37 39.00
N ALA F 188 11.34 17.68 39.08
CA ALA F 188 12.67 18.23 38.83
C ALA F 188 13.65 17.83 39.92
N GLU F 189 13.17 17.63 41.16
CA GLU F 189 14.04 17.11 42.20
C GLU F 189 14.26 15.60 42.01
N TYR F 190 13.29 14.92 41.41
CA TYR F 190 13.39 13.49 41.17
C TYR F 190 14.39 13.16 40.07
N ASN F 191 14.42 13.95 39.00
CA ASN F 191 15.36 13.71 37.91
C ASN F 191 16.75 14.28 38.17
N GLY F 192 16.85 15.37 38.91
CA GLY F 192 18.12 16.00 39.14
C GLY F 192 18.73 15.67 40.48
N UNK G 1 -42.73 -2.60 -22.52
CA UNK G 1 -42.63 -3.88 -21.81
C UNK G 1 -41.24 -4.50 -22.01
N UNK G 2 -40.91 -5.47 -21.15
CA UNK G 2 -39.63 -6.15 -21.29
C UNK G 2 -39.56 -6.95 -22.58
N UNK G 3 -40.69 -7.47 -23.04
CA UNK G 3 -40.72 -8.18 -24.31
C UNK G 3 -40.41 -7.25 -25.46
N UNK G 4 -40.90 -6.00 -25.39
CA UNK G 4 -40.58 -5.02 -26.42
C UNK G 4 -39.09 -4.72 -26.44
N UNK G 5 -38.48 -4.59 -25.25
CA UNK G 5 -37.04 -4.34 -25.18
C UNK G 5 -36.25 -5.52 -25.73
N UNK G 6 -36.67 -6.74 -25.42
CA UNK G 6 -36.00 -7.92 -25.96
C UNK G 6 -36.11 -7.99 -27.47
N UNK G 7 -37.30 -7.67 -28.01
CA UNK G 7 -37.48 -7.66 -29.45
C UNK G 7 -36.62 -6.60 -30.11
N UNK G 8 -36.54 -5.42 -29.49
CA UNK G 8 -35.69 -4.35 -30.05
C UNK G 8 -34.22 -4.75 -30.02
N UNK G 9 -33.78 -5.39 -28.94
CA UNK G 9 -32.39 -5.85 -28.87
C UNK G 9 -32.11 -6.91 -29.93
N UNK G 10 -33.04 -7.84 -30.13
CA UNK G 10 -32.86 -8.87 -31.15
C UNK G 10 -32.82 -8.24 -32.54
N UNK G 11 -33.66 -7.24 -32.79
CA UNK G 11 -33.66 -6.57 -34.09
C UNK G 11 -32.36 -5.82 -34.33
N UNK G 12 -31.85 -5.15 -33.28
CA UNK G 12 -30.58 -4.44 -33.42
C UNK G 12 -29.43 -5.41 -33.67
N UNK G 13 -29.42 -6.54 -32.96
CA UNK G 13 -28.39 -7.54 -33.19
C UNK G 13 -28.48 -8.11 -34.61
N UNK G 14 -29.68 -8.35 -35.10
CA UNK G 14 -29.84 -8.86 -36.46
C UNK G 14 -29.37 -7.83 -37.49
N UNK G 15 -29.69 -6.55 -37.26
CA UNK G 15 -29.25 -5.50 -38.17
C UNK G 15 -27.73 -5.40 -38.19
N UNK G 16 -27.10 -5.47 -37.02
CA UNK G 16 -25.64 -5.40 -36.96
C UNK G 16 -25.00 -6.62 -37.63
N UNK G 17 -25.58 -7.80 -37.42
CA UNK G 17 -25.05 -9.01 -38.06
C UNK G 17 -25.20 -8.94 -39.57
N UNK G 18 -26.30 -8.38 -40.05
CA UNK G 18 -26.47 -8.21 -41.50
C UNK G 18 -25.48 -7.19 -42.05
N UNK G 19 -25.22 -6.13 -41.30
CA UNK G 19 -24.26 -5.13 -41.75
C UNK G 19 -22.83 -5.68 -41.74
N UNK G 20 -22.58 -6.66 -40.87
CA UNK G 20 -21.23 -7.25 -40.79
C UNK G 20 -20.88 -8.01 -42.06
N UNK G 21 -21.88 -8.54 -42.76
CA UNK G 21 -21.63 -9.31 -43.96
C UNK G 21 -21.00 -8.46 -45.06
N UNK G 22 -20.05 -9.04 -45.78
CA UNK G 22 -19.35 -8.34 -46.85
C UNK G 22 -19.89 -8.66 -48.24
N UNK G 23 -20.96 -9.44 -48.33
CA UNK G 23 -21.55 -9.83 -49.61
C UNK G 23 -22.93 -9.22 -49.73
N UNK G 24 -23.14 -8.41 -50.76
CA UNK G 24 -24.42 -7.77 -51.01
C UNK G 24 -24.57 -7.47 -52.50
N UNK G 25 -25.82 -7.53 -52.98
CA UNK G 25 -26.09 -7.24 -54.38
C UNK G 25 -26.23 -5.75 -54.63
N UNK G 26 -26.75 -5.00 -53.65
CA UNK G 26 -26.90 -3.56 -53.80
C UNK G 26 -25.56 -2.85 -53.67
N UNK G 27 -24.46 -3.60 -53.62
CA UNK G 27 -23.11 -3.07 -53.46
C UNK G 27 -22.83 -1.89 -54.39
N UNK G 28 -23.21 -2.02 -55.67
CA UNK G 28 -22.99 -0.93 -56.61
C UNK G 28 -23.82 0.30 -56.24
N UNK G 29 -25.07 0.09 -55.84
CA UNK G 29 -25.93 1.21 -55.47
C UNK G 29 -25.41 1.93 -54.24
N UNK G 30 -24.95 1.18 -53.24
CA UNK G 30 -24.38 1.81 -52.05
C UNK G 30 -23.06 2.50 -52.35
N UNK G 31 -22.26 1.91 -53.25
CA UNK G 31 -21.00 2.53 -53.65
C UNK G 31 -21.25 3.84 -54.38
N UNK G 32 -22.31 3.91 -55.18
CA UNK G 32 -22.65 5.16 -55.85
C UNK G 32 -22.98 6.26 -54.84
N UNK G 33 -23.77 5.92 -53.81
CA UNK G 33 -24.11 6.89 -52.78
C UNK G 33 -22.88 7.32 -51.99
N UNK G 34 -21.99 6.36 -51.69
CA UNK G 34 -20.76 6.69 -50.99
C UNK G 34 -19.89 7.62 -51.81
N UNK G 35 -19.79 7.37 -53.12
CA UNK G 35 -19.02 8.24 -53.99
C UNK G 35 -19.64 9.63 -54.08
N UNK G 36 -20.97 9.70 -54.12
CA UNK G 36 -21.65 11.00 -54.15
C UNK G 36 -21.38 11.77 -52.86
N UNK G 37 -21.42 11.10 -51.71
CA UNK G 37 -21.14 11.76 -50.44
C UNK G 37 -19.69 12.23 -50.39
N UNK G 38 -18.76 11.40 -50.88
CA UNK G 38 -17.36 11.81 -50.91
C UNK G 38 -17.15 13.00 -51.83
N UNK G 39 -17.87 13.03 -52.95
CA UNK G 39 -17.75 14.17 -53.86
C UNK G 39 -18.33 15.43 -53.24
N UNK G 40 -19.42 15.31 -52.47
CA UNK G 40 -19.96 16.46 -51.77
C UNK G 40 -19.00 16.98 -50.72
N UNK G 41 -18.37 16.06 -49.97
CA UNK G 41 -17.38 16.48 -48.98
C UNK G 41 -16.18 17.15 -49.65
N UNK G 42 -15.74 16.61 -50.79
CA UNK G 42 -14.61 17.20 -51.50
C UNK G 42 -14.98 18.58 -52.05
N UNK G 43 -16.22 18.75 -52.50
CA UNK G 43 -16.65 20.06 -52.97
C UNK G 43 -16.72 21.07 -51.82
N UNK G 44 -17.17 20.63 -50.64
CA UNK G 44 -17.16 21.50 -49.47
C UNK G 44 -15.73 21.89 -49.09
N UNK G 45 -14.81 20.93 -49.14
CA UNK G 45 -13.41 21.23 -48.82
C UNK G 45 -12.81 22.18 -49.84
N UNK G 46 -13.15 22.01 -51.13
CA UNK G 46 -12.64 22.91 -52.15
C UNK G 46 -13.21 24.31 -51.98
N UNK G 47 -14.48 24.42 -51.61
CA UNK G 47 -15.07 25.73 -51.35
C UNK G 47 -14.40 26.39 -50.15
N UNK G 48 -14.12 25.62 -49.10
CA UNK G 48 -13.41 26.17 -47.94
C UNK G 48 -12.00 26.64 -48.32
N UNK G 49 -11.31 25.86 -49.14
CA UNK G 49 -9.97 26.25 -49.58
C UNK G 49 -10.02 27.52 -50.45
N UNK G 50 -11.04 27.62 -51.31
CA UNK G 50 -11.19 28.81 -52.13
C UNK G 50 -11.48 30.04 -51.28
N UNK G 51 -12.33 29.88 -50.26
CA UNK G 51 -12.60 31.00 -49.34
C UNK G 51 -11.35 31.40 -48.58
N UNK G 52 -10.55 30.41 -48.16
CA UNK G 52 -9.31 30.72 -47.46
C UNK G 52 -8.32 31.45 -48.36
N UNK G 53 -8.25 31.04 -49.63
CA UNK G 53 -7.36 31.72 -50.57
C UNK G 53 -7.83 33.13 -50.87
N UNK G 54 -9.15 33.32 -50.97
CA UNK G 54 -9.69 34.66 -51.20
C UNK G 54 -9.47 35.56 -50.00
N UNK G 55 -9.52 34.99 -48.79
CA UNK G 55 -9.24 35.77 -47.59
C UNK G 55 -7.79 36.23 -47.56
N UNK G 56 -6.87 35.39 -48.02
CA UNK G 56 -5.45 35.75 -48.07
C UNK G 56 -5.13 36.55 -49.31
#